data_1P3Y
# 
_entry.id   1P3Y 
# 
_audit_conform.dict_name       mmcif_pdbx.dic 
_audit_conform.dict_version    5.380 
_audit_conform.dict_location   http://mmcif.pdb.org/dictionaries/ascii/mmcif_pdbx.dic 
# 
loop_
_database_2.database_id 
_database_2.database_code 
_database_2.pdbx_database_accession 
_database_2.pdbx_DOI 
PDB   1P3Y         pdb_00001p3y 10.2210/pdb1p3y/pdb 
RCSB  RCSB018976   ?            ?                   
WWPDB D_1000018976 ?            ?                   
# 
_pdbx_database_status.status_code                     REL 
_pdbx_database_status.entry_id                        1P3Y 
_pdbx_database_status.recvd_initial_deposition_date   2003-04-19 
_pdbx_database_status.deposit_site                    RCSB 
_pdbx_database_status.process_site                    PDBJ 
_pdbx_database_status.status_code_sf                  REL 
_pdbx_database_status.SG_entry                        . 
_pdbx_database_status.pdb_format_compatible           Y 
_pdbx_database_status.status_code_mr                  ? 
_pdbx_database_status.status_code_cs                  ? 
_pdbx_database_status.status_code_nmr_data            ? 
_pdbx_database_status.methods_development_category    ? 
# 
loop_
_audit_author.name 
_audit_author.pdbx_ordinal 
'Blaesse, M.'     1 
'Kupke, T.'       2 
'Huber, R.'       3 
'Steinbacher, S.' 4 
# 
_citation.id                        primary 
_citation.title                     'Structure of MrsD, an FAD-binding protein of the HFCD family.' 
_citation.journal_abbrev            'Acta Crystallogr.,Sect.D' 
_citation.journal_volume            59 
_citation.page_first                1414 
_citation.page_last                 1421 
_citation.year                      2003 
_citation.journal_id_ASTM           ABCRE6 
_citation.country                   DK 
_citation.journal_id_ISSN           0907-4449 
_citation.journal_id_CSD            0766 
_citation.book_publisher            ? 
_citation.pdbx_database_id_PubMed   12876343 
_citation.pdbx_database_id_DOI      10.1107/S0907444903011831 
# 
loop_
_citation_author.citation_id 
_citation_author.name 
_citation_author.ordinal 
_citation_author.identifier_ORCID 
primary 'Blaesse, M.'     1 ? 
primary 'Kupke, T.'       2 ? 
primary 'Huber, R.'       3 ? 
primary 'Steinbacher, S.' 4 ? 
# 
_cell.entry_id           1P3Y 
_cell.length_a           191.769 
_cell.length_b           191.769 
_cell.length_c           191.769 
_cell.angle_alpha        90.00 
_cell.angle_beta         90.00 
_cell.angle_gamma        90.00 
_cell.Z_PDB              96 
_cell.pdbx_unique_axis   ? 
# 
_symmetry.entry_id                         1P3Y 
_symmetry.space_group_name_H-M             'F 4 3 2' 
_symmetry.pdbx_full_space_group_name_H-M   ? 
_symmetry.cell_setting                     ? 
_symmetry.Int_Tables_number                209 
# 
loop_
_entity.id 
_entity.type 
_entity.src_method 
_entity.pdbx_description 
_entity.formula_weight 
_entity.pdbx_number_of_molecules 
_entity.pdbx_ec 
_entity.pdbx_mutation 
_entity.pdbx_fragment 
_entity.details 
1 polymer     man 'MrsD protein'                21708.256 1  ? ? ? ? 
2 non-polymer syn 'FLAVIN-ADENINE DINUCLEOTIDE' 785.550   1  ? ? ? ? 
3 water       nat water                         18.015    64 ? ? ? ? 
# 
_entity_poly.entity_id                      1 
_entity_poly.type                           'polypeptide(L)' 
_entity_poly.nstd_linkage                   no 
_entity_poly.nstd_monomer                   no 
_entity_poly.pdbx_seq_one_letter_code       
;MSISILKDKKLLIGICGSISSVGISSYLLYFKSFFKEIRVVMTKTAEDLIPAHTVSYFCDHVYSEHGENGKRHSHVEIGR
WADIYCIIPATANILGQTANGVAMNLVATTVLAHPHNTIFFPNMNDLMWNKTVVSRNIEQLRKDGHIVIEPVEIMAFEIA
TGTRKPNRGLITPDKALLAIEKGFKERTKHPSLT
;
_entity_poly.pdbx_seq_one_letter_code_can   
;MSISILKDKKLLIGICGSISSVGISSYLLYFKSFFKEIRVVMTKTAEDLIPAHTVSYFCDHVYSEHGENGKRHSHVEIGR
WADIYCIIPATANILGQTANGVAMNLVATTVLAHPHNTIFFPNMNDLMWNKTVVSRNIEQLRKDGHIVIEPVEIMAFEIA
TGTRKPNRGLITPDKALLAIEKGFKERTKHPSLT
;
_entity_poly.pdbx_strand_id                 1 
_entity_poly.pdbx_target_identifier         ? 
# 
loop_
_entity_poly_seq.entity_id 
_entity_poly_seq.num 
_entity_poly_seq.mon_id 
_entity_poly_seq.hetero 
1 1   MET n 
1 2   SER n 
1 3   ILE n 
1 4   SER n 
1 5   ILE n 
1 6   LEU n 
1 7   LYS n 
1 8   ASP n 
1 9   LYS n 
1 10  LYS n 
1 11  LEU n 
1 12  LEU n 
1 13  ILE n 
1 14  GLY n 
1 15  ILE n 
1 16  CYS n 
1 17  GLY n 
1 18  SER n 
1 19  ILE n 
1 20  SER n 
1 21  SER n 
1 22  VAL n 
1 23  GLY n 
1 24  ILE n 
1 25  SER n 
1 26  SER n 
1 27  TYR n 
1 28  LEU n 
1 29  LEU n 
1 30  TYR n 
1 31  PHE n 
1 32  LYS n 
1 33  SER n 
1 34  PHE n 
1 35  PHE n 
1 36  LYS n 
1 37  GLU n 
1 38  ILE n 
1 39  ARG n 
1 40  VAL n 
1 41  VAL n 
1 42  MET n 
1 43  THR n 
1 44  LYS n 
1 45  THR n 
1 46  ALA n 
1 47  GLU n 
1 48  ASP n 
1 49  LEU n 
1 50  ILE n 
1 51  PRO n 
1 52  ALA n 
1 53  HIS n 
1 54  THR n 
1 55  VAL n 
1 56  SER n 
1 57  TYR n 
1 58  PHE n 
1 59  CYS n 
1 60  ASP n 
1 61  HIS n 
1 62  VAL n 
1 63  TYR n 
1 64  SER n 
1 65  GLU n 
1 66  HIS n 
1 67  GLY n 
1 68  GLU n 
1 69  ASN n 
1 70  GLY n 
1 71  LYS n 
1 72  ARG n 
1 73  HIS n 
1 74  SER n 
1 75  HIS n 
1 76  VAL n 
1 77  GLU n 
1 78  ILE n 
1 79  GLY n 
1 80  ARG n 
1 81  TRP n 
1 82  ALA n 
1 83  ASP n 
1 84  ILE n 
1 85  TYR n 
1 86  CYS n 
1 87  ILE n 
1 88  ILE n 
1 89  PRO n 
1 90  ALA n 
1 91  THR n 
1 92  ALA n 
1 93  ASN n 
1 94  ILE n 
1 95  LEU n 
1 96  GLY n 
1 97  GLN n 
1 98  THR n 
1 99  ALA n 
1 100 ASN n 
1 101 GLY n 
1 102 VAL n 
1 103 ALA n 
1 104 MET n 
1 105 ASN n 
1 106 LEU n 
1 107 VAL n 
1 108 ALA n 
1 109 THR n 
1 110 THR n 
1 111 VAL n 
1 112 LEU n 
1 113 ALA n 
1 114 HIS n 
1 115 PRO n 
1 116 HIS n 
1 117 ASN n 
1 118 THR n 
1 119 ILE n 
1 120 PHE n 
1 121 PHE n 
1 122 PRO n 
1 123 ASN n 
1 124 MET n 
1 125 ASN n 
1 126 ASP n 
1 127 LEU n 
1 128 MET n 
1 129 TRP n 
1 130 ASN n 
1 131 LYS n 
1 132 THR n 
1 133 VAL n 
1 134 VAL n 
1 135 SER n 
1 136 ARG n 
1 137 ASN n 
1 138 ILE n 
1 139 GLU n 
1 140 GLN n 
1 141 LEU n 
1 142 ARG n 
1 143 LYS n 
1 144 ASP n 
1 145 GLY n 
1 146 HIS n 
1 147 ILE n 
1 148 VAL n 
1 149 ILE n 
1 150 GLU n 
1 151 PRO n 
1 152 VAL n 
1 153 GLU n 
1 154 ILE n 
1 155 MET n 
1 156 ALA n 
1 157 PHE n 
1 158 GLU n 
1 159 ILE n 
1 160 ALA n 
1 161 THR n 
1 162 GLY n 
1 163 THR n 
1 164 ARG n 
1 165 LYS n 
1 166 PRO n 
1 167 ASN n 
1 168 ARG n 
1 169 GLY n 
1 170 LEU n 
1 171 ILE n 
1 172 THR n 
1 173 PRO n 
1 174 ASP n 
1 175 LYS n 
1 176 ALA n 
1 177 LEU n 
1 178 LEU n 
1 179 ALA n 
1 180 ILE n 
1 181 GLU n 
1 182 LYS n 
1 183 GLY n 
1 184 PHE n 
1 185 LYS n 
1 186 GLU n 
1 187 ARG n 
1 188 THR n 
1 189 LYS n 
1 190 HIS n 
1 191 PRO n 
1 192 SER n 
1 193 LEU n 
1 194 THR n 
# 
_entity_src_gen.entity_id                          1 
_entity_src_gen.pdbx_src_id                        1 
_entity_src_gen.pdbx_alt_source_flag               sample 
_entity_src_gen.pdbx_seq_type                      ? 
_entity_src_gen.pdbx_beg_seq_num                   ? 
_entity_src_gen.pdbx_end_seq_num                   ? 
_entity_src_gen.gene_src_common_name               ? 
_entity_src_gen.gene_src_genus                     Bacillus 
_entity_src_gen.pdbx_gene_src_gene                 mrsD 
_entity_src_gen.gene_src_species                   ? 
_entity_src_gen.gene_src_strain                    HIL-Y85/54728 
_entity_src_gen.gene_src_tissue                    ? 
_entity_src_gen.gene_src_tissue_fraction           ? 
_entity_src_gen.gene_src_details                   ? 
_entity_src_gen.pdbx_gene_src_fragment             ? 
_entity_src_gen.pdbx_gene_src_scientific_name      'Bacillus sp.' 
_entity_src_gen.pdbx_gene_src_ncbi_taxonomy_id     69002 
_entity_src_gen.pdbx_gene_src_variant              ? 
_entity_src_gen.pdbx_gene_src_cell_line            ? 
_entity_src_gen.pdbx_gene_src_atcc                 ? 
_entity_src_gen.pdbx_gene_src_organ                ? 
_entity_src_gen.pdbx_gene_src_organelle            ? 
_entity_src_gen.pdbx_gene_src_cell                 ? 
_entity_src_gen.pdbx_gene_src_cellular_location    ? 
_entity_src_gen.host_org_common_name               ? 
_entity_src_gen.pdbx_host_org_scientific_name      'Escherichia coli' 
_entity_src_gen.pdbx_host_org_ncbi_taxonomy_id     562 
_entity_src_gen.host_org_genus                     Escherichia 
_entity_src_gen.pdbx_host_org_gene                 ? 
_entity_src_gen.pdbx_host_org_organ                ? 
_entity_src_gen.host_org_species                   ? 
_entity_src_gen.pdbx_host_org_tissue               ? 
_entity_src_gen.pdbx_host_org_tissue_fraction      ? 
_entity_src_gen.pdbx_host_org_strain               M15 
_entity_src_gen.pdbx_host_org_variant              ? 
_entity_src_gen.pdbx_host_org_cell_line            ? 
_entity_src_gen.pdbx_host_org_atcc                 ? 
_entity_src_gen.pdbx_host_org_culture_collection   ? 
_entity_src_gen.pdbx_host_org_cell                 ? 
_entity_src_gen.pdbx_host_org_organelle            ? 
_entity_src_gen.pdbx_host_org_cellular_location    ? 
_entity_src_gen.pdbx_host_org_vector_type          plasmid 
_entity_src_gen.pdbx_host_org_vector               ? 
_entity_src_gen.host_org_details                   ? 
_entity_src_gen.expression_system_id               ? 
_entity_src_gen.plasmid_name                       pQE12 
_entity_src_gen.plasmid_details                    ? 
_entity_src_gen.pdbx_description                   ? 
# 
_struct_ref.id                         1 
_struct_ref.db_name                    UNP 
_struct_ref.db_code                    MRSD_BACSY 
_struct_ref.entity_id                  1 
_struct_ref.pdbx_seq_one_letter_code   
;MSISILKDKKLLIGICGSISSVGISSYLLYFKSFFKEIRVVMTKTAEDLIPAHTVSYFCDHVYSEHGENGKRHSHVEIGR
WADIYCIIPATANILGQTANGVAMNLVATTVLAHPHNTIFFPNMNDLMWNKTVVSRNIEQLRKDGHIVIEPVEIMAFEIA
TGTRKPNRGLITPDKALLAIEKGFKERTKHPSLT
;
_struct_ref.pdbx_align_begin           1 
_struct_ref.pdbx_db_accession          Q9RC23 
_struct_ref.pdbx_db_isoform            ? 
# 
_struct_ref_seq.align_id                      1 
_struct_ref_seq.ref_id                        1 
_struct_ref_seq.pdbx_PDB_id_code              1P3Y 
_struct_ref_seq.pdbx_strand_id                1 
_struct_ref_seq.seq_align_beg                 1 
_struct_ref_seq.pdbx_seq_align_beg_ins_code   ? 
_struct_ref_seq.seq_align_end                 194 
_struct_ref_seq.pdbx_seq_align_end_ins_code   ? 
_struct_ref_seq.pdbx_db_accession             Q9RC23 
_struct_ref_seq.db_align_beg                  1 
_struct_ref_seq.pdbx_db_align_beg_ins_code    ? 
_struct_ref_seq.db_align_end                  194 
_struct_ref_seq.pdbx_db_align_end_ins_code    ? 
_struct_ref_seq.pdbx_auth_seq_align_beg       1 
_struct_ref_seq.pdbx_auth_seq_align_end       194 
# 
loop_
_chem_comp.id 
_chem_comp.type 
_chem_comp.mon_nstd_flag 
_chem_comp.name 
_chem_comp.pdbx_synonyms 
_chem_comp.formula 
_chem_comp.formula_weight 
ALA 'L-peptide linking' y ALANINE                       ? 'C3 H7 N O2'        89.093  
ARG 'L-peptide linking' y ARGININE                      ? 'C6 H15 N4 O2 1'    175.209 
ASN 'L-peptide linking' y ASPARAGINE                    ? 'C4 H8 N2 O3'       132.118 
ASP 'L-peptide linking' y 'ASPARTIC ACID'               ? 'C4 H7 N O4'        133.103 
CYS 'L-peptide linking' y CYSTEINE                      ? 'C3 H7 N O2 S'      121.158 
FAD non-polymer         . 'FLAVIN-ADENINE DINUCLEOTIDE' ? 'C27 H33 N9 O15 P2' 785.550 
GLN 'L-peptide linking' y GLUTAMINE                     ? 'C5 H10 N2 O3'      146.144 
GLU 'L-peptide linking' y 'GLUTAMIC ACID'               ? 'C5 H9 N O4'        147.129 
GLY 'peptide linking'   y GLYCINE                       ? 'C2 H5 N O2'        75.067  
HIS 'L-peptide linking' y HISTIDINE                     ? 'C6 H10 N3 O2 1'    156.162 
HOH non-polymer         . WATER                         ? 'H2 O'              18.015  
ILE 'L-peptide linking' y ISOLEUCINE                    ? 'C6 H13 N O2'       131.173 
LEU 'L-peptide linking' y LEUCINE                       ? 'C6 H13 N O2'       131.173 
LYS 'L-peptide linking' y LYSINE                        ? 'C6 H15 N2 O2 1'    147.195 
MET 'L-peptide linking' y METHIONINE                    ? 'C5 H11 N O2 S'     149.211 
PHE 'L-peptide linking' y PHENYLALANINE                 ? 'C9 H11 N O2'       165.189 
PRO 'L-peptide linking' y PROLINE                       ? 'C5 H9 N O2'        115.130 
SER 'L-peptide linking' y SERINE                        ? 'C3 H7 N O3'        105.093 
THR 'L-peptide linking' y THREONINE                     ? 'C4 H9 N O3'        119.119 
TRP 'L-peptide linking' y TRYPTOPHAN                    ? 'C11 H12 N2 O2'     204.225 
TYR 'L-peptide linking' y TYROSINE                      ? 'C9 H11 N O3'       181.189 
VAL 'L-peptide linking' y VALINE                        ? 'C5 H11 N O2'       117.146 
# 
_exptl.entry_id          1P3Y 
_exptl.method            'X-RAY DIFFRACTION' 
_exptl.crystals_number   1 
# 
_exptl_crystal.id                    1 
_exptl_crystal.density_meas          ? 
_exptl_crystal.density_Matthews      3.59 
_exptl_crystal.density_percent_sol   65.48 
_exptl_crystal.description           ? 
# 
_exptl_crystal_grow.crystal_id      1 
_exptl_crystal_grow.method          'VAPOR DIFFUSION, SITTING DROP' 
_exptl_crystal_grow.temp            293 
_exptl_crystal_grow.temp_details    ? 
_exptl_crystal_grow.pH              9.1 
_exptl_crystal_grow.pdbx_details    'KNa tartrate, pH 9.1, VAPOR DIFFUSION, SITTING DROP, temperature 293K' 
_exptl_crystal_grow.pdbx_pH_range   . 
# 
_diffrn.id                     1 
_diffrn.ambient_temp           100 
_diffrn.ambient_temp_details   ? 
_diffrn.crystal_id             1 
# 
_diffrn_detector.diffrn_id              1 
_diffrn_detector.detector               CCD 
_diffrn_detector.type                   MARRESEARCH 
_diffrn_detector.pdbx_collection_date   2002-03-12 
_diffrn_detector.details                ? 
# 
_diffrn_radiation.diffrn_id                        1 
_diffrn_radiation.wavelength_id                    1 
_diffrn_radiation.pdbx_monochromatic_or_laue_m_l   M 
_diffrn_radiation.monochromator                    ? 
_diffrn_radiation.pdbx_diffrn_protocol             'SINGLE WAVELENGTH' 
_diffrn_radiation.pdbx_scattering_type             x-ray 
# 
_diffrn_radiation_wavelength.id           1 
_diffrn_radiation_wavelength.wavelength   1.05 
_diffrn_radiation_wavelength.wt           1.0 
# 
_diffrn_source.diffrn_id                   1 
_diffrn_source.source                      SYNCHROTRON 
_diffrn_source.type                        'MPG/DESY, HAMBURG BEAMLINE BW6' 
_diffrn_source.pdbx_synchrotron_site       'MPG/DESY, HAMBURG' 
_diffrn_source.pdbx_synchrotron_beamline   BW6 
_diffrn_source.pdbx_wavelength             ? 
_diffrn_source.pdbx_wavelength_list        1.05 
# 
_reflns.entry_id                     1P3Y 
_reflns.observed_criterion_sigma_F   0 
_reflns.observed_criterion_sigma_I   0 
_reflns.d_resolution_high            2.54 
_reflns.d_resolution_low             20 
_reflns.number_all                   10384 
_reflns.number_obs                   10384 
_reflns.percent_possible_obs         99.4 
_reflns.pdbx_Rmerge_I_obs            0.048 
_reflns.pdbx_Rsym_value              ? 
_reflns.pdbx_netI_over_sigmaI        24.2 
_reflns.B_iso_Wilson_estimate        ? 
_reflns.pdbx_redundancy              6.7 
_reflns.R_free_details               ? 
_reflns.limit_h_max                  ? 
_reflns.limit_h_min                  ? 
_reflns.limit_k_max                  ? 
_reflns.limit_k_min                  ? 
_reflns.limit_l_max                  ? 
_reflns.limit_l_min                  ? 
_reflns.observed_criterion_F_max     ? 
_reflns.observed_criterion_F_min     ? 
_reflns.pdbx_ordinal                 1 
_reflns.pdbx_diffrn_id               1 
# 
_reflns_shell.d_res_high             2.54 
_reflns_shell.d_res_low              2.68 
_reflns_shell.percent_possible_all   99.5 
_reflns_shell.Rmerge_I_obs           0.325 
_reflns_shell.pdbx_Rsym_value        ? 
_reflns_shell.meanI_over_sigI_obs    5.4 
_reflns_shell.pdbx_redundancy        6.8 
_reflns_shell.percent_possible_obs   ? 
_reflns_shell.number_unique_all      ? 
_reflns_shell.pdbx_ordinal           1 
_reflns_shell.pdbx_diffrn_id         1 
# 
_refine.entry_id                                 1P3Y 
_refine.ls_d_res_high                            2.54 
_refine.ls_d_res_low                             20.0 
_refine.pdbx_ls_sigma_F                          0 
_refine.pdbx_ls_sigma_I                          0 
_refine.ls_number_reflns_all                     10344 
_refine.ls_number_reflns_obs                     10344 
_refine.ls_number_reflns_R_free                  529 
_refine.ls_percent_reflns_obs                    99.4 
_refine.ls_R_factor_all                          ? 
_refine.ls_R_factor_obs                          0.222 
_refine.ls_R_factor_R_work                       0.2213 
_refine.ls_R_factor_R_free                       0.257 
_refine.ls_redundancy_reflns_obs                 ? 
_refine.pdbx_data_cutoff_high_absF               ? 
_refine.pdbx_data_cutoff_low_absF                ? 
_refine.ls_number_parameters                     ? 
_refine.ls_number_restraints                     ? 
_refine.ls_percent_reflns_R_free                 ? 
_refine.ls_R_factor_R_free_error                 ? 
_refine.ls_R_factor_R_free_error_details         ? 
_refine.pdbx_method_to_determine_struct          'MOLECULAR REPLACEMENT' 
_refine.pdbx_starting_model                      'PDB entry 1G5Q' 
_refine.pdbx_ls_cross_valid_method               THROUGHOUT 
_refine.pdbx_R_Free_selection_details            random 
_refine.pdbx_stereochem_target_val_spec_case     ? 
_refine.pdbx_stereochemistry_target_values       'Engh & Huber' 
_refine.solvent_model_details                    ? 
_refine.solvent_model_param_bsol                 ? 
_refine.solvent_model_param_ksol                 ? 
_refine.occupancy_max                            ? 
_refine.occupancy_min                            ? 
_refine.pdbx_isotropic_thermal_model             ? 
_refine.B_iso_mean                               ? 
_refine.aniso_B[1][1]                            ? 
_refine.aniso_B[1][2]                            ? 
_refine.aniso_B[1][3]                            ? 
_refine.aniso_B[2][2]                            ? 
_refine.aniso_B[2][3]                            ? 
_refine.aniso_B[3][3]                            ? 
_refine.details                                  ? 
_refine.B_iso_min                                ? 
_refine.B_iso_max                                ? 
_refine.correlation_coeff_Fo_to_Fc               ? 
_refine.correlation_coeff_Fo_to_Fc_free          ? 
_refine.pdbx_solvent_vdw_probe_radii             ? 
_refine.pdbx_solvent_ion_probe_radii             ? 
_refine.pdbx_solvent_shrinkage_radii             ? 
_refine.overall_SU_R_Cruickshank_DPI             ? 
_refine.overall_SU_R_free                        ? 
_refine.overall_SU_B                             ? 
_refine.overall_SU_ML                            ? 
_refine.pdbx_overall_ESU_R                       ? 
_refine.pdbx_overall_ESU_R_Free                  ? 
_refine.pdbx_data_cutoff_high_rms_absF           ? 
_refine.pdbx_refine_id                           'X-RAY DIFFRACTION' 
_refine.pdbx_diffrn_id                           1 
_refine.pdbx_TLS_residual_ADP_flag               ? 
_refine.pdbx_overall_phase_error                 ? 
_refine.pdbx_overall_SU_R_free_Cruickshank_DPI   ? 
_refine.pdbx_overall_SU_R_Blow_DPI               ? 
_refine.pdbx_overall_SU_R_free_Blow_DPI          ? 
# 
_refine_hist.pdbx_refine_id                   'X-RAY DIFFRACTION' 
_refine_hist.cycle_id                         LAST 
_refine_hist.pdbx_number_atoms_protein        1344 
_refine_hist.pdbx_number_atoms_nucleic_acid   0 
_refine_hist.pdbx_number_atoms_ligand         53 
_refine_hist.number_atoms_solvent             64 
_refine_hist.number_atoms_total               1461 
_refine_hist.d_res_high                       2.54 
_refine_hist.d_res_low                        20.0 
# 
loop_
_refine_ls_restr.type 
_refine_ls_restr.dev_ideal 
_refine_ls_restr.dev_ideal_target 
_refine_ls_restr.weight 
_refine_ls_restr.number 
_refine_ls_restr.pdbx_refine_id 
_refine_ls_restr.pdbx_restraint_function 
c_bond_d    0.0105 ? ? ? 'X-RAY DIFFRACTION' ? 
c_angle_deg 1.19   ? ? ? 'X-RAY DIFFRACTION' ? 
# 
_struct.entry_id                  1P3Y 
_struct.title                     'MrsD from Bacillus sp. HIL-Y85/54728' 
_struct.pdbx_model_details        ? 
_struct.pdbx_CASP_flag            ? 
_struct.pdbx_model_type_details   ? 
# 
_struct_keywords.entry_id        1P3Y 
_struct_keywords.pdbx_keywords   OXIDOREDUCTASE 
_struct_keywords.text            
'flavoprotein, FMN, Rossmann fold, HFCD family, oxdidative decarboxylation, cystein, lantibiotics, mersacidin, Oxidoreductase' 
# 
loop_
_struct_asym.id 
_struct_asym.pdbx_blank_PDB_chainid_flag 
_struct_asym.pdbx_modified 
_struct_asym.entity_id 
_struct_asym.details 
A N N 1 ? 
B N N 2 ? 
C N N 3 ? 
# 
_struct_biol.id   1 
# 
loop_
_struct_conf.conf_type_id 
_struct_conf.id 
_struct_conf.pdbx_PDB_helix_id 
_struct_conf.beg_label_comp_id 
_struct_conf.beg_label_asym_id 
_struct_conf.beg_label_seq_id 
_struct_conf.pdbx_beg_PDB_ins_code 
_struct_conf.end_label_comp_id 
_struct_conf.end_label_asym_id 
_struct_conf.end_label_seq_id 
_struct_conf.pdbx_end_PDB_ins_code 
_struct_conf.beg_auth_comp_id 
_struct_conf.beg_auth_asym_id 
_struct_conf.beg_auth_seq_id 
_struct_conf.end_auth_comp_id 
_struct_conf.end_auth_asym_id 
_struct_conf.end_auth_seq_id 
_struct_conf.pdbx_PDB_helix_class 
_struct_conf.details 
_struct_conf.pdbx_PDB_helix_length 
HELX_P HELX_P1  1  ILE A 5   ? ASP A 8   ? ILE 1 5   ASP 1 8   5 ? 4  
HELX_P HELX_P2  2  SER A 18  ? GLY A 23  ? SER 1 18  GLY 1 23  5 ? 6  
HELX_P HELX_P3  3  ILE A 24  ? SER A 33  ? ILE 1 24  SER 1 33  1 ? 10 
HELX_P HELX_P4  4  THR A 43  ? ILE A 50  ? THR 1 43  ILE 1 50  1 ? 8  
HELX_P HELX_P5  5  PRO A 51  ? SER A 56  ? PRO 1 51  SER 1 56  1 ? 6  
HELX_P HELX_P6  6  TYR A 57  ? CYS A 59  ? TYR 1 57  CYS 1 59  5 ? 3  
HELX_P HELX_P7  7  SER A 74  ? ALA A 82  ? SER 1 74  ALA 1 82  1 ? 9  
HELX_P HELX_P8  8  THR A 91  ? ASN A 100 ? THR 1 91  ASN 1 100 1 ? 10 
HELX_P HELX_P9  9  ASN A 105 ? HIS A 114 ? ASN 1 105 HIS 1 114 1 ? 10 
HELX_P HELX_P10 10 ASN A 125 ? ASN A 130 ? ASN 1 125 ASN 1 130 1 ? 6  
HELX_P HELX_P11 11 LYS A 131 ? GLY A 145 ? LYS 1 131 GLY 1 145 1 ? 15 
HELX_P HELX_P12 12 THR A 172 ? PHE A 184 ? THR 1 172 PHE 1 184 1 ? 13 
# 
_struct_conf_type.id          HELX_P 
_struct_conf_type.criteria    ? 
_struct_conf_type.reference   ? 
# 
_struct_mon_prot_cis.pdbx_id                1 
_struct_mon_prot_cis.label_comp_id          ILE 
_struct_mon_prot_cis.label_seq_id           88 
_struct_mon_prot_cis.label_asym_id          A 
_struct_mon_prot_cis.label_alt_id           . 
_struct_mon_prot_cis.pdbx_PDB_ins_code      ? 
_struct_mon_prot_cis.auth_comp_id           ILE 
_struct_mon_prot_cis.auth_seq_id            88 
_struct_mon_prot_cis.auth_asym_id           1 
_struct_mon_prot_cis.pdbx_label_comp_id_2   PRO 
_struct_mon_prot_cis.pdbx_label_seq_id_2    89 
_struct_mon_prot_cis.pdbx_label_asym_id_2   A 
_struct_mon_prot_cis.pdbx_PDB_ins_code_2    ? 
_struct_mon_prot_cis.pdbx_auth_comp_id_2    PRO 
_struct_mon_prot_cis.pdbx_auth_seq_id_2     89 
_struct_mon_prot_cis.pdbx_auth_asym_id_2    1 
_struct_mon_prot_cis.pdbx_PDB_model_num     1 
_struct_mon_prot_cis.pdbx_omega_angle       -0.13 
# 
_struct_sheet.id               A 
_struct_sheet.type             ? 
_struct_sheet.number_strands   6 
_struct_sheet.details          ? 
# 
loop_
_struct_sheet_order.sheet_id 
_struct_sheet_order.range_id_1 
_struct_sheet_order.range_id_2 
_struct_sheet_order.offset 
_struct_sheet_order.sense 
A 1 2 ? parallel 
A 2 3 ? parallel 
A 3 4 ? parallel 
A 4 5 ? parallel 
A 5 6 ? parallel 
# 
loop_
_struct_sheet_range.sheet_id 
_struct_sheet_range.id 
_struct_sheet_range.beg_label_comp_id 
_struct_sheet_range.beg_label_asym_id 
_struct_sheet_range.beg_label_seq_id 
_struct_sheet_range.pdbx_beg_PDB_ins_code 
_struct_sheet_range.end_label_comp_id 
_struct_sheet_range.end_label_asym_id 
_struct_sheet_range.end_label_seq_id 
_struct_sheet_range.pdbx_end_PDB_ins_code 
_struct_sheet_range.beg_auth_comp_id 
_struct_sheet_range.beg_auth_asym_id 
_struct_sheet_range.beg_auth_seq_id 
_struct_sheet_range.end_auth_comp_id 
_struct_sheet_range.end_auth_asym_id 
_struct_sheet_range.end_auth_seq_id 
A 1 HIS A 61  ? TYR A 63  ? HIS 1 61  TYR 1 63  
A 2 GLU A 37  ? MET A 42  ? GLU 1 37  MET 1 42  
A 3 LYS A 10  ? ILE A 15  ? LYS 1 10  ILE 1 15  
A 4 ILE A 84  ? ALA A 90  ? ILE 1 84  ALA 1 90  
A 5 ILE A 119 ? PRO A 122 ? ILE 1 119 PRO 1 122 
A 6 ILE A 147 ? VAL A 148 ? ILE 1 147 VAL 1 148 
# 
loop_
_pdbx_struct_sheet_hbond.sheet_id 
_pdbx_struct_sheet_hbond.range_id_1 
_pdbx_struct_sheet_hbond.range_id_2 
_pdbx_struct_sheet_hbond.range_1_label_atom_id 
_pdbx_struct_sheet_hbond.range_1_label_comp_id 
_pdbx_struct_sheet_hbond.range_1_label_asym_id 
_pdbx_struct_sheet_hbond.range_1_label_seq_id 
_pdbx_struct_sheet_hbond.range_1_PDB_ins_code 
_pdbx_struct_sheet_hbond.range_1_auth_atom_id 
_pdbx_struct_sheet_hbond.range_1_auth_comp_id 
_pdbx_struct_sheet_hbond.range_1_auth_asym_id 
_pdbx_struct_sheet_hbond.range_1_auth_seq_id 
_pdbx_struct_sheet_hbond.range_2_label_atom_id 
_pdbx_struct_sheet_hbond.range_2_label_comp_id 
_pdbx_struct_sheet_hbond.range_2_label_asym_id 
_pdbx_struct_sheet_hbond.range_2_label_seq_id 
_pdbx_struct_sheet_hbond.range_2_PDB_ins_code 
_pdbx_struct_sheet_hbond.range_2_auth_atom_id 
_pdbx_struct_sheet_hbond.range_2_auth_comp_id 
_pdbx_struct_sheet_hbond.range_2_auth_asym_id 
_pdbx_struct_sheet_hbond.range_2_auth_seq_id 
A 1 2 O TYR A 63  ? O TYR 1 63  N VAL A 40  ? N VAL 1 40  
A 2 3 O GLU A 37  ? O GLU 1 37  N LEU A 11  ? N LEU 1 11  
A 3 4 N LEU A 12  ? N LEU 1 12  O ILE A 84  ? O ILE 1 84  
A 4 5 N ILE A 87  ? N ILE 1 87  O PHE A 121 ? O PHE 1 121 
A 5 6 N PHE A 120 ? N PHE 1 120 O ILE A 147 ? O ILE 1 147 
# 
_struct_site.id                   AC1 
_struct_site.pdbx_evidence_code   Software 
_struct_site.pdbx_auth_asym_id    1 
_struct_site.pdbx_auth_comp_id    FAD 
_struct_site.pdbx_auth_seq_id     259 
_struct_site.pdbx_auth_ins_code   ? 
_struct_site.pdbx_num_residues    22 
_struct_site.details              'BINDING SITE FOR RESIDUE FAD 1 259' 
# 
loop_
_struct_site_gen.id 
_struct_site_gen.site_id 
_struct_site_gen.pdbx_num_res 
_struct_site_gen.label_comp_id 
_struct_site_gen.label_asym_id 
_struct_site_gen.label_seq_id 
_struct_site_gen.pdbx_auth_ins_code 
_struct_site_gen.auth_comp_id 
_struct_site_gen.auth_asym_id 
_struct_site_gen.auth_seq_id 
_struct_site_gen.label_atom_id 
_struct_site_gen.label_alt_id 
_struct_site_gen.symmetry 
_struct_site_gen.details 
1  AC1 22 GLY A 17  ? GLY 1 17  . ? 1_555  ? 
2  AC1 22 SER A 18  ? SER 1 18  . ? 1_555  ? 
3  AC1 22 THR A 43  ? THR 1 43  . ? 1_555  ? 
4  AC1 22 LYS A 44  ? LYS 1 44  . ? 1_555  ? 
5  AC1 22 THR A 45  ? THR 1 45  . ? 1_555  ? 
6  AC1 22 TYR A 57  ? TYR 1 57  . ? 28_555 ? 
7  AC1 22 GLU A 65  ? GLU 1 65  . ? 56_555 ? 
8  AC1 22 HIS A 75  ? HIS 1 75  . ? 56_555 ? 
9  AC1 22 THR A 91  ? THR 1 91  . ? 1_555  ? 
10 AC1 22 ALA A 92  ? ALA 1 92  . ? 1_555  ? 
11 AC1 22 ASN A 93  ? ASN 1 93  . ? 1_555  ? 
12 AC1 22 ALA A 103 ? ALA 1 103 . ? 56_555 ? 
13 AC1 22 MET A 104 ? MET 1 104 . ? 56_555 ? 
14 AC1 22 ASN A 105 ? ASN 1 105 . ? 1_555  ? 
15 AC1 22 THR A 109 ? THR 1 109 . ? 56_555 ? 
16 AC1 22 ASN A 123 ? ASN 1 123 . ? 1_555  ? 
17 AC1 22 MET A 124 ? MET 1 124 . ? 1_555  ? 
18 AC1 22 MET A 128 ? MET 1 128 . ? 1_555  ? 
19 AC1 22 HOH C .   ? HOH 1 266 . ? 1_555  ? 
20 AC1 22 HOH C .   ? HOH 1 277 . ? 1_555  ? 
21 AC1 22 HOH C .   ? HOH 1 285 . ? 1_555  ? 
22 AC1 22 HOH C .   ? HOH 1 323 . ? 1_555  ? 
# 
_atom_sites.entry_id                    1P3Y 
_atom_sites.fract_transf_matrix[1][1]   0.00120312 
_atom_sites.fract_transf_matrix[1][2]   -0.00467946 
_atom_sites.fract_transf_matrix[1][3]   -0.00196249 
_atom_sites.fract_transf_matrix[2][1]   0.00458222 
_atom_sites.fract_transf_matrix[2][2]   0.00186835 
_atom_sites.fract_transf_matrix[2][3]   -0.00164582 
_atom_sites.fract_transf_matrix[3][1]   0.00217990 
_atom_sites.fract_transf_matrix[3][2]   -0.00134467 
_atom_sites.fract_transf_matrix[3][3]   0.00454270 
_atom_sites.fract_transf_vector[1]      0.090197 
_atom_sites.fract_transf_vector[2]      0.223067 
_atom_sites.fract_transf_vector[3]      0.332906 
# 
loop_
_atom_type.symbol 
C 
N 
O 
P 
S 
# 
loop_
_atom_site.group_PDB 
_atom_site.id 
_atom_site.type_symbol 
_atom_site.label_atom_id 
_atom_site.label_alt_id 
_atom_site.label_comp_id 
_atom_site.label_asym_id 
_atom_site.label_entity_id 
_atom_site.label_seq_id 
_atom_site.pdbx_PDB_ins_code 
_atom_site.Cartn_x 
_atom_site.Cartn_y 
_atom_site.Cartn_z 
_atom_site.occupancy 
_atom_site.B_iso_or_equiv 
_atom_site.pdbx_formal_charge 
_atom_site.auth_seq_id 
_atom_site.auth_comp_id 
_atom_site.auth_asym_id 
_atom_site.auth_atom_id 
_atom_site.pdbx_PDB_model_num 
ATOM   1    N N     . ILE A 1 3   ? 7.598   16.309  10.019  1.00 85.08  ? 3   ILE 1 N     1 
ATOM   2    C CA    . ILE A 1 3   ? 7.517   15.963  8.564   1.00 85.71  ? 3   ILE 1 CA    1 
ATOM   3    C C     . ILE A 1 3   ? 8.900   15.764  7.953   1.00 87.21  ? 3   ILE 1 C     1 
ATOM   4    O O     . ILE A 1 3   ? 9.095   14.890  7.109   1.00 88.31  ? 3   ILE 1 O     1 
ATOM   5    C CB    . ILE A 1 3   ? 6.764   17.063  7.744   1.00 83.46  ? 3   ILE 1 CB    1 
ATOM   6    C CG1   . ILE A 1 3   ? 5.245   16.909  7.909   1.00 83.16  ? 3   ILE 1 CG1   1 
ATOM   7    C CG2   . ILE A 1 3   ? 7.131   16.975  6.274   1.00 79.69  ? 3   ILE 1 CG2   1 
ATOM   8    C CD1   . ILE A 1 3   ? 4.697   17.387  9.251   1.00 81.66  ? 3   ILE 1 CD1   1 
ATOM   9    N N     . SER A 1 4   ? 9.858   16.575  8.381   1.00 88.98  ? 4   SER 1 N     1 
ATOM   10   C CA    . SER A 1 4   ? 11.224  16.490  7.867   1.00 90.18  ? 4   SER 1 CA    1 
ATOM   11   C C     . SER A 1 4   ? 11.935  15.238  8.384   1.00 88.11  ? 4   SER 1 C     1 
ATOM   12   O O     . SER A 1 4   ? 13.062  14.932  7.985   1.00 86.60  ? 4   SER 1 O     1 
ATOM   13   C CB    . SER A 1 4   ? 12.009  17.746  8.269   1.00 94.19  ? 4   SER 1 CB    1 
ATOM   14   O OG    . SER A 1 4   ? 11.914  17.987  9.670   1.00 98.30  ? 4   SER 1 OG    1 
ATOM   15   N N     . ILE A 1 5   ? 11.267  14.524  9.282   1.00 84.89  ? 5   ILE 1 N     1 
ATOM   16   C CA    . ILE A 1 5   ? 11.820  13.305  9.855   1.00 85.24  ? 5   ILE 1 CA    1 
ATOM   17   C C     . ILE A 1 5   ? 11.811  12.171  8.820   1.00 83.87  ? 5   ILE 1 C     1 
ATOM   18   O O     . ILE A 1 5   ? 12.642  11.259  8.861   1.00 84.97  ? 5   ILE 1 O     1 
ATOM   19   C CB    . ILE A 1 5   ? 10.998  12.875  11.110  1.00 86.94  ? 5   ILE 1 CB    1 
ATOM   20   C CG1   . ILE A 1 5   ? 11.499  11.531  11.648  1.00 88.63  ? 5   ILE 1 CG1   1 
ATOM   21   C CG2   . ILE A 1 5   ? 9.517   12.794  10.765  1.00 85.41  ? 5   ILE 1 CG2   1 
ATOM   22   C CD1   . ILE A 1 5   ? 12.937  11.564  12.158  1.00 91.43  ? 5   ILE 1 CD1   1 
ATOM   23   N N     . LEU A 1 6   ? 10.870  12.249  7.886   1.00 80.01  ? 6   LEU 1 N     1 
ATOM   24   C CA    . LEU A 1 6   ? 10.719  11.239  6.848   1.00 76.17  ? 6   LEU 1 CA    1 
ATOM   25   C C     . LEU A 1 6   ? 11.824  11.294  5.786   1.00 78.29  ? 6   LEU 1 C     1 
ATOM   26   O O     . LEU A 1 6   ? 12.168  10.263  5.202   1.00 77.48  ? 6   LEU 1 O     1 
ATOM   27   C CB    . LEU A 1 6   ? 9.335   11.387  6.191   1.00 68.19  ? 6   LEU 1 CB    1 
ATOM   28   C CG    . LEU A 1 6   ? 8.141   11.369  7.167   1.00 65.51  ? 6   LEU 1 CG    1 
ATOM   29   C CD1   . LEU A 1 6   ? 6.839   11.692  6.447   1.00 61.35  ? 6   LEU 1 CD1   1 
ATOM   30   C CD2   . LEU A 1 6   ? 8.053   10.011  7.851   1.00 62.93  ? 6   LEU 1 CD2   1 
ATOM   31   N N     . LYS A 1 7   ? 12.381  12.486  5.551   1.00 79.26  ? 7   LYS 1 N     1 
ATOM   32   C CA    . LYS A 1 7   ? 13.432  12.683  4.547   1.00 76.63  ? 7   LYS 1 CA    1 
ATOM   33   C C     . LYS A 1 7   ? 14.525  11.617  4.612   1.00 75.16  ? 7   LYS 1 C     1 
ATOM   34   O O     . LYS A 1 7   ? 15.256  11.411  3.653   1.00 74.27  ? 7   LYS 1 O     1 
ATOM   35   C CB    . LYS A 1 7   ? 14.071  14.069  4.697   0.00 76.90  ? 7   LYS 1 CB    1 
ATOM   36   C CG    . LYS A 1 7   ? 14.972  14.223  5.915   0.00 76.87  ? 7   LYS 1 CG    1 
ATOM   37   C CD    . LYS A 1 7   ? 15.630  15.599  5.956   0.00 76.92  ? 7   LYS 1 CD    1 
ATOM   38   C CE    . LYS A 1 7   ? 16.596  15.802  4.795   0.00 76.90  ? 7   LYS 1 CE    1 
ATOM   39   N NZ    . LYS A 1 7   ? 17.735  14.843  4.838   0.00 76.87  ? 7   LYS 1 NZ    1 
ATOM   40   N N     . ASP A 1 8   ? 14.630  10.934  5.742   1.00 75.57  ? 8   ASP 1 N     1 
ATOM   41   C CA    . ASP A 1 8   ? 15.652  9.907   5.905   1.00 81.27  ? 8   ASP 1 CA    1 
ATOM   42   C C     . ASP A 1 8   ? 15.082  8.517   6.199   1.00 80.22  ? 8   ASP 1 C     1 
ATOM   43   O O     . ASP A 1 8   ? 15.712  7.694   6.874   1.00 79.30  ? 8   ASP 1 O     1 
ATOM   44   C CB    . ASP A 1 8   ? 16.628  10.330  7.014   1.00 88.75  ? 8   ASP 1 CB    1 
ATOM   45   C CG    . ASP A 1 8   ? 15.942  11.106  8.138   1.00 96.80  ? 8   ASP 1 CG    1 
ATOM   46   O OD1   . ASP A 1 8   ? 15.159  10.481  8.897   1.00 98.39  ? 8   ASP 1 OD1   1 
ATOM   47   O OD2   . ASP A 1 8   ? 16.183  12.341  8.252   1.00 98.67  ? 8   ASP 1 OD2   1 
ATOM   48   N N     . LYS A 1 9   ? 13.884  8.263   5.680   1.00 78.22  ? 9   LYS 1 N     1 
ATOM   49   C CA    . LYS A 1 9   ? 13.216  6.979   5.867   1.00 73.07  ? 9   LYS 1 CA    1 
ATOM   50   C C     . LYS A 1 9   ? 12.928  6.291   4.522   1.00 68.56  ? 9   LYS 1 C     1 
ATOM   51   O O     . LYS A 1 9   ? 12.745  6.946   3.488   1.00 61.79  ? 9   LYS 1 O     1 
ATOM   52   C CB    . LYS A 1 9   ? 11.908  7.185   6.638   1.00 74.93  ? 9   LYS 1 CB    1 
ATOM   53   C CG    . LYS A 1 9   ? 12.085  7.755   8.028   1.00 72.56  ? 9   LYS 1 CG    1 
ATOM   54   C CD    . LYS A 1 9   ? 12.834  6.779   8.914   1.00 77.42  ? 9   LYS 1 CD    1 
ATOM   55   C CE    . LYS A 1 9   ? 13.161  7.369   10.282  1.00 74.06  ? 9   LYS 1 CE    1 
ATOM   56   N NZ    . LYS A 1 9   ? 13.690  6.291   11.165  1.00 73.31  ? 9   LYS 1 NZ    1 
ATOM   57   N N     . LYS A 1 10  ? 12.911  4.962   4.546   1.00 65.58  ? 10  LYS 1 N     1 
ATOM   58   C CA    . LYS A 1 10  ? 12.639  4.160   3.352   1.00 62.32  ? 10  LYS 1 CA    1 
ATOM   59   C C     . LYS A 1 10  ? 11.144  3.821   3.297   1.00 58.21  ? 10  LYS 1 C     1 
ATOM   60   O O     . LYS A 1 10  ? 10.588  3.233   4.228   1.00 58.23  ? 10  LYS 1 O     1 
ATOM   61   C CB    . LYS A 1 10  ? 13.482  2.879   3.384   1.00 59.16  ? 10  LYS 1 CB    1 
ATOM   62   C CG    . LYS A 1 10  ? 14.975  3.159   3.355   1.00 61.83  ? 10  LYS 1 CG    1 
ATOM   63   C CD    . LYS A 1 10  ? 15.822  1.905   3.512   1.00 62.90  ? 10  LYS 1 CD    1 
ATOM   64   C CE    . LYS A 1 10  ? 17.289  2.246   3.304   1.00 64.04  ? 10  LYS 1 CE    1 
ATOM   65   N NZ    . LYS A 1 10  ? 18.175  1.041   3.331   1.00 71.04  ? 10  LYS 1 NZ    1 
ATOM   66   N N     . LEU A 1 11  ? 10.497  4.213   2.207   1.00 55.22  ? 11  LEU 1 N     1 
ATOM   67   C CA    . LEU A 1 11  ? 9.068   3.971   2.031   1.00 55.06  ? 11  LEU 1 CA    1 
ATOM   68   C C     . LEU A 1 11  ? 8.746   2.905   0.984   1.00 55.32  ? 11  LEU 1 C     1 
ATOM   69   O O     . LEU A 1 11  ? 9.230   2.950   -0.162  1.00 53.86  ? 11  LEU 1 O     1 
ATOM   70   C CB    . LEU A 1 11  ? 8.362   5.264   1.627   1.00 52.82  ? 11  LEU 1 CB    1 
ATOM   71   C CG    . LEU A 1 11  ? 6.888   5.099   1.279   1.00 54.50  ? 11  LEU 1 CG    1 
ATOM   72   C CD1   . LEU A 1 11  ? 6.125   4.630   2.521   1.00 51.27  ? 11  LEU 1 CD1   1 
ATOM   73   C CD2   . LEU A 1 11  ? 6.330   6.432   0.754   1.00 53.05  ? 11  LEU 1 CD2   1 
ATOM   74   N N     . LEU A 1 12  ? 7.929   1.942   1.393   1.00 54.10  ? 12  LEU 1 N     1 
ATOM   75   C CA    . LEU A 1 12  ? 7.491   0.878   0.506   1.00 48.36  ? 12  LEU 1 CA    1 
ATOM   76   C C     . LEU A 1 12  ? 5.995   1.059   0.283   1.00 47.22  ? 12  LEU 1 C     1 
ATOM   77   O O     . LEU A 1 12  ? 5.210   1.123   1.233   1.00 45.59  ? 12  LEU 1 O     1 
ATOM   78   C CB    . LEU A 1 12  ? 7.749   -0.500  1.120   1.00 44.78  ? 12  LEU 1 CB    1 
ATOM   79   C CG    . LEU A 1 12  ? 7.248   -1.686  0.277   1.00 44.64  ? 12  LEU 1 CG    1 
ATOM   80   C CD1   . LEU A 1 12  ? 7.936   -1.659  -1.085  1.00 39.14  ? 12  LEU 1 CD1   1 
ATOM   81   C CD2   . LEU A 1 12  ? 7.516   -3.017  1.001   1.00 39.25  ? 12  LEU 1 CD2   1 
ATOM   82   N N     . ILE A 1 13  ? 5.612   1.158   -0.977  1.00 45.49  ? 13  ILE 1 N     1 
ATOM   83   C CA    . ILE A 1 13  ? 4.213   1.295   -1.322  1.00 45.36  ? 13  ILE 1 CA    1 
ATOM   84   C C     . ILE A 1 13  ? 3.697   0.036   -2.026  1.00 44.82  ? 13  ILE 1 C     1 
ATOM   85   O O     . ILE A 1 13  ? 4.227   -0.374  -3.070  1.00 45.51  ? 13  ILE 1 O     1 
ATOM   86   C CB    . ILE A 1 13  ? 4.017   2.520   -2.203  1.00 45.68  ? 13  ILE 1 CB    1 
ATOM   87   C CG1   . ILE A 1 13  ? 4.233   3.765   -1.343  1.00 50.26  ? 13  ILE 1 CG1   1 
ATOM   88   C CG2   . ILE A 1 13  ? 2.629   2.514   -2.832  1.00 38.58  ? 13  ILE 1 CG2   1 
ATOM   89   C CD1   . ILE A 1 13  ? 4.584   4.993   -2.156  1.00 62.32  ? 13  ILE 1 CD1   1 
ATOM   90   N N     . GLY A 1 14  ? 2.681   -0.584  -1.430  1.00 43.00  ? 14  GLY 1 N     1 
ATOM   91   C CA    . GLY A 1 14  ? 2.088   -1.771  -2.012  1.00 39.09  ? 14  GLY 1 CA    1 
ATOM   92   C C     . GLY A 1 14  ? 0.877   -1.360  -2.819  1.00 42.80  ? 14  GLY 1 C     1 
ATOM   93   O O     . GLY A 1 14  ? -0.036  -0.751  -2.280  1.00 46.49  ? 14  GLY 1 O     1 
ATOM   94   N N     . ILE A 1 15  ? 0.854   -1.684  -4.106  1.00 42.96  ? 15  ILE 1 N     1 
ATOM   95   C CA    . ILE A 1 15  ? -0.277  -1.313  -4.953  1.00 40.87  ? 15  ILE 1 CA    1 
ATOM   96   C C     . ILE A 1 15  ? -1.181  -2.524  -5.231  1.00 43.34  ? 15  ILE 1 C     1 
ATOM   97   O O     . ILE A 1 15  ? -0.693  -3.579  -5.651  1.00 44.24  ? 15  ILE 1 O     1 
ATOM   98   C CB    . ILE A 1 15  ? 0.222   -0.753  -6.297  1.00 38.71  ? 15  ILE 1 CB    1 
ATOM   99   C CG1   . ILE A 1 15  ? 1.194   0.402   -6.057  1.00 35.63  ? 15  ILE 1 CG1   1 
ATOM   100  C CG2   . ILE A 1 15  ? -0.941  -0.304  -7.131  1.00 35.89  ? 15  ILE 1 CG2   1 
ATOM   101  C CD1   . ILE A 1 15  ? 1.795   0.946   -7.323  1.00 37.80  ? 15  ILE 1 CD1   1 
ATOM   102  N N     . CYS A 1 16  ? -2.488  -2.374  -5.014  1.00 40.39  ? 16  CYS 1 N     1 
ATOM   103  C CA    . CYS A 1 16  ? -3.429  -3.471  -5.258  1.00 39.21  ? 16  CYS 1 CA    1 
ATOM   104  C C     . CYS A 1 16  ? -4.319  -3.192  -6.454  1.00 40.83  ? 16  CYS 1 C     1 
ATOM   105  O O     . CYS A 1 16  ? -4.264  -2.112  -7.033  1.00 40.66  ? 16  CYS 1 O     1 
ATOM   106  C CB    . CYS A 1 16  ? -4.308  -3.743  -4.036  1.00 39.61  ? 16  CYS 1 CB    1 
ATOM   107  S SG    . CYS A 1 16  ? -3.397  -4.292  -2.560  1.00 38.89  ? 16  CYS 1 SG    1 
ATOM   108  N N     . GLY A 1 17  ? -5.158  -4.166  -6.803  1.00 42.30  ? 17  GLY 1 N     1 
ATOM   109  C CA    . GLY A 1 17  ? -6.019  -4.037  -7.963  1.00 39.94  ? 17  GLY 1 CA    1 
ATOM   110  C C     . GLY A 1 17  ? -7.159  -3.042  -7.893  1.00 44.68  ? 17  GLY 1 C     1 
ATOM   111  O O     . GLY A 1 17  ? -8.206  -3.330  -7.341  1.00 45.43  ? 17  GLY 1 O     1 
ATOM   112  N N     . SER A 1 18  ? -6.962  -1.868  -8.474  1.00 45.71  ? 18  SER 1 N     1 
ATOM   113  C CA    . SER A 1 18  ? -7.998  -0.840  -8.496  1.00 47.40  ? 18  SER 1 CA    1 
ATOM   114  C C     . SER A 1 18  ? -7.773  0.104   -9.677  1.00 47.81  ? 18  SER 1 C     1 
ATOM   115  O O     . SER A 1 18  ? -6.622  0.339   -10.063 1.00 49.31  ? 18  SER 1 O     1 
ATOM   116  C CB    . SER A 1 18  ? -7.960  -0.032  -7.199  1.00 47.96  ? 18  SER 1 CB    1 
ATOM   117  O OG    . SER A 1 18  ? -8.599  1.217   -7.393  1.00 44.99  ? 18  SER 1 OG    1 
ATOM   118  N N     . ILE A 1 19  ? -8.847  0.634   -10.259 1.00 40.80  ? 19  ILE 1 N     1 
ATOM   119  C CA    . ILE A 1 19  ? -8.689  1.581   -11.367 1.00 44.87  ? 19  ILE 1 CA    1 
ATOM   120  C C     . ILE A 1 19  ? -7.833  2.779   -10.908 1.00 45.75  ? 19  ILE 1 C     1 
ATOM   121  O O     . ILE A 1 19  ? -7.045  3.333   -11.680 1.00 44.71  ? 19  ILE 1 O     1 
ATOM   122  C CB    . ILE A 1 19  ? -10.063 2.116   -11.865 1.00 49.56  ? 19  ILE 1 CB    1 
ATOM   123  C CG1   . ILE A 1 19  ? -10.742 1.071   -12.749 1.00 53.43  ? 19  ILE 1 CG1   1 
ATOM   124  C CG2   . ILE A 1 19  ? -9.874  3.398   -12.668 1.00 48.99  ? 19  ILE 1 CG2   1 
ATOM   125  C CD1   . ILE A 1 19  ? -10.110 0.938   -14.141 1.00 55.59  ? 19  ILE 1 CD1   1 
ATOM   126  N N     . SER A 1 20  ? -7.972  3.162   -9.641  1.00 46.89  ? 20  SER 1 N     1 
ATOM   127  C CA    . SER A 1 20  ? -7.212  4.300   -9.115  1.00 46.97  ? 20  SER 1 CA    1 
ATOM   128  C C     . SER A 1 20  ? -5.705  4.070   -9.086  1.00 44.55  ? 20  SER 1 C     1 
ATOM   129  O O     . SER A 1 20  ? -4.936  5.013   -8.879  1.00 45.34  ? 20  SER 1 O     1 
ATOM   130  C CB    . SER A 1 20  ? -7.706  4.673   -7.708  1.00 49.19  ? 20  SER 1 CB    1 
ATOM   131  O OG    . SER A 1 20  ? -7.274  3.739   -6.732  1.00 56.61  ? 20  SER 1 OG    1 
ATOM   132  N N     . SER A 1 21  ? -5.274  2.825   -9.288  1.00 44.69  ? 21  SER 1 N     1 
ATOM   133  C CA    . SER A 1 21  ? -3.839  2.512   -9.299  1.00 42.86  ? 21  SER 1 CA    1 
ATOM   134  C C     . SER A 1 21  ? -3.206  3.133   -10.524 1.00 40.77  ? 21  SER 1 C     1 
ATOM   135  O O     . SER A 1 21  ? -2.006  3.435   -10.541 1.00 40.21  ? 21  SER 1 O     1 
ATOM   136  C CB    . SER A 1 21  ? -3.600  1.007   -9.359  1.00 41.30  ? 21  SER 1 CB    1 
ATOM   137  O OG    . SER A 1 21  ? -4.179  0.373   -8.237  1.00 55.09  ? 21  SER 1 OG    1 
ATOM   138  N N     . VAL A 1 22  ? -4.015  3.333   -11.558 1.00 36.91  ? 22  VAL 1 N     1 
ATOM   139  C CA    . VAL A 1 22  ? -3.478  3.891   -12.775 1.00 40.33  ? 22  VAL 1 CA    1 
ATOM   140  C C     . VAL A 1 22  ? -2.904  5.272   -12.504 1.00 45.12  ? 22  VAL 1 C     1 
ATOM   141  O O     . VAL A 1 22  ? -1.955  5.696   -13.163 1.00 44.46  ? 22  VAL 1 O     1 
ATOM   142  C CB    . VAL A 1 22  ? -4.558  3.939   -13.852 1.00 37.86  ? 22  VAL 1 CB    1 
ATOM   143  C CG1   . VAL A 1 22  ? -3.948  4.322   -15.193 1.00 32.78  ? 22  VAL 1 CG1   1 
ATOM   144  C CG2   . VAL A 1 22  ? -5.227  2.577   -13.937 1.00 36.38  ? 22  VAL 1 CG2   1 
ATOM   145  N N     . GLY A 1 23  ? -3.467  5.966   -11.514 1.00 47.54  ? 23  GLY 1 N     1 
ATOM   146  C CA    . GLY A 1 23  ? -2.969  7.290   -11.186 1.00 49.88  ? 23  GLY 1 CA    1 
ATOM   147  C C     . GLY A 1 23  ? -1.916  7.330   -10.087 1.00 52.49  ? 23  GLY 1 C     1 
ATOM   148  O O     . GLY A 1 23  ? -1.523  8.409   -9.621  1.00 56.41  ? 23  GLY 1 O     1 
ATOM   149  N N     . ILE A 1 24  ? -1.428  6.167   -9.675  1.00 47.11  ? 24  ILE 1 N     1 
ATOM   150  C CA    . ILE A 1 24  ? -0.444  6.125   -8.600  1.00 46.73  ? 24  ILE 1 CA    1 
ATOM   151  C C     . ILE A 1 24  ? 0.776   7.069   -8.734  1.00 47.32  ? 24  ILE 1 C     1 
ATOM   152  O O     . ILE A 1 24  ? 1.421   7.372   -7.730  1.00 48.84  ? 24  ILE 1 O     1 
ATOM   153  C CB    . ILE A 1 24  ? 0.053   4.662   -8.365  1.00 45.25  ? 24  ILE 1 CB    1 
ATOM   154  C CG1   . ILE A 1 24  ? 0.658   4.533   -6.961  1.00 42.49  ? 24  ILE 1 CG1   1 
ATOM   155  C CG2   . ILE A 1 24  ? 1.089   4.266   -9.430  1.00 43.52  ? 24  ILE 1 CG2   1 
ATOM   156  C CD1   . ILE A 1 24  ? -0.361  4.635   -5.869  1.00 43.50  ? 24  ILE 1 CD1   1 
ATOM   157  N N     . SER A 1 25  ? 1.106   7.538   -9.940  1.00 45.77  ? 25  SER 1 N     1 
ATOM   158  C CA    . SER A 1 25  ? 2.266   8.432   -10.095 1.00 47.06  ? 25  SER 1 CA    1 
ATOM   159  C C     . SER A 1 25  ? 2.098   9.756   -9.326  1.00 49.35  ? 25  SER 1 C     1 
ATOM   160  O O     . SER A 1 25  ? 3.077   10.352  -8.859  1.00 45.89  ? 25  SER 1 O     1 
ATOM   161  C CB    . SER A 1 25  ? 2.514   8.753   -11.560 1.00 42.67  ? 25  SER 1 CB    1 
ATOM   162  O OG    . SER A 1 25  ? 1.415   9.464   -12.090 1.00 46.50  ? 25  SER 1 OG    1 
ATOM   163  N N     . SER A 1 26  ? 0.856   10.214  -9.211  1.00 48.84  ? 26  SER 1 N     1 
ATOM   164  C CA    . SER A 1 26  ? 0.549   11.441  -8.488  1.00 49.57  ? 26  SER 1 CA    1 
ATOM   165  C C     . SER A 1 26  ? 1.053   11.356  -7.045  1.00 51.38  ? 26  SER 1 C     1 
ATOM   166  O O     . SER A 1 26  ? 1.636   12.311  -6.514  1.00 51.90  ? 26  SER 1 O     1 
ATOM   167  C CB    . SER A 1 26  ? -0.960  11.670  -8.493  1.00 49.58  ? 26  SER 1 CB    1 
ATOM   168  O OG    . SER A 1 26  ? -1.457  11.592  -9.818  1.00 55.29  ? 26  SER 1 OG    1 
ATOM   169  N N     . TYR A 1 27  ? 0.820   10.212  -6.408  1.00 49.84  ? 27  TYR 1 N     1 
ATOM   170  C CA    . TYR A 1 27  ? 1.268   10.023  -5.043  1.00 50.13  ? 27  TYR 1 CA    1 
ATOM   171  C C     . TYR A 1 27  ? 2.761   9.791   -5.053  1.00 51.48  ? 27  TYR 1 C     1 
ATOM   172  O O     . TYR A 1 27  ? 3.508   10.431  -4.317  1.00 53.13  ? 27  TYR 1 O     1 
ATOM   173  C CB    . TYR A 1 27  ? 0.560   8.828   -4.393  1.00 48.96  ? 27  TYR 1 CB    1 
ATOM   174  C CG    . TYR A 1 27  ? -0.942  9.019   -4.257  1.00 53.39  ? 27  TYR 1 CG    1 
ATOM   175  C CD1   . TYR A 1 27  ? -1.792  8.899   -5.370  1.00 55.42  ? 27  TYR 1 CD1   1 
ATOM   176  C CD2   . TYR A 1 27  ? -1.512  9.359   -3.025  1.00 52.57  ? 27  TYR 1 CD2   1 
ATOM   177  C CE1   . TYR A 1 27  ? -3.177  9.112   -5.255  1.00 52.71  ? 27  TYR 1 CE1   1 
ATOM   178  C CE2   . TYR A 1 27  ? -2.884  9.583   -2.901  1.00 49.71  ? 27  TYR 1 CE2   1 
ATOM   179  C CZ    . TYR A 1 27  ? -3.707  9.457   -4.015  1.00 53.19  ? 27  TYR 1 CZ    1 
ATOM   180  O OH    . TYR A 1 27  ? -5.057  9.683   -3.879  1.00 56.66  ? 27  TYR 1 OH    1 
ATOM   181  N N     . LEU A 1 28  ? 3.190   8.882   -5.919  1.00 52.42  ? 28  LEU 1 N     1 
ATOM   182  C CA    . LEU A 1 28  ? 4.593   8.522   -6.026  1.00 53.28  ? 28  LEU 1 CA    1 
ATOM   183  C C     . LEU A 1 28  ? 5.529   9.706   -6.255  1.00 51.32  ? 28  LEU 1 C     1 
ATOM   184  O O     . LEU A 1 28  ? 6.562   9.813   -5.590  1.00 49.49  ? 28  LEU 1 O     1 
ATOM   185  C CB    . LEU A 1 28  ? 4.774   7.467   -7.135  1.00 54.24  ? 28  LEU 1 CB    1 
ATOM   186  C CG    . LEU A 1 28  ? 5.130   6.025   -6.727  1.00 56.51  ? 28  LEU 1 CG    1 
ATOM   187  C CD1   . LEU A 1 28  ? 4.236   5.555   -5.601  1.00 56.44  ? 28  LEU 1 CD1   1 
ATOM   188  C CD2   . LEU A 1 28  ? 4.995   5.098   -7.928  1.00 51.76  ? 28  LEU 1 CD2   1 
ATOM   189  N N     . LEU A 1 29  ? 5.174   10.589  -7.189  1.00 50.09  ? 29  LEU 1 N     1 
ATOM   190  C CA    . LEU A 1 29  ? 6.015   11.748  -7.504  1.00 53.65  ? 29  LEU 1 CA    1 
ATOM   191  C C     . LEU A 1 29  ? 5.983   12.790  -6.388  1.00 57.12  ? 29  LEU 1 C     1 
ATOM   192  O O     . LEU A 1 29  ? 6.982   13.459  -6.103  1.00 58.03  ? 29  LEU 1 O     1 
ATOM   193  C CB    . LEU A 1 29  ? 5.592   12.370  -8.843  1.00 47.74  ? 29  LEU 1 CB    1 
ATOM   194  C CG    . LEU A 1 29  ? 5.854   11.498  -10.084 1.00 50.66  ? 29  LEU 1 CG    1 
ATOM   195  C CD1   . LEU A 1 29  ? 5.288   12.168  -11.338 1.00 38.84  ? 29  LEU 1 CD1   1 
ATOM   196  C CD2   . LEU A 1 29  ? 7.358   11.238  -10.222 1.00 43.07  ? 29  LEU 1 CD2   1 
ATOM   197  N N     . TYR A 1 30  ? 4.834   12.906  -5.737  1.00 58.81  ? 30  TYR 1 N     1 
ATOM   198  C CA    . TYR A 1 30  ? 4.687   13.857  -4.651  1.00 58.73  ? 30  TYR 1 CA    1 
ATOM   199  C C     . TYR A 1 30  ? 5.502   13.439  -3.427  1.00 60.13  ? 30  TYR 1 C     1 
ATOM   200  O O     . TYR A 1 30  ? 6.067   14.280  -2.735  1.00 63.80  ? 30  TYR 1 O     1 
ATOM   201  C CB    . TYR A 1 30  ? 3.215   13.999  -4.277  1.00 65.25  ? 30  TYR 1 CB    1 
ATOM   202  C CG    . TYR A 1 30  ? 2.976   14.992  -3.173  1.00 70.39  ? 30  TYR 1 CG    1 
ATOM   203  C CD1   . TYR A 1 30  ? 3.153   16.361  -3.392  1.00 71.65  ? 30  TYR 1 CD1   1 
ATOM   204  C CD2   . TYR A 1 30  ? 2.595   14.565  -1.903  1.00 74.65  ? 30  TYR 1 CD2   1 
ATOM   205  C CE1   . TYR A 1 30  ? 2.957   17.282  -2.372  1.00 74.10  ? 30  TYR 1 CE1   1 
ATOM   206  C CE2   . TYR A 1 30  ? 2.399   15.477  -0.867  1.00 79.83  ? 30  TYR 1 CE2   1 
ATOM   207  C CZ    . TYR A 1 30  ? 2.581   16.835  -1.108  1.00 80.44  ? 30  TYR 1 CZ    1 
ATOM   208  O OH    . TYR A 1 30  ? 2.382   17.735  -0.083  1.00 80.84  ? 30  TYR 1 OH    1 
ATOM   209  N N     . PHE A 1 31  ? 5.552   12.136  -3.166  1.00 58.80  ? 31  PHE 1 N     1 
ATOM   210  C CA    . PHE A 1 31  ? 6.282   11.602  -2.018  1.00 58.64  ? 31  PHE 1 CA    1 
ATOM   211  C C     . PHE A 1 31  ? 7.794   11.557  -2.222  1.00 58.63  ? 31  PHE 1 C     1 
ATOM   212  O O     . PHE A 1 31  ? 8.549   11.402  -1.263  1.00 57.63  ? 31  PHE 1 O     1 
ATOM   213  C CB    . PHE A 1 31  ? 5.797   10.184  -1.695  1.00 57.80  ? 31  PHE 1 CB    1 
ATOM   214  C CG    . PHE A 1 31  ? 4.358   10.103  -1.256  1.00 65.32  ? 31  PHE 1 CG    1 
ATOM   215  C CD1   . PHE A 1 31  ? 3.685   11.229  -0.791  1.00 65.24  ? 31  PHE 1 CD1   1 
ATOM   216  C CD2   . PHE A 1 31  ? 3.679   8.888   -1.296  1.00 64.58  ? 31  PHE 1 CD2   1 
ATOM   217  C CE1   . PHE A 1 31  ? 2.360   11.145  -0.369  1.00 68.42  ? 31  PHE 1 CE1   1 
ATOM   218  C CE2   . PHE A 1 31  ? 2.354   8.794   -0.875  1.00 66.21  ? 31  PHE 1 CE2   1 
ATOM   219  C CZ    . PHE A 1 31  ? 1.694   9.925   -0.411  1.00 69.15  ? 31  PHE 1 CZ    1 
ATOM   220  N N     . LYS A 1 32  ? 8.225   11.656  -3.475  1.00 58.12  ? 32  LYS 1 N     1 
ATOM   221  C CA    . LYS A 1 32  ? 9.643   11.583  -3.822  1.00 64.22  ? 32  LYS 1 CA    1 
ATOM   222  C C     . LYS A 1 32  ? 10.552  12.564  -3.084  1.00 67.38  ? 32  LYS 1 C     1 
ATOM   223  O O     . LYS A 1 32  ? 11.695  12.230  -2.764  1.00 62.56  ? 32  LYS 1 O     1 
ATOM   224  C CB    . LYS A 1 32  ? 9.821   11.754  -5.334  1.00 65.76  ? 32  LYS 1 CB    1 
ATOM   225  C CG    . LYS A 1 32  ? 11.249  11.563  -5.824  1.00 69.85  ? 32  LYS 1 CG    1 
ATOM   226  C CD    . LYS A 1 32  ? 11.276  10.898  -7.187  1.00 72.32  ? 32  LYS 1 CD    1 
ATOM   227  C CE    . LYS A 1 32  ? 12.701  10.687  -7.667  0.00 75.20  ? 32  LYS 1 CE    1 
ATOM   228  N NZ    . LYS A 1 32  ? 12.744  9.899   -8.927  0.00 77.94  ? 32  LYS 1 NZ    1 
ATOM   229  N N     . SER A 1 33  ? 10.057  13.771  -2.835  1.00 71.14  ? 33  SER 1 N     1 
ATOM   230  C CA    . SER A 1 33  ? 10.852  14.790  -2.156  1.00 72.43  ? 33  SER 1 CA    1 
ATOM   231  C C     . SER A 1 33  ? 10.838  14.730  -0.627  1.00 70.91  ? 33  SER 1 C     1 
ATOM   232  O O     . SER A 1 33  ? 11.652  15.387  0.028   1.00 77.14  ? 33  SER 1 O     1 
ATOM   233  C CB    . SER A 1 33  ? 10.447  16.192  -2.635  1.00 69.95  ? 33  SER 1 CB    1 
ATOM   234  O OG    . SER A 1 33  ? 9.053   16.421  -2.507  1.00 74.53  ? 33  SER 1 OG    1 
ATOM   235  N N     . PHE A 1 34  ? 9.936   13.934  -0.061  1.00 65.42  ? 34  PHE 1 N     1 
ATOM   236  C CA    . PHE A 1 34  ? 9.826   13.827  1.391   1.00 61.27  ? 34  PHE 1 CA    1 
ATOM   237  C C     . PHE A 1 34  ? 10.522  12.609  2.010   1.00 60.64  ? 34  PHE 1 C     1 
ATOM   238  O O     . PHE A 1 34  ? 10.773  12.592  3.217   1.00 62.56  ? 34  PHE 1 O     1 
ATOM   239  C CB    . PHE A 1 34  ? 8.352   13.865  1.816   1.00 59.14  ? 34  PHE 1 CB    1 
ATOM   240  C CG    . PHE A 1 34  ? 7.608   15.096  1.348   1.00 66.44  ? 34  PHE 1 CG    1 
ATOM   241  C CD1   . PHE A 1 34  ? 7.009   15.122  0.089   1.00 70.45  ? 34  PHE 1 CD1   1 
ATOM   242  C CD2   . PHE A 1 34  ? 7.489   16.218  2.173   1.00 67.85  ? 34  PHE 1 CD2   1 
ATOM   243  C CE1   . PHE A 1 34  ? 6.292   16.247  -0.351  1.00 69.56  ? 34  PHE 1 CE1   1 
ATOM   244  C CE2   . PHE A 1 34  ? 6.774   17.355  1.746   1.00 68.99  ? 34  PHE 1 CE2   1 
ATOM   245  C CZ    . PHE A 1 34  ? 6.173   17.365  0.481   1.00 70.99  ? 34  PHE 1 CZ    1 
ATOM   246  N N     . PHE A 1 35  ? 10.822  11.590  1.204   1.00 59.71  ? 35  PHE 1 N     1 
ATOM   247  C CA    . PHE A 1 35  ? 11.486  10.388  1.718   1.00 55.14  ? 35  PHE 1 CA    1 
ATOM   248  C C     . PHE A 1 35  ? 12.846  10.133  1.130   1.00 56.03  ? 35  PHE 1 C     1 
ATOM   249  O O     . PHE A 1 35  ? 13.162  10.601  0.037   1.00 58.37  ? 35  PHE 1 O     1 
ATOM   250  C CB    . PHE A 1 35  ? 10.644  9.128   1.491   1.00 51.21  ? 35  PHE 1 CB    1 
ATOM   251  C CG    . PHE A 1 35  ? 9.266   9.216   2.043   1.00 48.83  ? 35  PHE 1 CG    1 
ATOM   252  C CD1   . PHE A 1 35  ? 8.267   9.910   1.349   1.00 45.77  ? 35  PHE 1 CD1   1 
ATOM   253  C CD2   . PHE A 1 35  ? 8.962   8.621   3.271   1.00 47.97  ? 35  PHE 1 CD2   1 
ATOM   254  C CE1   . PHE A 1 35  ? 6.973   10.006  1.878   1.00 42.63  ? 35  PHE 1 CE1   1 
ATOM   255  C CE2   . PHE A 1 35  ? 7.677   8.707   3.812   1.00 44.72  ? 35  PHE 1 CE2   1 
ATOM   256  C CZ    . PHE A 1 35  ? 6.677   9.403   3.113   1.00 43.05  ? 35  PHE 1 CZ    1 
ATOM   257  N N     . LYS A 1 36  ? 13.640  9.358   1.861   1.00 59.26  ? 36  LYS 1 N     1 
ATOM   258  C CA    . LYS A 1 36  ? 14.990  9.011   1.443   1.00 64.65  ? 36  LYS 1 CA    1 
ATOM   259  C C     . LYS A 1 36  ? 14.967  8.186   0.164   1.00 66.00  ? 36  LYS 1 C     1 
ATOM   260  O O     . LYS A 1 36  ? 15.767  8.401   -0.745  1.00 69.53  ? 36  LYS 1 O     1 
ATOM   261  C CB    . LYS A 1 36  ? 15.701  8.221   2.549   1.00 67.16  ? 36  LYS 1 CB    1 
ATOM   262  C CG    . LYS A 1 36  ? 17.142  7.810   2.196   1.00 69.98  ? 36  LYS 1 CG    1 
ATOM   263  C CD    . LYS A 1 36  ? 17.808  6.987   3.310   1.00 69.59  ? 36  LYS 1 CD    1 
ATOM   264  C CE    . LYS A 1 36  ? 19.218  6.589   2.929   0.00 68.22  ? 36  LYS 1 CE    1 
ATOM   265  N NZ    . LYS A 1 36  ? 20.072  7.779   2.673   0.00 67.48  ? 36  LYS 1 NZ    1 
ATOM   266  N N     . GLU A 1 37  ? 14.037  7.241   0.104   1.00 68.61  ? 37  GLU 1 N     1 
ATOM   267  C CA    . GLU A 1 37  ? 13.905  6.364   -1.046  1.00 64.69  ? 37  GLU 1 CA    1 
ATOM   268  C C     . GLU A 1 37  ? 12.513  5.716   -1.018  1.00 62.82  ? 37  GLU 1 C     1 
ATOM   269  O O     . GLU A 1 37  ? 11.980  5.408   0.059   1.00 59.26  ? 37  GLU 1 O     1 
ATOM   270  C CB    . GLU A 1 37  ? 15.013  5.304   -0.981  1.00 67.20  ? 37  GLU 1 CB    1 
ATOM   271  C CG    . GLU A 1 37  ? 15.182  4.462   -2.235  1.00 73.86  ? 37  GLU 1 CG    1 
ATOM   272  C CD    . GLU A 1 37  ? 16.215  3.341   -2.063  1.00 82.14  ? 37  GLU 1 CD    1 
ATOM   273  O OE1   . GLU A 1 37  ? 16.228  2.419   -2.926  1.00 78.82  ? 37  GLU 1 OE1   1 
ATOM   274  O OE2   . GLU A 1 37  ? 17.005  3.388   -1.074  1.00 81.82  ? 37  GLU 1 OE2   1 
ATOM   275  N N     . ILE A 1 38  ? 11.930  5.530   -2.202  1.00 60.08  ? 38  ILE 1 N     1 
ATOM   276  C CA    . ILE A 1 38  ? 10.611  4.922   -2.349  1.00 54.60  ? 38  ILE 1 CA    1 
ATOM   277  C C     . ILE A 1 38  ? 10.608  3.759   -3.342  1.00 55.23  ? 38  ILE 1 C     1 
ATOM   278  O O     . ILE A 1 38  ? 11.045  3.890   -4.496  1.00 52.14  ? 38  ILE 1 O     1 
ATOM   279  C CB    . ILE A 1 38  ? 9.578   5.915   -2.888  1.00 55.51  ? 38  ILE 1 CB    1 
ATOM   280  C CG1   . ILE A 1 38  ? 9.575   7.203   -2.063  1.00 54.27  ? 38  ILE 1 CG1   1 
ATOM   281  C CG2   . ILE A 1 38  ? 8.202   5.248   -2.903  1.00 56.18  ? 38  ILE 1 CG2   1 
ATOM   282  C CD1   . ILE A 1 38  ? 8.568   8.244   -2.574  1.00 48.78  ? 38  ILE 1 CD1   1 
ATOM   283  N N     . ARG A 1 39  ? 10.097  2.620   -2.893  1.00 54.80  ? 39  ARG 1 N     1 
ATOM   284  C CA    . ARG A 1 39  ? 9.994   1.449   -3.753  1.00 52.93  ? 39  ARG 1 CA    1 
ATOM   285  C C     . ARG A 1 39  ? 8.549   0.968   -3.765  1.00 53.48  ? 39  ARG 1 C     1 
ATOM   286  O O     . ARG A 1 39  ? 7.749   1.341   -2.903  1.00 52.87  ? 39  ARG 1 O     1 
ATOM   287  C CB    . ARG A 1 39  ? 10.908  0.327   -3.261  1.00 46.57  ? 39  ARG 1 CB    1 
ATOM   288  C CG    . ARG A 1 39  ? 12.356  0.582   -3.550  1.00 47.70  ? 39  ARG 1 CG    1 
ATOM   289  C CD    . ARG A 1 39  ? 13.243  -0.491  -2.964  1.00 50.92  ? 39  ARG 1 CD    1 
ATOM   290  N NE    . ARG A 1 39  ? 14.652  -0.155  -3.149  1.00 56.72  ? 39  ARG 1 NE    1 
ATOM   291  C CZ    . ARG A 1 39  ? 15.664  -0.822  -2.604  1.00 58.84  ? 39  ARG 1 CZ    1 
ATOM   292  N NH1   . ARG A 1 39  ? 15.449  -1.880  -1.826  1.00 57.68  ? 39  ARG 1 NH1   1 
ATOM   293  N NH2   . ARG A 1 39  ? 16.902  -0.417  -2.825  1.00 60.95  ? 39  ARG 1 NH2   1 
ATOM   294  N N     . VAL A 1 40  ? 8.222   0.124   -4.732  1.00 49.83  ? 40  VAL 1 N     1 
ATOM   295  C CA    . VAL A 1 40  ? 6.874   -0.392  -4.836  1.00 45.21  ? 40  VAL 1 CA    1 
ATOM   296  C C     . VAL A 1 40  ? 6.832   -1.918  -4.924  1.00 45.79  ? 40  VAL 1 C     1 
ATOM   297  O O     . VAL A 1 40  ? 7.756   -2.552  -5.425  1.00 43.53  ? 40  VAL 1 O     1 
ATOM   298  C CB    . VAL A 1 40  ? 6.191   0.213   -6.075  1.00 41.86  ? 40  VAL 1 CB    1 
ATOM   299  C CG1   . VAL A 1 40  ? 4.871   -0.489  -6.371  1.00 41.34  ? 40  VAL 1 CG1   1 
ATOM   300  C CG2   . VAL A 1 40  ? 5.975   1.699   -5.849  1.00 37.43  ? 40  VAL 1 CG2   1 
ATOM   301  N N     . VAL A 1 41  ? 5.751   -2.488  -4.402  1.00 44.52  ? 41  VAL 1 N     1 
ATOM   302  C CA    . VAL A 1 41  ? 5.484   -3.919  -4.467  1.00 42.27  ? 41  VAL 1 CA    1 
ATOM   303  C C     . VAL A 1 41  ? 4.015   -3.968  -4.961  1.00 42.90  ? 41  VAL 1 C     1 
ATOM   304  O O     . VAL A 1 41  ? 3.123   -3.317  -4.390  1.00 43.39  ? 41  VAL 1 O     1 
ATOM   305  C CB    . VAL A 1 41  ? 5.653   -4.613  -3.068  1.00 46.33  ? 41  VAL 1 CB    1 
ATOM   306  C CG1   . VAL A 1 41  ? 4.690   -3.997  -2.025  1.00 36.55  ? 41  VAL 1 CG1   1 
ATOM   307  C CG2   . VAL A 1 41  ? 5.419   -6.130  -3.205  1.00 44.86  ? 41  VAL 1 CG2   1 
ATOM   308  N N     . MET A 1 42  ? 3.766   -4.717  -6.032  1.00 42.11  ? 42  MET 1 N     1 
ATOM   309  C CA    . MET A 1 42  ? 2.423   -4.799  -6.627  1.00 36.59  ? 42  MET 1 CA    1 
ATOM   310  C C     . MET A 1 42  ? 1.773   -6.179  -6.597  1.00 34.92  ? 42  MET 1 C     1 
ATOM   311  O O     . MET A 1 42  ? 2.437   -7.193  -6.448  1.00 38.08  ? 42  MET 1 O     1 
ATOM   312  C CB    . MET A 1 42  ? 2.487   -4.353  -8.094  1.00 34.82  ? 42  MET 1 CB    1 
ATOM   313  C CG    . MET A 1 42  ? 3.365   -3.109  -8.362  1.00 35.63  ? 42  MET 1 CG    1 
ATOM   314  S SD    . MET A 1 42  ? 3.343   -2.572  -10.119 1.00 38.53  ? 42  MET 1 SD    1 
ATOM   315  C CE    . MET A 1 42  ? 1.539   -2.307  -10.407 1.00 34.50  ? 42  MET 1 CE    1 
ATOM   316  N N     . THR A 1 43  ? 0.457   -6.208  -6.741  1.00 36.30  ? 43  THR 1 N     1 
ATOM   317  C CA    . THR A 1 43  ? -0.273  -7.465  -6.821  1.00 34.10  ? 43  THR 1 CA    1 
ATOM   318  C C     . THR A 1 43  ? -0.481  -7.661  -8.333  1.00 38.20  ? 43  THR 1 C     1 
ATOM   319  O O     . THR A 1 43  ? -0.369  -6.712  -9.138  1.00 39.57  ? 43  THR 1 O     1 
ATOM   320  C CB    . THR A 1 43  ? -1.693  -7.393  -6.176  1.00 37.36  ? 43  THR 1 CB    1 
ATOM   321  O OG1   . THR A 1 43  ? -2.508  -6.458  -6.902  1.00 34.81  ? 43  THR 1 OG1   1 
ATOM   322  C CG2   . THR A 1 43  ? -1.623  -6.961  -4.740  1.00 28.39  ? 43  THR 1 CG2   1 
ATOM   323  N N     . LYS A 1 44  ? -0.812  -8.889  -8.702  1.00 36.47  ? 44  LYS 1 N     1 
ATOM   324  C CA    . LYS A 1 44  ? -1.058  -9.275  -10.082 1.00 37.58  ? 44  LYS 1 CA    1 
ATOM   325  C C     . LYS A 1 44  ? -2.109  -8.382  -10.773 1.00 36.84  ? 44  LYS 1 C     1 
ATOM   326  O O     . LYS A 1 44  ? -1.902  -7.919  -11.902 1.00 35.83  ? 44  LYS 1 O     1 
ATOM   327  C CB    . LYS A 1 44  ? -1.489  -10.758 -10.100 1.00 41.92  ? 44  LYS 1 CB    1 
ATOM   328  C CG    . LYS A 1 44  ? -1.604  -11.397 -11.479 1.00 52.34  ? 44  LYS 1 CG    1 
ATOM   329  C CD    . LYS A 1 44  ? -2.986  -11.188 -12.112 1.00 59.20  ? 44  LYS 1 CD    1 
ATOM   330  C CE    . LYS A 1 44  ? -3.132  -11.967 -13.436 1.00 64.44  ? 44  LYS 1 CE    1 
ATOM   331  N NZ    . LYS A 1 44  ? -2.035  -11.620 -14.417 1.00 68.58  ? 44  LYS 1 NZ    1 
ATOM   332  N N     . THR A 1 45  ? -3.239  -8.150  -10.109 1.00 34.50  ? 45  THR 1 N     1 
ATOM   333  C CA    . THR A 1 45  ? -4.287  -7.318  -10.702 1.00 35.58  ? 45  THR 1 CA    1 
ATOM   334  C C     . THR A 1 45  ? -3.807  -5.897  -10.958 1.00 35.64  ? 45  THR 1 C     1 
ATOM   335  O O     . THR A 1 45  ? -4.119  -5.302  -12.000 1.00 36.66  ? 45  THR 1 O     1 
ATOM   336  C CB    . THR A 1 45  ? -5.511  -7.264  -9.810  1.00 35.73  ? 45  THR 1 CB    1 
ATOM   337  O OG1   . THR A 1 45  ? -5.865  -8.596  -9.445  1.00 36.06  ? 45  THR 1 OG1   1 
ATOM   338  C CG2   . THR A 1 45  ? -6.686  -6.614  -10.550 1.00 26.15  ? 45  THR 1 CG2   1 
ATOM   339  N N     . ALA A 1 46  ? -3.043  -5.351  -10.010 1.00 39.98  ? 46  ALA 1 N     1 
ATOM   340  C CA    . ALA A 1 46  ? -2.490  -4.011  -10.182 1.00 40.85  ? 46  ALA 1 CA    1 
ATOM   341  C C     . ALA A 1 46  ? -1.607  -3.968  -11.453 1.00 42.64  ? 46  ALA 1 C     1 
ATOM   342  O O     . ALA A 1 46  ? -1.718  -3.025  -12.260 1.00 38.73  ? 46  ALA 1 O     1 
ATOM   343  C CB    . ALA A 1 46  ? -1.681  -3.618  -8.959  1.00 39.35  ? 46  ALA 1 CB    1 
ATOM   344  N N     . GLU A 1 47  ? -0.754  -4.987  -11.645 1.00 40.25  ? 47  GLU 1 N     1 
ATOM   345  C CA    . GLU A 1 47  ? 0.110   -5.023  -12.828 1.00 40.37  ? 47  GLU 1 CA    1 
ATOM   346  C C     . GLU A 1 47  ? -0.651  -5.117  -14.135 1.00 37.70  ? 47  GLU 1 C     1 
ATOM   347  O O     . GLU A 1 47  ? -0.193  -4.563  -15.140 1.00 36.19  ? 47  GLU 1 O     1 
ATOM   348  C CB    . GLU A 1 47  ? 1.090   -6.178  -12.780 1.00 42.73  ? 47  GLU 1 CB    1 
ATOM   349  C CG    . GLU A 1 47  ? 2.378   -5.852  -12.114 1.00 51.40  ? 47  GLU 1 CG    1 
ATOM   350  C CD    . GLU A 1 47  ? 3.379   -6.987  -12.234 1.00 56.15  ? 47  GLU 1 CD    1 
ATOM   351  O OE1   . GLU A 1 47  ? 4.009   -7.135  -13.314 1.00 53.80  ? 47  GLU 1 OE1   1 
ATOM   352  O OE2   . GLU A 1 47  ? 3.519   -7.739  -11.243 1.00 54.23  ? 47  GLU 1 OE2   1 
ATOM   353  N N     . ASP A 1 48  ? -1.784  -5.823  -14.141 1.00 31.96  ? 48  ASP 1 N     1 
ATOM   354  C CA    . ASP A 1 48  ? -2.575  -5.938  -15.370 1.00 36.57  ? 48  ASP 1 CA    1 
ATOM   355  C C     . ASP A 1 48  ? -3.155  -4.581  -15.742 1.00 35.28  ? 48  ASP 1 C     1 
ATOM   356  O O     . ASP A 1 48  ? -3.392  -4.294  -16.927 1.00 44.11  ? 48  ASP 1 O     1 
ATOM   357  C CB    . ASP A 1 48  ? -3.740  -6.934  -15.228 1.00 39.19  ? 48  ASP 1 CB    1 
ATOM   358  C CG    . ASP A 1 48  ? -3.280  -8.369  -15.082 1.00 45.78  ? 48  ASP 1 CG    1 
ATOM   359  O OD1   . ASP A 1 48  ? -2.163  -8.675  -15.556 1.00 42.01  ? 48  ASP 1 OD1   1 
ATOM   360  O OD2   . ASP A 1 48  ? -4.041  -9.193  -14.508 1.00 50.14  ? 48  ASP 1 OD2   1 
ATOM   361  N N     . LEU A 1 49  ? -3.414  -3.761  -14.730 1.00 36.27  ? 49  LEU 1 N     1 
ATOM   362  C CA    . LEU A 1 49  ? -3.962  -2.427  -14.958 1.00 38.65  ? 49  LEU 1 CA    1 
ATOM   363  C C     . LEU A 1 49  ? -2.869  -1.460  -15.397 1.00 40.31  ? 49  LEU 1 C     1 
ATOM   364  O O     . LEU A 1 49  ? -3.049  -0.717  -16.376 1.00 39.53  ? 49  LEU 1 O     1 
ATOM   365  C CB    . LEU A 1 49  ? -4.635  -1.902  -13.690 1.00 34.85  ? 49  LEU 1 CB    1 
ATOM   366  C CG    . LEU A 1 49  ? -6.005  -2.542  -13.470 1.00 37.60  ? 49  LEU 1 CG    1 
ATOM   367  C CD1   . LEU A 1 49  ? -6.565  -2.209  -12.097 1.00 30.43  ? 49  LEU 1 CD1   1 
ATOM   368  C CD2   . LEU A 1 49  ? -6.933  -2.054  -14.556 1.00 37.03  ? 49  LEU 1 CD2   1 
ATOM   369  N N     . ILE A 1 50  ? -1.746  -1.472  -14.674 1.00 35.93  ? 50  ILE 1 N     1 
ATOM   370  C CA    . ILE A 1 50  ? -0.624  -0.599  -14.984 1.00 37.83  ? 50  ILE 1 CA    1 
ATOM   371  C C     . ILE A 1 50  ? 0.659   -1.413  -14.790 1.00 40.66  ? 50  ILE 1 C     1 
ATOM   372  O O     . ILE A 1 50  ? 1.007   -1.812  -13.679 1.00 40.09  ? 50  ILE 1 O     1 
ATOM   373  C CB    . ILE A 1 50  ? -0.653  0.686   -14.082 1.00 42.19  ? 50  ILE 1 CB    1 
ATOM   374  C CG1   . ILE A 1 50  ? 0.415   1.676   -14.544 1.00 43.52  ? 50  ILE 1 CG1   1 
ATOM   375  C CG2   . ILE A 1 50  ? -0.458  0.326   -12.592 1.00 38.60  ? 50  ILE 1 CG2   1 
ATOM   376  C CD1   . ILE A 1 50  ? 0.397   3.007   -13.767 1.00 46.98  ? 50  ILE 1 CD1   1 
ATOM   377  N N     . PRO A 1 51  ? 1.367   -1.689  -15.892 1.00 40.92  ? 51  PRO 1 N     1 
ATOM   378  C CA    . PRO A 1 51  ? 2.614   -2.461  -15.912 1.00 38.66  ? 51  PRO 1 CA    1 
ATOM   379  C C     . PRO A 1 51  ? 3.646   -2.027  -14.879 1.00 40.27  ? 51  PRO 1 C     1 
ATOM   380  O O     . PRO A 1 51  ? 3.848   -0.827  -14.637 1.00 39.14  ? 51  PRO 1 O     1 
ATOM   381  C CB    . PRO A 1 51  ? 3.145   -2.245  -17.335 1.00 32.41  ? 51  PRO 1 CB    1 
ATOM   382  C CG    . PRO A 1 51  ? 1.922   -1.991  -18.134 1.00 42.40  ? 51  PRO 1 CG    1 
ATOM   383  C CD    . PRO A 1 51  ? 1.088   -1.108  -17.217 1.00 41.88  ? 51  PRO 1 CD    1 
ATOM   384  N N     . ALA A 1 52  ? 4.322   -3.006  -14.288 1.00 38.96  ? 52  ALA 1 N     1 
ATOM   385  C CA    . ALA A 1 52  ? 5.372   -2.696  -13.335 1.00 41.66  ? 52  ALA 1 CA    1 
ATOM   386  C C     . ALA A 1 52  ? 6.425   -1.772  -13.980 1.00 43.33  ? 52  ALA 1 C     1 
ATOM   387  O O     . ALA A 1 52  ? 6.949   -0.880  -13.311 1.00 45.81  ? 52  ALA 1 O     1 
ATOM   388  C CB    . ALA A 1 52  ? 6.033   -3.984  -12.843 1.00 36.67  ? 52  ALA 1 CB    1 
ATOM   389  N N     . HIS A 1 53  ? 6.746   -1.980  -15.263 1.00 42.41  ? 53  HIS 1 N     1 
ATOM   390  C CA    . HIS A 1 53  ? 7.737   -1.128  -15.924 1.00 45.42  ? 53  HIS 1 CA    1 
ATOM   391  C C     . HIS A 1 53  ? 7.246   0.317   -15.995 1.00 43.48  ? 53  HIS 1 C     1 
ATOM   392  O O     . HIS A 1 53  ? 8.041   1.256   -15.971 1.00 39.30  ? 53  HIS 1 O     1 
ATOM   393  C CB    . HIS A 1 53  ? 8.067   -1.613  -17.350 1.00 52.63  ? 53  HIS 1 CB    1 
ATOM   394  C CG    . HIS A 1 53  ? 8.840   -2.894  -17.389 1.00 64.50  ? 53  HIS 1 CG    1 
ATOM   395  N ND1   . HIS A 1 53  ? 9.959   -3.112  -16.610 1.00 66.51  ? 53  HIS 1 ND1   1 
ATOM   396  C CD2   . HIS A 1 53  ? 8.645   -4.034  -18.102 1.00 65.25  ? 53  HIS 1 CD2   1 
ATOM   397  C CE1   . HIS A 1 53  ? 10.419  -4.332  -16.839 1.00 66.05  ? 53  HIS 1 CE1   1 
ATOM   398  N NE2   . HIS A 1 53  ? 9.641   -4.911  -17.739 1.00 67.27  ? 53  HIS 1 NE2   1 
ATOM   399  N N     . THR A 1 54  ? 5.938   0.503   -16.088 1.00 39.07  ? 54  THR 1 N     1 
ATOM   400  C CA    . THR A 1 54  ? 5.441   1.854   -16.145 1.00 38.03  ? 54  THR 1 CA    1 
ATOM   401  C C     . THR A 1 54  ? 5.668   2.453   -14.779 1.00 38.17  ? 54  THR 1 C     1 
ATOM   402  O O     . THR A 1 54  ? 6.286   3.495   -14.647 1.00 44.34  ? 54  THR 1 O     1 
ATOM   403  C CB    . THR A 1 54  ? 3.939   1.909   -16.478 1.00 41.57  ? 54  THR 1 CB    1 
ATOM   404  O OG1   . THR A 1 54  ? 3.690   1.224   -17.714 1.00 37.87  ? 54  THR 1 OG1   1 
ATOM   405  C CG2   . THR A 1 54  ? 3.484   3.366   -16.613 1.00 36.22  ? 54  THR 1 CG2   1 
ATOM   406  N N     . VAL A 1 55  ? 5.191   1.776   -13.748 1.00 38.37  ? 55  VAL 1 N     1 
ATOM   407  C CA    . VAL A 1 55  ? 5.344   2.287   -12.395 1.00 38.46  ? 55  VAL 1 CA    1 
ATOM   408  C C     . VAL A 1 55  ? 6.831   2.526   -12.028 1.00 40.45  ? 55  VAL 1 C     1 
ATOM   409  O O     . VAL A 1 55  ? 7.142   3.305   -11.124 1.00 40.26  ? 55  VAL 1 O     1 
ATOM   410  C CB    . VAL A 1 55  ? 4.659   1.304   -11.373 1.00 35.55  ? 55  VAL 1 CB    1 
ATOM   411  C CG1   . VAL A 1 55  ? 4.796   1.820   -9.917  1.00 29.71  ? 55  VAL 1 CG1   1 
ATOM   412  C CG2   . VAL A 1 55  ? 3.185   1.119   -11.742 1.00 31.32  ? 55  VAL 1 CG2   1 
ATOM   413  N N     . SER A 1 56  ? 7.756   1.882   -12.729 1.00 40.90  ? 56  SER 1 N     1 
ATOM   414  C CA    . SER A 1 56  ? 9.161   2.064   -12.384 1.00 44.61  ? 56  SER 1 CA    1 
ATOM   415  C C     . SER A 1 56  ? 9.697   3.427   -12.812 1.00 45.47  ? 56  SER 1 C     1 
ATOM   416  O O     . SER A 1 56  ? 10.789  3.834   -12.408 1.00 46.81  ? 56  SER 1 O     1 
ATOM   417  C CB    . SER A 1 56  ? 10.018  0.959   -13.001 1.00 45.73  ? 56  SER 1 CB    1 
ATOM   418  O OG    . SER A 1 56  ? 10.184  1.166   -14.389 1.00 48.68  ? 56  SER 1 OG    1 
ATOM   419  N N     . TYR A 1 57  ? 8.953   4.128   -13.654 1.00 46.97  ? 57  TYR 1 N     1 
ATOM   420  C CA    . TYR A 1 57  ? 9.394   5.455   -14.067 1.00 52.87  ? 57  TYR 1 CA    1 
ATOM   421  C C     . TYR A 1 57  ? 9.090   6.491   -12.969 1.00 56.61  ? 57  TYR 1 C     1 
ATOM   422  O O     . TYR A 1 57  ? 9.518   7.642   -13.060 1.00 59.23  ? 57  TYR 1 O     1 
ATOM   423  C CB    . TYR A 1 57  ? 8.678   5.885   -15.348 1.00 49.57  ? 57  TYR 1 CB    1 
ATOM   424  C CG    . TYR A 1 57  ? 9.020   5.051   -16.551 1.00 54.39  ? 57  TYR 1 CG    1 
ATOM   425  C CD1   . TYR A 1 57  ? 8.051   4.280   -17.186 1.00 52.73  ? 57  TYR 1 CD1   1 
ATOM   426  C CD2   . TYR A 1 57  ? 10.319  5.004   -17.043 1.00 53.97  ? 57  TYR 1 CD2   1 
ATOM   427  C CE1   . TYR A 1 57  ? 8.366   3.475   -18.275 1.00 50.86  ? 57  TYR 1 CE1   1 
ATOM   428  C CE2   . TYR A 1 57  ? 10.641  4.205   -18.136 1.00 54.48  ? 57  TYR 1 CE2   1 
ATOM   429  C CZ    . TYR A 1 57  ? 9.659   3.441   -18.746 1.00 51.32  ? 57  TYR 1 CZ    1 
ATOM   430  O OH    . TYR A 1 57  ? 9.963   2.649   -19.835 1.00 56.62  ? 57  TYR 1 OH    1 
ATOM   431  N N     . PHE A 1 58  ? 8.353   6.083   -11.936 1.00 55.51  ? 58  PHE 1 N     1 
ATOM   432  C CA    . PHE A 1 58  ? 7.959   7.001   -10.871 1.00 50.51  ? 58  PHE 1 CA    1 
ATOM   433  C C     . PHE A 1 58  ? 8.449   6.618   -9.491  1.00 50.84  ? 58  PHE 1 C     1 
ATOM   434  O O     . PHE A 1 58  ? 7.934   7.133   -8.491  1.00 56.87  ? 58  PHE 1 O     1 
ATOM   435  C CB    . PHE A 1 58  ? 6.429   7.126   -10.829 1.00 46.58  ? 58  PHE 1 CB    1 
ATOM   436  C CG    . PHE A 1 58  ? 5.805   7.372   -12.172 1.00 47.46  ? 58  PHE 1 CG    1 
ATOM   437  C CD1   . PHE A 1 58  ? 5.010   6.399   -12.771 1.00 47.77  ? 58  PHE 1 CD1   1 
ATOM   438  C CD2   . PHE A 1 58  ? 6.000   8.579   -12.836 1.00 47.72  ? 58  PHE 1 CD2   1 
ATOM   439  C CE1   . PHE A 1 58  ? 4.411   6.625   -14.014 1.00 51.79  ? 58  PHE 1 CE1   1 
ATOM   440  C CE2   . PHE A 1 58  ? 5.406   8.826   -14.086 1.00 52.27  ? 58  PHE 1 CE2   1 
ATOM   441  C CZ    . PHE A 1 58  ? 4.607   7.845   -14.679 1.00 53.11  ? 58  PHE 1 CZ    1 
ATOM   442  N N     . CYS A 1 59  ? 9.425   5.719   -9.420  1.00 46.17  ? 59  CYS 1 N     1 
ATOM   443  C CA    . CYS A 1 59  ? 9.945   5.299   -8.132  1.00 46.14  ? 59  CYS 1 CA    1 
ATOM   444  C C     . CYS A 1 59  ? 11.276  4.621   -8.339  1.00 48.36  ? 59  CYS 1 C     1 
ATOM   445  O O     . CYS A 1 59  ? 11.713  4.467   -9.473  1.00 52.01  ? 59  CYS 1 O     1 
ATOM   446  C CB    . CYS A 1 59  ? 8.965   4.353   -7.441  1.00 46.92  ? 59  CYS 1 CB    1 
ATOM   447  S SG    . CYS A 1 59  ? 8.799   2.768   -8.250  1.00 51.85  ? 59  CYS 1 SG    1 
ATOM   448  N N     . ASP A 1 60  ? 11.910  4.191   -7.253  1.00 49.97  ? 60  ASP 1 N     1 
ATOM   449  C CA    . ASP A 1 60  ? 13.230  3.575   -7.342  1.00 56.62  ? 60  ASP 1 CA    1 
ATOM   450  C C     . ASP A 1 60  ? 13.289  2.111   -7.748  1.00 61.18  ? 60  ASP 1 C     1 
ATOM   451  O O     . ASP A 1 60  ? 14.278  1.665   -8.340  1.00 65.56  ? 60  ASP 1 O     1 
ATOM   452  C CB    . ASP A 1 60  ? 13.969  3.770   -6.017  1.00 59.49  ? 60  ASP 1 CB    1 
ATOM   453  C CG    . ASP A 1 60  ? 14.073  5.237   -5.631  1.00 64.19  ? 60  ASP 1 CG    1 
ATOM   454  O OD1   . ASP A 1 60  ? 13.652  5.596   -4.506  1.00 70.35  ? 60  ASP 1 OD1   1 
ATOM   455  O OD2   . ASP A 1 60  ? 14.564  6.037   -6.461  1.00 54.26  ? 60  ASP 1 OD2   1 
ATOM   456  N N     . HIS A 1 61  ? 12.249  1.352   -7.431  1.00 59.49  ? 61  HIS 1 N     1 
ATOM   457  C CA    . HIS A 1 61  ? 12.246  -0.055  -7.788  1.00 54.38  ? 61  HIS 1 CA    1 
ATOM   458  C C     . HIS A 1 61  ? 10.862  -0.609  -7.580  1.00 52.29  ? 61  HIS 1 C     1 
ATOM   459  O O     . HIS A 1 61  ? 10.156  -0.189  -6.675  1.00 55.11  ? 61  HIS 1 O     1 
ATOM   460  C CB    . HIS A 1 61  ? 13.236  -0.832  -6.928  1.00 56.24  ? 61  HIS 1 CB    1 
ATOM   461  C CG    . HIS A 1 61  ? 13.404  -2.257  -7.349  1.00 57.50  ? 61  HIS 1 CG    1 
ATOM   462  N ND1   . HIS A 1 61  ? 14.108  -2.622  -8.480  1.00 56.99  ? 61  HIS 1 ND1   1 
ATOM   463  C CD2   . HIS A 1 61  ? 12.920  -3.406  -6.817  1.00 58.15  ? 61  HIS 1 CD2   1 
ATOM   464  C CE1   . HIS A 1 61  ? 14.049  -3.935  -8.624  1.00 59.69  ? 61  HIS 1 CE1   1 
ATOM   465  N NE2   . HIS A 1 61  ? 13.334  -4.435  -7.629  1.00 59.22  ? 61  HIS 1 NE2   1 
ATOM   466  N N     . VAL A 1 62  ? 10.489  -1.569  -8.414  1.00 49.76  ? 62  VAL 1 N     1 
ATOM   467  C CA    . VAL A 1 62  ? 9.174   -2.189  -8.337  1.00 46.09  ? 62  VAL 1 CA    1 
ATOM   468  C C     . VAL A 1 62  ? 9.297   -3.696  -8.155  1.00 46.21  ? 62  VAL 1 C     1 
ATOM   469  O O     . VAL A 1 62  ? 9.856   -4.387  -9.005  1.00 47.86  ? 62  VAL 1 O     1 
ATOM   470  C CB    . VAL A 1 62  ? 8.369   -1.924  -9.641  1.00 45.58  ? 62  VAL 1 CB    1 
ATOM   471  C CG1   . VAL A 1 62  ? 6.968   -2.533  -9.541  1.00 33.63  ? 62  VAL 1 CG1   1 
ATOM   472  C CG2   . VAL A 1 62  ? 8.323   -0.433  -9.922  1.00 34.73  ? 62  VAL 1 CG2   1 
ATOM   473  N N     . TYR A 1 63  ? 8.779   -4.214  -7.050  1.00 47.71  ? 63  TYR 1 N     1 
ATOM   474  C CA    . TYR A 1 63  ? 8.825   -5.655  -6.811  1.00 44.39  ? 63  TYR 1 CA    1 
ATOM   475  C C     . TYR A 1 63  ? 7.536   -6.264  -7.336  1.00 47.66  ? 63  TYR 1 C     1 
ATOM   476  O O     . TYR A 1 63  ? 6.432   -5.936  -6.896  1.00 44.70  ? 63  TYR 1 O     1 
ATOM   477  C CB    . TYR A 1 63  ? 8.951   -5.975  -5.327  1.00 43.30  ? 63  TYR 1 CB    1 
ATOM   478  C CG    . TYR A 1 63  ? 10.217  -5.468  -4.693  1.00 50.91  ? 63  TYR 1 CG    1 
ATOM   479  C CD1   . TYR A 1 63  ? 10.213  -4.323  -3.893  1.00 49.02  ? 63  TYR 1 CD1   1 
ATOM   480  C CD2   . TYR A 1 63  ? 11.419  -6.146  -4.865  1.00 53.82  ? 63  TYR 1 CD2   1 
ATOM   481  C CE1   . TYR A 1 63  ? 11.379  -3.870  -3.277  1.00 52.65  ? 63  TYR 1 CE1   1 
ATOM   482  C CE2   . TYR A 1 63  ? 12.584  -5.702  -4.258  1.00 57.53  ? 63  TYR 1 CE2   1 
ATOM   483  C CZ    . TYR A 1 63  ? 12.556  -4.562  -3.466  1.00 57.74  ? 63  TYR 1 CZ    1 
ATOM   484  O OH    . TYR A 1 63  ? 13.720  -4.112  -2.893  1.00 65.52  ? 63  TYR 1 OH    1 
ATOM   485  N N     . SER A 1 64  ? 7.684   -7.170  -8.286  1.00 54.06  ? 64  SER 1 N     1 
ATOM   486  C CA    . SER A 1 64  ? 6.536   -7.822  -8.880  1.00 53.21  ? 64  SER 1 CA    1 
ATOM   487  C C     . SER A 1 64  ? 6.253   -9.181  -8.227  1.00 54.30  ? 64  SER 1 C     1 
ATOM   488  O O     . SER A 1 64  ? 7.153   -9.826  -7.678  1.00 55.48  ? 64  SER 1 O     1 
ATOM   489  C CB    . SER A 1 64  ? 6.788   -7.975  -10.378 1.00 47.94  ? 64  SER 1 CB    1 
ATOM   490  O OG    . SER A 1 64  ? 5.747   -8.692  -10.996 1.00 55.01  ? 64  SER 1 OG    1 
ATOM   491  N N     . GLU A 1 65  ? 4.988   -9.595  -8.279  1.00 58.76  ? 65  GLU 1 N     1 
ATOM   492  C CA    . GLU A 1 65  ? 4.540   -10.875 -7.722  1.00 62.63  ? 65  GLU 1 CA    1 
ATOM   493  C C     . GLU A 1 65  ? 5.223   -11.995 -8.495  1.00 65.61  ? 65  GLU 1 C     1 
ATOM   494  O O     . GLU A 1 65  ? 5.484   -13.070 -7.947  1.00 71.25  ? 65  GLU 1 O     1 
ATOM   495  C CB    . GLU A 1 65  ? 3.007   -10.989 -7.858  1.00 61.19  ? 65  GLU 1 CB    1 
ATOM   496  C CG    . GLU A 1 65  ? 2.363   -12.246 -7.268  1.00 62.56  ? 65  GLU 1 CG    1 
ATOM   497  C CD    . GLU A 1 65  ? 2.542   -12.364 -5.769  1.00 58.89  ? 65  GLU 1 CD    1 
ATOM   498  O OE1   . GLU A 1 65  ? 2.231   -11.397 -5.052  1.00 63.74  ? 65  GLU 1 OE1   1 
ATOM   499  O OE2   . GLU A 1 65  ? 2.986   -13.426 -5.297  1.00 63.55  ? 65  GLU 1 OE2   1 
ATOM   500  N N     . HIS A 1 66  ? 5.513   -11.713 -9.768  1.00 68.38  ? 66  HIS 1 N     1 
ATOM   501  C CA    . HIS A 1 66  ? 6.158   -12.646 -10.686 1.00 71.68  ? 66  HIS 1 CA    1 
ATOM   502  C C     . HIS A 1 66  ? 7.668   -12.745 -10.458 1.00 75.71  ? 66  HIS 1 C     1 
ATOM   503  O O     . HIS A 1 66  ? 8.366   -13.470 -11.177 1.00 79.58  ? 66  HIS 1 O     1 
ATOM   504  C CB    . HIS A 1 66  ? 5.900   -12.202 -12.126 1.00 72.32  ? 66  HIS 1 CB    1 
ATOM   505  C CG    . HIS A 1 66  ? 4.473   -11.846 -12.399 1.00 77.58  ? 66  HIS 1 CG    1 
ATOM   506  N ND1   . HIS A 1 66  ? 3.420   -12.670 -12.060 1.00 83.58  ? 66  HIS 1 ND1   1 
ATOM   507  C CD2   . HIS A 1 66  ? 3.922   -10.747 -12.965 1.00 78.62  ? 66  HIS 1 CD2   1 
ATOM   508  C CE1   . HIS A 1 66  ? 2.283   -12.091 -12.402 1.00 84.87  ? 66  HIS 1 CE1   1 
ATOM   509  N NE2   . HIS A 1 66  ? 2.560   -10.923 -12.954 1.00 82.87  ? 66  HIS 1 NE2   1 
ATOM   510  N N     . GLY A 1 67  ? 8.168   -12.018 -9.460  1.00 76.17  ? 67  GLY 1 N     1 
ATOM   511  C CA    . GLY A 1 67  ? 9.590   -12.034 -9.175  1.00 77.05  ? 67  GLY 1 CA    1 
ATOM   512  C C     . GLY A 1 67  ? 10.361  -11.215 -10.195 1.00 79.71  ? 67  GLY 1 C     1 
ATOM   513  O O     . GLY A 1 67  ? 9.804   -10.317 -10.830 1.00 76.49  ? 67  GLY 1 O     1 
ATOM   514  N N     . GLU A 1 68  ? 11.645  -11.522 -10.357 1.00 84.71  ? 68  GLU 1 N     1 
ATOM   515  C CA    . GLU A 1 68  ? 12.485  -10.808 -11.313 1.00 90.79  ? 68  GLU 1 CA    1 
ATOM   516  C C     . GLU A 1 68  ? 12.811  -11.691 -12.519 1.00 93.17  ? 68  GLU 1 C     1 
ATOM   517  O O     . GLU A 1 68  ? 12.228  -11.524 -13.596 1.00 97.35  ? 68  GLU 1 O     1 
ATOM   518  C CB    . GLU A 1 68  ? 13.774  -10.336 -10.634 1.00 92.81  ? 68  GLU 1 CB    1 
ATOM   519  C CG    . GLU A 1 68  ? 14.666  -9.479  -11.517 1.00 96.41  ? 68  GLU 1 CG    1 
ATOM   520  C CD    . GLU A 1 68  ? 15.823  -8.865  -10.749 1.00 101.52 ? 68  GLU 1 CD    1 
ATOM   521  O OE1   . GLU A 1 68  ? 15.581  -7.945  -9.927  1.00 101.41 ? 68  GLU 1 OE1   1 
ATOM   522  O OE2   . GLU A 1 68  ? 16.973  -9.312  -10.962 1.00 104.25 ? 68  GLU 1 OE2   1 
ATOM   523  N N     . ASN A 1 69  ? 13.745  -12.623 -12.346 1.00 92.79  ? 69  ASN 1 N     1 
ATOM   524  C CA    . ASN A 1 69  ? 14.114  -13.523 -13.440 1.00 91.84  ? 69  ASN 1 CA    1 
ATOM   525  C C     . ASN A 1 69  ? 13.595  -14.897 -13.088 1.00 88.89  ? 69  ASN 1 C     1 
ATOM   526  O O     . ASN A 1 69  ? 14.283  -15.902 -13.273 1.00 87.37  ? 69  ASN 1 O     1 
ATOM   527  C CB    . ASN A 1 69  ? 15.637  -13.574 -13.630 1.00 93.70  ? 69  ASN 1 CB    1 
ATOM   528  C CG    . ASN A 1 69  ? 16.198  -12.275 -14.186 1.00 96.77  ? 69  ASN 1 CG    1 
ATOM   529  O OD1   . ASN A 1 69  ? 15.781  -11.811 -15.252 1.00 97.92  ? 69  ASN 1 OD1   1 
ATOM   530  N ND2   . ASN A 1 69  ? 17.149  -11.681 -13.466 1.00 98.10  ? 69  ASN 1 ND2   1 
ATOM   531  N N     . GLY A 1 70  ? 12.372  -14.925 -12.570 1.00 87.43  ? 70  GLY 1 N     1 
ATOM   532  C CA    . GLY A 1 70  ? 11.765  -16.178 -12.174 1.00 86.18  ? 70  GLY 1 CA    1 
ATOM   533  C C     . GLY A 1 70  ? 11.976  -16.451 -10.695 1.00 86.06  ? 70  GLY 1 C     1 
ATOM   534  O O     . GLY A 1 70  ? 11.523  -17.470 -10.171 1.00 89.64  ? 70  GLY 1 O     1 
ATOM   535  N N     . LYS A 1 71  ? 12.675  -15.553 -10.010 1.00 81.82  ? 71  LYS 1 N     1 
ATOM   536  C CA    . LYS A 1 71  ? 12.904  -15.746 -8.590  1.00 80.53  ? 71  LYS 1 CA    1 
ATOM   537  C C     . LYS A 1 71  ? 11.995  -14.798 -7.837  1.00 82.09  ? 71  LYS 1 C     1 
ATOM   538  O O     . LYS A 1 71  ? 12.033  -13.585 -8.066  1.00 82.57  ? 71  LYS 1 O     1 
ATOM   539  C CB    . LYS A 1 71  ? 14.368  -15.469 -8.220  1.00 77.18  ? 71  LYS 1 CB    1 
ATOM   540  C CG    . LYS A 1 71  ? 14.732  -15.794 -6.762  1.00 67.29  ? 71  LYS 1 CG    1 
ATOM   541  C CD    . LYS A 1 71  ? 16.198  -15.505 -6.523  1.00 69.54  ? 71  LYS 1 CD    1 
ATOM   542  C CE    . LYS A 1 71  ? 16.551  -15.433 -5.050  1.00 69.26  ? 71  LYS 1 CE    1 
ATOM   543  N NZ    . LYS A 1 71  ? 18.001  -15.092 -4.835  1.00 65.12  ? 71  LYS 1 NZ    1 
ATOM   544  N N     . ARG A 1 72  ? 11.167  -15.358 -6.954  1.00 81.97  ? 72  ARG 1 N     1 
ATOM   545  C CA    . ARG A 1 72  ? 10.254  -14.554 -6.149  1.00 79.79  ? 72  ARG 1 CA    1 
ATOM   546  C C     . ARG A 1 72  ? 11.051  -13.606 -5.262  1.00 77.21  ? 72  ARG 1 C     1 
ATOM   547  O O     . ARG A 1 72  ? 12.062  -13.998 -4.658  1.00 74.68  ? 72  ARG 1 O     1 
ATOM   548  C CB    . ARG A 1 72  ? 9.370   -15.440 -5.262  1.00 79.88  ? 72  ARG 1 CB    1 
ATOM   549  C CG    . ARG A 1 72  ? 8.432   -16.387 -6.010  1.00 85.15  ? 72  ARG 1 CG    1 
ATOM   550  C CD    . ARG A 1 72  ? 7.590   -15.674 -7.071  1.00 88.20  ? 72  ARG 1 CD    1 
ATOM   551  N NE    . ARG A 1 72  ? 8.246   -15.688 -8.382  1.00 90.83  ? 72  ARG 1 NE    1 
ATOM   552  C CZ    . ARG A 1 72  ? 8.330   -16.757 -9.175  1.00 90.07  ? 72  ARG 1 CZ    1 
ATOM   553  N NH1   . ARG A 1 72  ? 7.794   -17.917 -8.804  1.00 87.99  ? 72  ARG 1 NH1   1 
ATOM   554  N NH2   . ARG A 1 72  ? 8.957   -16.668 -10.343 1.00 91.36  ? 72  ARG 1 NH2   1 
ATOM   555  N N     . HIS A 1 73  ? 10.602  -12.354 -5.198  1.00 74.92  ? 73  HIS 1 N     1 
ATOM   556  C CA    . HIS A 1 73  ? 11.260  -11.363 -4.362  1.00 73.48  ? 73  HIS 1 CA    1 
ATOM   557  C C     . HIS A 1 73  ? 11.079  -11.752 -2.887  1.00 73.91  ? 73  HIS 1 C     1 
ATOM   558  O O     . HIS A 1 73  ? 10.134  -12.478 -2.550  1.00 74.06  ? 73  HIS 1 O     1 
ATOM   559  C CB    . HIS A 1 73  ? 10.679  -9.989  -4.662  1.00 66.65  ? 73  HIS 1 CB    1 
ATOM   560  C CG    . HIS A 1 73  ? 11.251  -9.361  -5.897  1.00 70.72  ? 73  HIS 1 CG    1 
ATOM   561  N ND1   . HIS A 1 73  ? 10.485  -9.042  -6.999  1.00 71.78  ? 73  HIS 1 ND1   1 
ATOM   562  C CD2   . HIS A 1 73  ? 12.512  -8.953  -6.187  1.00 70.27  ? 73  HIS 1 CD2   1 
ATOM   563  C CE1   . HIS A 1 73  ? 11.247  -8.460  -7.911  1.00 71.70  ? 73  HIS 1 CE1   1 
ATOM   564  N NE2   . HIS A 1 73  ? 12.481  -8.392  -7.442  1.00 70.69  ? 73  HIS 1 NE2   1 
ATOM   565  N N     . SER A 1 74  ? 11.989  -11.311 -2.013  1.00 73.26  ? 74  SER 1 N     1 
ATOM   566  C CA    . SER A 1 74  ? 11.883  -11.666 -0.590  1.00 73.77  ? 74  SER 1 CA    1 
ATOM   567  C C     . SER A 1 74  ? 11.024  -10.707 0.236   1.00 72.19  ? 74  SER 1 C     1 
ATOM   568  O O     . SER A 1 74  ? 11.274  -9.494  0.278   1.00 68.69  ? 74  SER 1 O     1 
ATOM   569  C CB    . SER A 1 74  ? 13.271  -11.776 0.050   1.00 75.97  ? 74  SER 1 CB    1 
ATOM   570  O OG    . SER A 1 74  ? 13.178  -12.278 1.380   1.00 76.53  ? 74  SER 1 OG    1 
ATOM   571  N N     . HIS A 1 75  ? 10.010  -11.272 0.892   1.00 72.87  ? 75  HIS 1 N     1 
ATOM   572  C CA    . HIS A 1 75  ? 9.093   -10.510 1.740   1.00 74.83  ? 75  HIS 1 CA    1 
ATOM   573  C C     . HIS A 1 75  ? 9.823   -10.016 2.995   1.00 75.55  ? 75  HIS 1 C     1 
ATOM   574  O O     . HIS A 1 75  ? 9.583   -8.903  3.468   1.00 76.25  ? 75  HIS 1 O     1 
ATOM   575  C CB    . HIS A 1 75  ? 7.893   -11.380 2.139   1.00 71.79  ? 75  HIS 1 CB    1 
ATOM   576  C CG    . HIS A 1 75  ? 8.278   -12.662 2.809   1.00 72.29  ? 75  HIS 1 CG    1 
ATOM   577  N ND1   . HIS A 1 75  ? 7.743   -13.063 4.014   1.00 74.15  ? 75  HIS 1 ND1   1 
ATOM   578  C CD2   . HIS A 1 75  ? 9.178   -13.614 2.463   1.00 71.31  ? 75  HIS 1 CD2   1 
ATOM   579  C CE1   . HIS A 1 75  ? 8.301   -14.203 4.385   1.00 72.43  ? 75  HIS 1 CE1   1 
ATOM   580  N NE2   . HIS A 1 75  ? 9.177   -14.558 3.462   1.00 70.39  ? 75  HIS 1 NE2   1 
ATOM   581  N N     . VAL A 1 76  ? 10.718  -10.844 3.532   1.00 77.35  ? 76  VAL 1 N     1 
ATOM   582  C CA    . VAL A 1 76  ? 11.477  -10.462 4.719   1.00 79.80  ? 76  VAL 1 CA    1 
ATOM   583  C C     . VAL A 1 76  ? 12.486  -9.369  4.351   1.00 78.68  ? 76  VAL 1 C     1 
ATOM   584  O O     . VAL A 1 76  ? 12.745  -8.459  5.141   1.00 76.07  ? 76  VAL 1 O     1 
ATOM   585  C CB    . VAL A 1 76  ? 12.238  -11.672 5.337   1.00 82.01  ? 76  VAL 1 CB    1 
ATOM   586  C CG1   . VAL A 1 76  ? 11.281  -12.850 5.515   1.00 81.23  ? 76  VAL 1 CG1   1 
ATOM   587  C CG2   . VAL A 1 76  ? 13.431  -12.053 4.463   1.00 82.47  ? 76  VAL 1 CG2   1 
ATOM   588  N N     . GLU A 1 77  ? 13.048  -9.464  3.148   1.00 77.40  ? 77  GLU 1 N     1 
ATOM   589  C CA    . GLU A 1 77  ? 14.008  -8.475  2.685   1.00 75.56  ? 77  GLU 1 CA    1 
ATOM   590  C C     . GLU A 1 77  ? 13.319  -7.154  2.425   1.00 72.37  ? 77  GLU 1 C     1 
ATOM   591  O O     . GLU A 1 77  ? 13.791  -6.112  2.879   1.00 74.98  ? 77  GLU 1 O     1 
ATOM   592  C CB    . GLU A 1 77  ? 14.705  -8.934  1.403   1.00 80.65  ? 77  GLU 1 CB    1 
ATOM   593  C CG    . GLU A 1 77  ? 15.612  -10.137 1.583   1.00 93.26  ? 77  GLU 1 CG    1 
ATOM   594  C CD    . GLU A 1 77  ? 16.785  -9.870  2.515   1.00 99.25  ? 77  GLU 1 CD    1 
ATOM   595  O OE1   . GLU A 1 77  ? 16.563  -9.583  3.719   1.00 102.63 ? 77  GLU 1 OE1   1 
ATOM   596  O OE2   . GLU A 1 77  ? 17.937  -9.952  2.033   1.00 102.81 ? 77  GLU 1 OE2   1 
ATOM   597  N N     . ILE A 1 78  ? 12.205  -7.173  1.698   1.00 68.02  ? 78  ILE 1 N     1 
ATOM   598  C CA    . ILE A 1 78  ? 11.533  -5.912  1.425   1.00 65.65  ? 78  ILE 1 CA    1 
ATOM   599  C C     . ILE A 1 78  ? 10.814  -5.427  2.677   1.00 64.81  ? 78  ILE 1 C     1 
ATOM   600  O O     . ILE A 1 78  ? 10.719  -4.224  2.911   1.00 67.10  ? 78  ILE 1 O     1 
ATOM   601  C CB    . ILE A 1 78  ? 10.544  -6.008  0.219   1.00 65.25  ? 78  ILE 1 CB    1 
ATOM   602  C CG1   . ILE A 1 78  ? 9.302   -6.803  0.599   1.00 63.32  ? 78  ILE 1 CG1   1 
ATOM   603  C CG2   . ILE A 1 78  ? 11.246  -6.641  -0.990  1.00 63.82  ? 78  ILE 1 CG2   1 
ATOM   604  C CD1   . ILE A 1 78  ? 8.286   -6.820  -0.493  1.00 57.34  ? 78  ILE 1 CD1   1 
ATOM   605  N N     . GLY A 1 79  ? 10.327  -6.367  3.485   1.00 62.38  ? 79  GLY 1 N     1 
ATOM   606  C CA    . GLY A 1 79  ? 9.660   -6.012  4.720   1.00 59.16  ? 79  GLY 1 CA    1 
ATOM   607  C C     . GLY A 1 79  ? 10.630  -5.315  5.670   1.00 62.95  ? 79  GLY 1 C     1 
ATOM   608  O O     . GLY A 1 79  ? 10.274  -4.332  6.306   1.00 62.40  ? 79  GLY 1 O     1 
ATOM   609  N N     . ARG A 1 80  ? 11.863  -5.814  5.765   1.00 65.20  ? 80  ARG 1 N     1 
ATOM   610  C CA    . ARG A 1 80  ? 12.864  -5.214  6.645   1.00 66.41  ? 80  ARG 1 CA    1 
ATOM   611  C C     . ARG A 1 80  ? 13.478  -3.971  6.037   1.00 64.00  ? 80  ARG 1 C     1 
ATOM   612  O O     . ARG A 1 80  ? 13.772  -3.016  6.753   1.00 64.53  ? 80  ARG 1 O     1 
ATOM   613  C CB    . ARG A 1 80  ? 13.977  -6.212  6.984   1.00 70.80  ? 80  ARG 1 CB    1 
ATOM   614  C CG    . ARG A 1 80  ? 13.620  -7.156  8.120   1.00 78.32  ? 80  ARG 1 CG    1 
ATOM   615  C CD    . ARG A 1 80  ? 14.870  -7.787  8.735   1.00 85.83  ? 80  ARG 1 CD    1 
ATOM   616  N NE    . ARG A 1 80  ? 14.570  -8.574  9.937   1.00 91.41  ? 80  ARG 1 NE    1 
ATOM   617  C CZ    . ARG A 1 80  ? 13.912  -9.735  9.941   1.00 94.91  ? 80  ARG 1 CZ    1 
ATOM   618  N NH1   . ARG A 1 80  ? 13.478  -10.262 8.799   1.00 95.48  ? 80  ARG 1 NH1   1 
ATOM   619  N NH2   . ARG A 1 80  ? 13.687  -10.375 11.088  1.00 94.34  ? 80  ARG 1 NH2   1 
ATOM   620  N N     . TRP A 1 81  ? 13.667  -3.992  4.719   1.00 61.52  ? 81  TRP 1 N     1 
ATOM   621  C CA    . TRP A 1 81  ? 14.242  -2.861  3.979   1.00 59.02  ? 81  TRP 1 CA    1 
ATOM   622  C C     . TRP A 1 81  ? 13.499  -1.566  4.253   1.00 58.96  ? 81  TRP 1 C     1 
ATOM   623  O O     . TRP A 1 81  ? 14.113  -0.507  4.445   1.00 61.53  ? 81  TRP 1 O     1 
ATOM   624  C CB    . TRP A 1 81  ? 14.182  -3.106  2.460   1.00 54.97  ? 81  TRP 1 CB    1 
ATOM   625  C CG    . TRP A 1 81  ? 14.578  -1.892  1.642   1.00 49.83  ? 81  TRP 1 CG    1 
ATOM   626  C CD1   . TRP A 1 81  ? 15.845  -1.511  1.315   1.00 49.84  ? 81  TRP 1 CD1   1 
ATOM   627  C CD2   . TRP A 1 81  ? 13.709  -0.854  1.148   1.00 42.44  ? 81  TRP 1 CD2   1 
ATOM   628  N NE1   . TRP A 1 81  ? 15.825  -0.305  0.658   1.00 49.11  ? 81  TRP 1 NE1   1 
ATOM   629  C CE2   . TRP A 1 81  ? 14.527  0.124   0.544   1.00 46.42  ? 81  TRP 1 CE2   1 
ATOM   630  C CE3   . TRP A 1 81  ? 12.322  -0.654  1.165   1.00 43.19  ? 81  TRP 1 CE3   1 
ATOM   631  C CZ2   . TRP A 1 81  ? 14.004  1.296   -0.039  1.00 44.19  ? 81  TRP 1 CZ2   1 
ATOM   632  C CZ3   . TRP A 1 81  ? 11.797  0.513   0.585   1.00 42.82  ? 81  TRP 1 CZ3   1 
ATOM   633  C CH2   . TRP A 1 81  ? 12.643  1.471   -0.008  1.00 43.78  ? 81  TRP 1 CH2   1 
ATOM   634  N N     . ALA A 1 82  ? 12.174  -1.662  4.242   1.00 58.50  ? 82  ALA 1 N     1 
ATOM   635  C CA    . ALA A 1 82  ? 11.321  -0.506  4.435   1.00 60.12  ? 82  ALA 1 CA    1 
ATOM   636  C C     . ALA A 1 82  ? 11.153  -0.117  5.898   1.00 61.41  ? 82  ALA 1 C     1 
ATOM   637  O O     . ALA A 1 82  ? 11.104  -0.977  6.782   1.00 59.84  ? 82  ALA 1 O     1 
ATOM   638  C CB    . ALA A 1 82  ? 9.958   -0.770  3.794   1.00 54.55  ? 82  ALA 1 CB    1 
ATOM   639  N N     . ASP A 1 83  ? 11.091  1.193   6.137   1.00 60.78  ? 83  ASP 1 N     1 
ATOM   640  C CA    . ASP A 1 83  ? 10.889  1.735   7.478   1.00 61.80  ? 83  ASP 1 CA    1 
ATOM   641  C C     . ASP A 1 83  ? 9.387   1.925   7.614   1.00 61.92  ? 83  ASP 1 C     1 
ATOM   642  O O     . ASP A 1 83  ? 8.810   1.750   8.692   1.00 63.63  ? 83  ASP 1 O     1 
ATOM   643  C CB    . ASP A 1 83  ? 11.577  3.098   7.647   1.00 63.18  ? 83  ASP 1 CB    1 
ATOM   644  C CG    . ASP A 1 83  ? 13.080  3.010   7.555   1.00 64.95  ? 83  ASP 1 CG    1 
ATOM   645  O OD1   . ASP A 1 83  ? 13.659  2.137   8.242   1.00 68.78  ? 83  ASP 1 OD1   1 
ATOM   646  O OD2   . ASP A 1 83  ? 13.676  3.816   6.803   1.00 62.44  ? 83  ASP 1 OD2   1 
ATOM   647  N N     . ILE A 1 84  ? 8.762   2.303   6.505   1.00 58.24  ? 84  ILE 1 N     1 
ATOM   648  C CA    . ILE A 1 84  ? 7.327   2.502   6.481   1.00 56.62  ? 84  ILE 1 CA    1 
ATOM   649  C C     . ILE A 1 84  ? 6.718   1.729   5.313   1.00 59.59  ? 84  ILE 1 C     1 
ATOM   650  O O     . ILE A 1 84  ? 7.203   1.801   4.175   1.00 58.92  ? 84  ILE 1 O     1 
ATOM   651  C CB    . ILE A 1 84  ? 6.980   3.997   6.334   1.00 57.38  ? 84  ILE 1 CB    1 
ATOM   652  C CG1   . ILE A 1 84  ? 7.519   4.771   7.546   1.00 55.05  ? 84  ILE 1 CG1   1 
ATOM   653  C CG2   . ILE A 1 84  ? 5.458   4.177   6.203   1.00 49.19  ? 84  ILE 1 CG2   1 
ATOM   654  C CD1   . ILE A 1 84  ? 7.560   6.274   7.334   1.00 57.47  ? 84  ILE 1 CD1   1 
ATOM   655  N N     . TYR A 1 85  ? 5.664   0.968   5.607   1.00 58.61  ? 85  TYR 1 N     1 
ATOM   656  C CA    . TYR A 1 85  ? 4.966   0.192   4.583   1.00 49.79  ? 85  TYR 1 CA    1 
ATOM   657  C C     . TYR A 1 85  ? 3.534   0.692   4.497   1.00 48.39  ? 85  TYR 1 C     1 
ATOM   658  O O     . TYR A 1 85  ? 2.732   0.572   5.430   1.00 47.40  ? 85  TYR 1 O     1 
ATOM   659  C CB    . TYR A 1 85  ? 4.998   -1.303  4.916   1.00 45.09  ? 85  TYR 1 CB    1 
ATOM   660  C CG    . TYR A 1 85  ? 4.308   -2.202  3.901   1.00 43.45  ? 85  TYR 1 CG    1 
ATOM   661  C CD1   . TYR A 1 85  ? 4.413   -1.961  2.532   1.00 39.85  ? 85  TYR 1 CD1   1 
ATOM   662  C CD2   . TYR A 1 85  ? 3.623   -3.352  4.319   1.00 42.23  ? 85  TYR 1 CD2   1 
ATOM   663  C CE1   . TYR A 1 85  ? 3.859   -2.854  1.598   1.00 43.93  ? 85  TYR 1 CE1   1 
ATOM   664  C CE2   . TYR A 1 85  ? 3.071   -4.248  3.406   1.00 46.36  ? 85  TYR 1 CE2   1 
ATOM   665  C CZ    . TYR A 1 85  ? 3.191   -3.998  2.043   1.00 47.55  ? 85  TYR 1 CZ    1 
ATOM   666  O OH    . TYR A 1 85  ? 2.643   -4.899  1.150   1.00 46.11  ? 85  TYR 1 OH    1 
ATOM   667  N N     . CYS A 1 86  ? 3.223   1.261   3.351   1.00 49.56  ? 86  CYS 1 N     1 
ATOM   668  C CA    . CYS A 1 86  ? 1.916   1.805   3.128   1.00 49.37  ? 86  CYS 1 CA    1 
ATOM   669  C C     . CYS A 1 86  ? 1.294   1.167   1.887   1.00 47.64  ? 86  CYS 1 C     1 
ATOM   670  O O     . CYS A 1 86  ? 1.892   1.143   0.811   1.00 48.65  ? 86  CYS 1 O     1 
ATOM   671  C CB    . CYS A 1 86  ? 2.061   3.329   2.991   1.00 51.81  ? 86  CYS 1 CB    1 
ATOM   672  S SG    . CYS A 1 86  ? 0.634   4.147   2.336   1.00 71.26  ? 86  CYS 1 SG    1 
ATOM   673  N N     . ILE A 1 87  ? 0.095   0.621   2.048   1.00 48.73  ? 87  ILE 1 N     1 
ATOM   674  C CA    . ILE A 1 87  ? -0.606  0.003   0.936   1.00 44.58  ? 87  ILE 1 CA    1 
ATOM   675  C C     . ILE A 1 87  ? -1.678  0.942   0.383   1.00 47.76  ? 87  ILE 1 C     1 
ATOM   676  O O     . ILE A 1 87  ? -2.690  1.201   1.032   1.00 47.59  ? 87  ILE 1 O     1 
ATOM   677  C CB    . ILE A 1 87  ? -1.256  -1.329  1.365   1.00 45.87  ? 87  ILE 1 CB    1 
ATOM   678  C CG1   . ILE A 1 87  ? -0.152  -2.313  1.789   1.00 43.53  ? 87  ILE 1 CG1   1 
ATOM   679  C CG2   . ILE A 1 87  ? -2.129  -1.898  0.208   1.00 36.23  ? 87  ILE 1 CG2   1 
ATOM   680  C CD1   . ILE A 1 87  ? -0.666  -3.656  2.335   1.00 40.90  ? 87  ILE 1 CD1   1 
ATOM   681  N N     . ILE A 1 88  ? -1.434  1.459   -0.813  1.00 46.62  ? 88  ILE 1 N     1 
ATOM   682  C CA    . ILE A 1 88  ? -2.365  2.349   -1.480  1.00 46.20  ? 88  ILE 1 CA    1 
ATOM   683  C C     . ILE A 1 88  ? -2.333  2.132   -3.007  1.00 45.39  ? 88  ILE 1 C     1 
ATOM   684  O O     . ILE A 1 88  ? -1.306  2.295   -3.661  1.00 45.81  ? 88  ILE 1 O     1 
ATOM   685  C CB    . ILE A 1 88  ? -2.034  3.847   -1.155  1.00 53.73  ? 88  ILE 1 CB    1 
ATOM   686  C CG1   . ILE A 1 88  ? -2.973  4.769   -1.951  1.00 55.19  ? 88  ILE 1 CG1   1 
ATOM   687  C CG2   . ILE A 1 88  ? -0.551  4.176   -1.479  1.00 43.75  ? 88  ILE 1 CG2   1 
ATOM   688  C CD1   . ILE A 1 88  ? -2.869  6.233   -1.568  1.00 58.00  ? 88  ILE 1 CD1   1 
ATOM   689  N N     . PRO A 1 89  ? -3.465  1.755   -3.592  1.00 44.31  ? 89  PRO 1 N     1 
ATOM   690  C CA    . PRO A 1 89  ? -4.730  1.531   -2.895  1.00 44.97  ? 89  PRO 1 CA    1 
ATOM   691  C C     . PRO A 1 89  ? -4.814  0.105   -2.380  1.00 48.16  ? 89  PRO 1 C     1 
ATOM   692  O O     . PRO A 1 89  ? -4.174  -0.798  -2.921  1.00 44.05  ? 89  PRO 1 O     1 
ATOM   693  C CB    . PRO A 1 89  ? -5.767  1.801   -3.975  1.00 45.30  ? 89  PRO 1 CB    1 
ATOM   694  C CG    . PRO A 1 89  ? -5.080  1.306   -5.214  1.00 44.47  ? 89  PRO 1 CG    1 
ATOM   695  C CD    . PRO A 1 89  ? -3.663  1.820   -5.052  1.00 41.85  ? 89  PRO 1 CD    1 
ATOM   696  N N     . ALA A 1 90  ? -5.626  -0.078  -1.340  1.00 48.82  ? 90  ALA 1 N     1 
ATOM   697  C CA    . ALA A 1 90  ? -5.859  -1.364  -0.702  1.00 42.79  ? 90  ALA 1 CA    1 
ATOM   698  C C     . ALA A 1 90  ? -7.229  -1.874  -1.132  1.00 42.58  ? 90  ALA 1 C     1 
ATOM   699  O O     . ALA A 1 90  ? -8.188  -1.116  -1.119  1.00 48.10  ? 90  ALA 1 O     1 
ATOM   700  C CB    . ALA A 1 90  ? -5.824  -1.190  0.794   1.00 42.08  ? 90  ALA 1 CB    1 
ATOM   701  N N     . THR A 1 91  ? -7.319  -3.144  -1.522  1.00 39.46  ? 91  THR 1 N     1 
ATOM   702  C CA    . THR A 1 91  ? -8.584  -3.754  -1.943  1.00 38.88  ? 91  THR 1 CA    1 
ATOM   703  C C     . THR A 1 91  ? -9.310  -4.410  -0.757  1.00 41.77  ? 91  THR 1 C     1 
ATOM   704  O O     . THR A 1 91  ? -8.723  -4.653  0.312   1.00 38.76  ? 91  THR 1 O     1 
ATOM   705  C CB    . THR A 1 91  ? -8.351  -4.889  -2.966  1.00 36.78  ? 91  THR 1 CB    1 
ATOM   706  O OG1   . THR A 1 91  ? -7.342  -5.760  -2.448  1.00 35.05  ? 91  THR 1 OG1   1 
ATOM   707  C CG2   . THR A 1 91  ? -7.922  -4.351  -4.330  1.00 32.32  ? 91  THR 1 CG2   1 
ATOM   708  N N     . ALA A 1 92  ? -10.585 -4.730  -0.953  1.00 40.62  ? 92  ALA 1 N     1 
ATOM   709  C CA    . ALA A 1 92  ? -11.321 -5.402  0.103   1.00 41.26  ? 92  ALA 1 CA    1 
ATOM   710  C C     . ALA A 1 92  ? -10.541 -6.698  0.365   1.00 43.06  ? 92  ALA 1 C     1 
ATOM   711  O O     . ALA A 1 92  ? -10.305 -7.097  1.513   1.00 44.15  ? 92  ALA 1 O     1 
ATOM   712  C CB    . ALA A 1 92  ? -12.741 -5.713  -0.358  1.00 33.03  ? 92  ALA 1 CB    1 
ATOM   713  N N     . ASN A 1 93  ? -10.122 -7.334  -0.726  1.00 44.63  ? 93  ASN 1 N     1 
ATOM   714  C CA    . ASN A 1 93  ? -9.372  -8.577  -0.657  1.00 42.39  ? 93  ASN 1 CA    1 
ATOM   715  C C     . ASN A 1 93  ? -8.137  -8.457  0.246   1.00 40.95  ? 93  ASN 1 C     1 
ATOM   716  O O     . ASN A 1 93  ? -7.984  -9.228  1.193   1.00 42.79  ? 93  ASN 1 O     1 
ATOM   717  C CB    . ASN A 1 93  ? -8.961  -9.023  -2.069  1.00 40.32  ? 93  ASN 1 CB    1 
ATOM   718  C CG    . ASN A 1 93  ? -8.071  -10.246 -2.044  1.00 40.80  ? 93  ASN 1 CG    1 
ATOM   719  O OD1   . ASN A 1 93  ? -8.472  -11.305 -1.540  1.00 36.66  ? 93  ASN 1 OD1   1 
ATOM   720  N ND2   . ASN A 1 93  ? -6.844  -10.108 -2.568  1.00 27.20  ? 93  ASN 1 ND2   1 
ATOM   721  N N     . ILE A 1 94  ? -7.253  -7.502  -0.039  1.00 39.28  ? 94  ILE 1 N     1 
ATOM   722  C CA    . ILE A 1 94  ? -6.056  -7.323  0.785   1.00 40.54  ? 94  ILE 1 CA    1 
ATOM   723  C C     . ILE A 1 94  ? -6.439  -7.070  2.262   1.00 44.48  ? 94  ILE 1 C     1 
ATOM   724  O O     . ILE A 1 94  ? -5.788  -7.598  3.179   1.00 42.14  ? 94  ILE 1 O     1 
ATOM   725  C CB    . ILE A 1 94  ? -5.160  -6.171  0.207   1.00 43.14  ? 94  ILE 1 CB    1 
ATOM   726  C CG1   . ILE A 1 94  ? -3.891  -6.772  -0.435  1.00 47.48  ? 94  ILE 1 CG1   1 
ATOM   727  C CG2   . ILE A 1 94  ? -4.852  -5.118  1.249   1.00 42.77  ? 94  ILE 1 CG2   1 
ATOM   728  C CD1   . ILE A 1 94  ? -3.139  -7.766  0.377   1.00 46.49  ? 94  ILE 1 CD1   1 
ATOM   729  N N     . LEU A 1 95  ? -7.495  -6.280  2.492   1.00 42.71  ? 95  LEU 1 N     1 
ATOM   730  C CA    . LEU A 1 95  ? -7.960  -6.017  3.856   1.00 40.09  ? 95  LEU 1 CA    1 
ATOM   731  C C     . LEU A 1 95  ? -8.381  -7.345  4.484   1.00 44.20  ? 95  LEU 1 C     1 
ATOM   732  O O     . LEU A 1 95  ? -7.997  -7.640  5.627   1.00 47.17  ? 95  LEU 1 O     1 
ATOM   733  C CB    . LEU A 1 95  ? -9.154  -5.046  3.872   1.00 35.49  ? 95  LEU 1 CB    1 
ATOM   734  C CG    . LEU A 1 95  ? -8.847  -3.621  3.372   1.00 39.09  ? 95  LEU 1 CG    1 
ATOM   735  C CD1   . LEU A 1 95  ? -10.117 -2.779  3.350   1.00 37.08  ? 95  LEU 1 CD1   1 
ATOM   736  C CD2   . LEU A 1 95  ? -7.772  -2.968  4.241   1.00 35.53  ? 95  LEU 1 CD2   1 
ATOM   737  N N     . GLY A 1 96  ? -9.158  -8.145  3.740   1.00 40.00  ? 96  GLY 1 N     1 
ATOM   738  C CA    . GLY A 1 96  ? -9.603  -9.435  4.253   1.00 37.56  ? 96  GLY 1 CA    1 
ATOM   739  C C     . GLY A 1 96  ? -8.453  -10.413 4.501   1.00 43.20  ? 96  GLY 1 C     1 
ATOM   740  O O     . GLY A 1 96  ? -8.462  -11.212 5.454   1.00 40.17  ? 96  GLY 1 O     1 
ATOM   741  N N     . GLN A 1 97  ? -7.430  -10.352 3.659   1.00 42.84  ? 97  GLN 1 N     1 
ATOM   742  C CA    . GLN A 1 97  ? -6.328  -11.272 3.840   1.00 45.12  ? 97  GLN 1 CA    1 
ATOM   743  C C     . GLN A 1 97  ? -5.497  -10.881 5.043   1.00 42.54  ? 97  GLN 1 C     1 
ATOM   744  O O     . GLN A 1 97  ? -5.192  -11.727 5.898   1.00 38.84  ? 97  GLN 1 O     1 
ATOM   745  C CB    . GLN A 1 97  ? -5.437  -11.341 2.580   1.00 44.62  ? 97  GLN 1 CB    1 
ATOM   746  C CG    . GLN A 1 97  ? -5.913  -12.362 1.535   1.00 48.63  ? 97  GLN 1 CG    1 
ATOM   747  C CD    . GLN A 1 97  ? -4.966  -12.511 0.341   1.00 46.21  ? 97  GLN 1 CD    1 
ATOM   748  O OE1   . GLN A 1 97  ? -3.822  -12.941 0.485   1.00 41.50  ? 97  GLN 1 OE1   1 
ATOM   749  N NE2   . GLN A 1 97  ? -5.449  -12.154 -0.841  1.00 45.09  ? 97  GLN 1 NE2   1 
ATOM   750  N N     . THR A 1 98  ? -5.144  -9.602  5.117   1.00 39.74  ? 98  THR 1 N     1 
ATOM   751  C CA    . THR A 1 98  ? -4.289  -9.140  6.201   1.00 47.09  ? 98  THR 1 CA    1 
ATOM   752  C C     . THR A 1 98  ? -4.994  -9.210  7.553   1.00 48.80  ? 98  THR 1 C     1 
ATOM   753  O O     . THR A 1 98  ? -4.393  -9.607  8.559   1.00 46.58  ? 98  THR 1 O     1 
ATOM   754  C CB    . THR A 1 98  ? -3.773  -7.710  5.930   1.00 44.89  ? 98  THR 1 CB    1 
ATOM   755  O OG1   . THR A 1 98  ? -4.868  -6.878  5.534   1.00 46.00  ? 98  THR 1 OG1   1 
ATOM   756  C CG2   . THR A 1 98  ? -2.717  -7.731  4.817   1.00 41.51  ? 98  THR 1 CG2   1 
ATOM   757  N N     . ALA A 1 99  ? -6.274  -8.861  7.567   1.00 46.15  ? 99  ALA 1 N     1 
ATOM   758  C CA    . ALA A 1 99  ? -7.037  -8.901  8.802   1.00 47.75  ? 99  ALA 1 CA    1 
ATOM   759  C C     . ALA A 1 99  ? -7.058  -10.305 9.380   1.00 47.97  ? 99  ALA 1 C     1 
ATOM   760  O O     . ALA A 1 99  ? -7.105  -10.473 10.598  1.00 54.58  ? 99  ALA 1 O     1 
ATOM   761  C CB    . ALA A 1 99  ? -8.465  -8.429  8.556   1.00 42.11  ? 99  ALA 1 CB    1 
ATOM   762  N N     . ASN A 1 100 ? -7.001  -11.313 8.517   1.00 46.61  ? 100 ASN 1 N     1 
ATOM   763  C CA    . ASN A 1 100 ? -7.073  -12.697 8.984   1.00 43.30  ? 100 ASN 1 CA    1 
ATOM   764  C C     . ASN A 1 100 ? -5.816  -13.540 8.947   1.00 42.03  ? 100 ASN 1 C     1 
ATOM   765  O O     . ASN A 1 100 ? -5.874  -14.755 9.179   1.00 42.60  ? 100 ASN 1 O     1 
ATOM   766  C CB    . ASN A 1 100 ? -8.205  -13.403 8.251   1.00 42.54  ? 100 ASN 1 CB    1 
ATOM   767  C CG    . ASN A 1 100 ? -9.543  -12.781 8.572   1.00 50.99  ? 100 ASN 1 CG    1 
ATOM   768  O OD1   . ASN A 1 100 ? -9.977  -12.809 9.729   1.00 62.10  ? 100 ASN 1 OD1   1 
ATOM   769  N ND2   . ASN A 1 100 ? -10.198 -12.194 7.569   1.00 46.96  ? 100 ASN 1 ND2   1 
ATOM   770  N N     . GLY A 1 101 ? -4.683  -12.899 8.677   1.00 42.32  ? 101 GLY 1 N     1 
ATOM   771  C CA    . GLY A 1 101 ? -3.419  -13.616 8.666   1.00 45.59  ? 101 GLY 1 CA    1 
ATOM   772  C C     . GLY A 1 101 ? -3.206  -14.513 7.467   1.00 47.17  ? 101 GLY 1 C     1 
ATOM   773  O O     . GLY A 1 101 ? -2.466  -15.491 7.529   1.00 47.03  ? 101 GLY 1 O     1 
ATOM   774  N N     . VAL A 1 102 ? -3.883  -14.194 6.376   1.00 49.77  ? 102 VAL 1 N     1 
ATOM   775  C CA    . VAL A 1 102 ? -3.738  -14.956 5.150   1.00 46.99  ? 102 VAL 1 CA    1 
ATOM   776  C C     . VAL A 1 102 ? -2.800  -14.160 4.244   1.00 45.87  ? 102 VAL 1 C     1 
ATOM   777  O O     . VAL A 1 102 ? -2.857  -12.930 4.200   1.00 45.54  ? 102 VAL 1 O     1 
ATOM   778  C CB    . VAL A 1 102 ? -5.101  -15.140 4.490   1.00 48.44  ? 102 VAL 1 CB    1 
ATOM   779  C CG1   . VAL A 1 102 ? -4.939  -15.573 3.038   1.00 41.13  ? 102 VAL 1 CG1   1 
ATOM   780  C CG2   . VAL A 1 102 ? -5.901  -16.168 5.291   1.00 48.46  ? 102 VAL 1 CG2   1 
ATOM   781  N N     . ALA A 1 103 ? -1.915  -14.842 3.543   1.00 42.55  ? 103 ALA 1 N     1 
ATOM   782  C CA    . ALA A 1 103 ? -1.008  -14.122 2.673   1.00 43.01  ? 103 ALA 1 CA    1 
ATOM   783  C C     . ALA A 1 103 ? -0.725  -14.932 1.411   1.00 45.59  ? 103 ALA 1 C     1 
ATOM   784  O O     . ALA A 1 103 ? 0.234   -15.721 1.353   1.00 39.15  ? 103 ALA 1 O     1 
ATOM   785  C CB    . ALA A 1 103 ? 0.285   -13.792 3.426   1.00 38.68  ? 103 ALA 1 CB    1 
ATOM   786  N N     . MET A 1 104 ? -1.586  -14.725 0.412   1.00 46.87  ? 104 MET 1 N     1 
ATOM   787  C CA    . MET A 1 104 ? -1.487  -15.416 -0.872  1.00 47.42  ? 104 MET 1 CA    1 
ATOM   788  C C     . MET A 1 104 ? -0.726  -14.644 -1.951  1.00 46.14  ? 104 MET 1 C     1 
ATOM   789  O O     . MET A 1 104 ? -0.591  -15.122 -3.069  1.00 49.07  ? 104 MET 1 O     1 
ATOM   790  C CB    . MET A 1 104 ? -2.879  -15.797 -1.391  1.00 43.92  ? 104 MET 1 CB    1 
ATOM   791  C CG    . MET A 1 104 ? -3.410  -17.121 -0.833  1.00 55.52  ? 104 MET 1 CG    1 
ATOM   792  S SD    . MET A 1 104 ? -2.275  -18.553 -1.164  1.00 69.90  ? 104 MET 1 SD    1 
ATOM   793  C CE    . MET A 1 104 ? -2.832  -19.099 -2.783  1.00 67.25  ? 104 MET 1 CE    1 
ATOM   794  N N     . ASN A 1 105 ? -0.261  -13.443 -1.631  1.00 43.11  ? 105 ASN 1 N     1 
ATOM   795  C CA    . ASN A 1 105 ? 0.538   -12.670 -2.573  1.00 39.51  ? 105 ASN 1 CA    1 
ATOM   796  C C     . ASN A 1 105 ? 1.582   -11.919 -1.770  1.00 42.39  ? 105 ASN 1 C     1 
ATOM   797  O O     . ASN A 1 105 ? 1.501   -11.858 -0.527  1.00 36.81  ? 105 ASN 1 O     1 
ATOM   798  C CB    . ASN A 1 105 ? -0.291  -11.708 -3.451  1.00 37.09  ? 105 ASN 1 CB    1 
ATOM   799  C CG    . ASN A 1 105 ? -1.219  -10.800 -2.658  1.00 41.26  ? 105 ASN 1 CG    1 
ATOM   800  O OD1   . ASN A 1 105 ? -0.871  -10.276 -1.591  1.00 42.43  ? 105 ASN 1 OD1   1 
ATOM   801  N ND2   . ASN A 1 105 ? -2.412  -10.588 -3.204  1.00 38.30  ? 105 ASN 1 ND2   1 
ATOM   802  N N     . LEU A 1 106 ? 2.561   -11.359 -2.472  1.00 38.64  ? 106 LEU 1 N     1 
ATOM   803  C CA    . LEU A 1 106 ? 3.651   -10.679 -1.812  1.00 37.86  ? 106 LEU 1 CA    1 
ATOM   804  C C     . LEU A 1 106 ? 3.181   -9.484  -0.973  1.00 39.96  ? 106 LEU 1 C     1 
ATOM   805  O O     . LEU A 1 106 ? 3.690   -9.268  0.132   1.00 38.98  ? 106 LEU 1 O     1 
ATOM   806  C CB    . LEU A 1 106 ? 4.710   -10.295 -2.859  1.00 37.69  ? 106 LEU 1 CB    1 
ATOM   807  C CG    . LEU A 1 106 ? 6.069   -9.738  -2.413  1.00 39.01  ? 106 LEU 1 CG    1 
ATOM   808  C CD1   . LEU A 1 106 ? 6.800   -10.702 -1.505  1.00 37.05  ? 106 LEU 1 CD1   1 
ATOM   809  C CD2   . LEU A 1 106 ? 6.889   -9.445  -3.645  1.00 42.77  ? 106 LEU 1 CD2   1 
ATOM   810  N N     . VAL A 1 107 ? 2.193   -8.737  -1.466  1.00 44.10  ? 107 VAL 1 N     1 
ATOM   811  C CA    . VAL A 1 107 ? 1.684   -7.566  -0.731  1.00 44.23  ? 107 VAL 1 CA    1 
ATOM   812  C C     . VAL A 1 107 ? 1.199   -7.939  0.677   1.00 44.18  ? 107 VAL 1 C     1 
ATOM   813  O O     . VAL A 1 107 ? 1.574   -7.308  1.665   1.00 45.65  ? 107 VAL 1 O     1 
ATOM   814  C CB    . VAL A 1 107 ? 0.540   -6.868  -1.523  1.00 44.18  ? 107 VAL 1 CB    1 
ATOM   815  C CG1   . VAL A 1 107 ? -0.174  -5.835  -0.640  1.00 39.68  ? 107 VAL 1 CG1   1 
ATOM   816  C CG2   . VAL A 1 107 ? 1.127   -6.183  -2.781  1.00 37.50  ? 107 VAL 1 CG2   1 
ATOM   817  N N     . ALA A 1 108 ? 0.387   -8.980  0.762   1.00 39.73  ? 108 ALA 1 N     1 
ATOM   818  C CA    . ALA A 1 108 ? -0.129  -9.445  2.036   1.00 39.70  ? 108 ALA 1 CA    1 
ATOM   819  C C     . ALA A 1 108 ? 0.954   -10.099 2.902   1.00 41.89  ? 108 ALA 1 C     1 
ATOM   820  O O     . ALA A 1 108 ? 0.929   -10.006 4.130   1.00 47.69  ? 108 ALA 1 O     1 
ATOM   821  C CB    . ALA A 1 108 ? -1.284  -10.443 1.797   1.00 36.71  ? 108 ALA 1 CB    1 
ATOM   822  N N     . THR A 1 109 ? 1.897   -10.773 2.266   1.00 39.31  ? 109 THR 1 N     1 
ATOM   823  C CA    . THR A 1 109 ? 2.961   -11.442 2.990   1.00 39.89  ? 109 THR 1 CA    1 
ATOM   824  C C     . THR A 1 109 ? 3.880   -10.404 3.638   1.00 44.56  ? 109 THR 1 C     1 
ATOM   825  O O     . THR A 1 109 ? 4.315   -10.540 4.789   1.00 42.72  ? 109 THR 1 O     1 
ATOM   826  C CB    . THR A 1 109 ? 3.802   -12.346 2.022   1.00 39.79  ? 109 THR 1 CB    1 
ATOM   827  O OG1   . THR A 1 109 ? 2.951   -13.332 1.418   1.00 32.70  ? 109 THR 1 OG1   1 
ATOM   828  C CG2   . THR A 1 109 ? 4.921   -13.067 2.786   1.00 36.30  ? 109 THR 1 CG2   1 
ATOM   829  N N     . THR A 1 110 ? 4.178   -9.361  2.882   1.00 44.42  ? 110 THR 1 N     1 
ATOM   830  C CA    . THR A 1 110 ? 5.044   -8.317  3.373   1.00 48.30  ? 110 THR 1 CA    1 
ATOM   831  C C     . THR A 1 110 ? 4.483   -7.695  4.641   1.00 49.06  ? 110 THR 1 C     1 
ATOM   832  O O     . THR A 1 110 ? 5.242   -7.317  5.532   1.00 53.34  ? 110 THR 1 O     1 
ATOM   833  C CB    . THR A 1 110 ? 5.252   -7.257  2.290   1.00 52.21  ? 110 THR 1 CB    1 
ATOM   834  O OG1   . THR A 1 110 ? 5.855   -7.891  1.148   1.00 49.78  ? 110 THR 1 OG1   1 
ATOM   835  C CG2   . THR A 1 110 ? 6.152   -6.124  2.800   1.00 48.68  ? 110 THR 1 CG2   1 
ATOM   836  N N     . VAL A 1 111 ? 3.161   -7.601  4.741   1.00 48.95  ? 111 VAL 1 N     1 
ATOM   837  C CA    . VAL A 1 111 ? 2.554   -7.026  5.939   1.00 46.19  ? 111 VAL 1 CA    1 
ATOM   838  C C     . VAL A 1 111 ? 3.029   -7.819  7.156   1.00 47.53  ? 111 VAL 1 C     1 
ATOM   839  O O     . VAL A 1 111 ? 3.413   -7.240  8.165   1.00 47.57  ? 111 VAL 1 O     1 
ATOM   840  C CB    . VAL A 1 111 ? 1.002   -7.046  5.868   1.00 45.51  ? 111 VAL 1 CB    1 
ATOM   841  C CG1   . VAL A 1 111 ? 0.403   -6.695  7.238   1.00 38.81  ? 111 VAL 1 CG1   1 
ATOM   842  C CG2   . VAL A 1 111 ? 0.514   -6.037  4.826   1.00 44.75  ? 111 VAL 1 CG2   1 
ATOM   843  N N     . LEU A 1 112 ? 3.025   -9.143  7.056   1.00 46.85  ? 112 LEU 1 N     1 
ATOM   844  C CA    . LEU A 1 112 ? 3.473   -9.966  8.171   1.00 50.07  ? 112 LEU 1 CA    1 
ATOM   845  C C     . LEU A 1 112 ? 4.969   -9.886  8.387   1.00 50.15  ? 112 LEU 1 C     1 
ATOM   846  O O     . LEU A 1 112 ? 5.434   -10.039 9.505   1.00 55.17  ? 112 LEU 1 O     1 
ATOM   847  C CB    . LEU A 1 112 ? 3.107   -11.440 7.964   1.00 47.23  ? 112 LEU 1 CB    1 
ATOM   848  C CG    . LEU A 1 112 ? 1.635   -11.850 8.024   1.00 47.19  ? 112 LEU 1 CG    1 
ATOM   849  C CD1   . LEU A 1 112 ? 1.542   -13.318 7.685   1.00 52.03  ? 112 LEU 1 CD1   1 
ATOM   850  C CD2   . LEU A 1 112 ? 1.048   -11.591 9.374   1.00 43.00  ? 112 LEU 1 CD2   1 
ATOM   851  N N     . ALA A 1 113 ? 5.726   -9.649  7.327   1.00 50.84  ? 113 ALA 1 N     1 
ATOM   852  C CA    . ALA A 1 113 ? 7.178   -9.605  7.453   1.00 50.94  ? 113 ALA 1 CA    1 
ATOM   853  C C     . ALA A 1 113 ? 7.779   -8.245  7.786   1.00 51.67  ? 113 ALA 1 C     1 
ATOM   854  O O     . ALA A 1 113 ? 8.977   -8.153  8.055   1.00 51.41  ? 113 ALA 1 O     1 
ATOM   855  C CB    . ALA A 1 113 ? 7.821   -10.162 6.194   1.00 51.17  ? 113 ALA 1 CB    1 
ATOM   856  N N     . HIS A 1 114 ? 6.959   -7.198  7.764   1.00 52.29  ? 114 HIS 1 N     1 
ATOM   857  C CA    . HIS A 1 114 ? 7.423   -5.845  8.100   1.00 54.43  ? 114 HIS 1 CA    1 
ATOM   858  C C     . HIS A 1 114 ? 7.426   -5.710  9.643   1.00 57.63  ? 114 HIS 1 C     1 
ATOM   859  O O     . HIS A 1 114 ? 6.427   -6.011  10.306  1.00 55.39  ? 114 HIS 1 O     1 
ATOM   860  C CB    . HIS A 1 114 ? 6.481   -4.810  7.482   1.00 51.58  ? 114 HIS 1 CB    1 
ATOM   861  C CG    . HIS A 1 114 ? 6.955   -3.396  7.607   1.00 52.84  ? 114 HIS 1 CG    1 
ATOM   862  N ND1   . HIS A 1 114 ? 6.166   -2.390  8.128   1.00 56.81  ? 114 HIS 1 ND1   1 
ATOM   863  C CD2   . HIS A 1 114 ? 8.100   -2.801  7.198   1.00 52.66  ? 114 HIS 1 CD2   1 
ATOM   864  C CE1   . HIS A 1 114 ? 6.803   -1.235  8.026   1.00 57.11  ? 114 HIS 1 CE1   1 
ATOM   865  N NE2   . HIS A 1 114 ? 7.978   -1.457  7.463   1.00 53.70  ? 114 HIS 1 NE2   1 
ATOM   866  N N     . PRO A 1 115 ? 8.552   -5.260  10.229  1.00 60.07  ? 115 PRO 1 N     1 
ATOM   867  C CA    . PRO A 1 115 ? 8.688   -5.094  11.682  1.00 61.03  ? 115 PRO 1 CA    1 
ATOM   868  C C     . PRO A 1 115 ? 7.616   -4.231  12.329  1.00 62.37  ? 115 PRO 1 C     1 
ATOM   869  O O     . PRO A 1 115 ? 7.153   -4.527  13.430  1.00 63.51  ? 115 PRO 1 O     1 
ATOM   870  C CB    . PRO A 1 115 ? 10.070  -4.470  11.828  1.00 60.62  ? 115 PRO 1 CB    1 
ATOM   871  C CG    . PRO A 1 115 ? 10.203  -3.684  10.573  1.00 62.16  ? 115 PRO 1 CG    1 
ATOM   872  C CD    . PRO A 1 115 ? 9.717   -4.675  9.545   1.00 59.31  ? 115 PRO 1 CD    1 
ATOM   873  N N     . HIS A 1 116 ? 7.219   -3.171  11.635  1.00 61.02  ? 116 HIS 1 N     1 
ATOM   874  C CA    . HIS A 1 116 ? 6.217   -2.251  12.151  1.00 57.81  ? 116 HIS 1 CA    1 
ATOM   875  C C     . HIS A 1 116 ? 4.833   -2.544  11.603  1.00 58.81  ? 116 HIS 1 C     1 
ATOM   876  O O     . HIS A 1 116 ? 4.647   -3.466  10.797  1.00 59.33  ? 116 HIS 1 O     1 
ATOM   877  C CB    . HIS A 1 116 ? 6.619   -0.832  11.781  1.00 59.72  ? 116 HIS 1 CB    1 
ATOM   878  C CG    . HIS A 1 116 ? 8.073   -0.562  11.985  1.00 66.11  ? 116 HIS 1 CG    1 
ATOM   879  N ND1   . HIS A 1 116 ? 8.669   -0.610  13.227  1.00 67.18  ? 116 HIS 1 ND1   1 
ATOM   880  C CD2   . HIS A 1 116 ? 9.064   -0.296  11.103  1.00 69.48  ? 116 HIS 1 CD2   1 
ATOM   881  C CE1   . HIS A 1 116 ? 9.965   -0.387  13.100  1.00 66.96  ? 116 HIS 1 CE1   1 
ATOM   882  N NE2   . HIS A 1 116 ? 10.231  -0.192  11.821  1.00 71.57  ? 116 HIS 1 NE2   1 
ATOM   883  N N     . ASN A 1 117 ? 3.860   -1.755  12.048  1.00 56.82  ? 117 ASN 1 N     1 
ATOM   884  C CA    . ASN A 1 117 ? 2.484   -1.901  11.590  1.00 56.89  ? 117 ASN 1 CA    1 
ATOM   885  C C     . ASN A 1 117 ? 2.391   -1.291  10.207  1.00 52.85  ? 117 ASN 1 C     1 
ATOM   886  O O     . ASN A 1 117 ? 3.252   -0.510  9.822   1.00 49.66  ? 117 ASN 1 O     1 
ATOM   887  C CB    . ASN A 1 117 ? 1.529   -1.171  12.533  1.00 67.20  ? 117 ASN 1 CB    1 
ATOM   888  C CG    . ASN A 1 117 ? 1.310   -1.920  13.834  1.00 75.82  ? 117 ASN 1 CG    1 
ATOM   889  O OD1   . ASN A 1 117 ? 1.001   -1.302  14.857  1.00 82.82  ? 117 ASN 1 OD1   1 
ATOM   890  N ND2   . ASN A 1 117 ? 1.450   -3.258  13.805  1.00 73.91  ? 117 ASN 1 ND2   1 
ATOM   891  N N     . THR A 1 118 ? 1.337   -1.635  9.471   1.00 51.95  ? 118 THR 1 N     1 
ATOM   892  C CA    . THR A 1 118 ? 1.148   -1.127  8.111   1.00 52.06  ? 118 THR 1 CA    1 
ATOM   893  C C     . THR A 1 118 ? -0.014  -0.141  8.027   1.00 52.25  ? 118 THR 1 C     1 
ATOM   894  O O     . THR A 1 118 ? -1.058  -0.339  8.655   1.00 51.69  ? 118 THR 1 O     1 
ATOM   895  C CB    . THR A 1 118 ? 0.846   -2.302  7.118   1.00 52.31  ? 118 THR 1 CB    1 
ATOM   896  O OG1   . THR A 1 118 ? 1.958   -3.200  7.083   1.00 51.84  ? 118 THR 1 OG1   1 
ATOM   897  C CG2   . THR A 1 118 ? 0.562   -1.781  5.707   1.00 47.09  ? 118 THR 1 CG2   1 
ATOM   898  N N     . ILE A 1 119 ? 0.154   0.915   7.238   1.00 50.55  ? 119 ILE 1 N     1 
ATOM   899  C CA    . ILE A 1 119 ? -0.932  1.869   7.074   1.00 51.69  ? 119 ILE 1 CA    1 
ATOM   900  C C     . ILE A 1 119 ? -1.628  1.550   5.747   1.00 51.60  ? 119 ILE 1 C     1 
ATOM   901  O O     . ILE A 1 119 ? -0.973  1.479   4.706   1.00 48.26  ? 119 ILE 1 O     1 
ATOM   902  C CB    . ILE A 1 119 ? -0.427  3.343   7.077   1.00 49.47  ? 119 ILE 1 CB    1 
ATOM   903  C CG1   . ILE A 1 119 ? -1.513  4.257   6.505   1.00 52.04  ? 119 ILE 1 CG1   1 
ATOM   904  C CG2   . ILE A 1 119 ? 0.829   3.474   6.258   1.00 56.03  ? 119 ILE 1 CG2   1 
ATOM   905  C CD1   . ILE A 1 119 ? -1.152  5.714   6.511   1.00 62.83  ? 119 ILE 1 CD1   1 
ATOM   906  N N     . PHE A 1 120 ? -2.950  1.358   5.802   1.00 50.70  ? 120 PHE 1 N     1 
ATOM   907  C CA    . PHE A 1 120 ? -3.765  1.038   4.631   1.00 48.65  ? 120 PHE 1 CA    1 
ATOM   908  C C     . PHE A 1 120 ? -4.604  2.195   4.118   1.00 50.75  ? 120 PHE 1 C     1 
ATOM   909  O O     . PHE A 1 120 ? -5.162  2.957   4.901   1.00 54.07  ? 120 PHE 1 O     1 
ATOM   910  C CB    . PHE A 1 120 ? -4.749  -0.087  4.952   1.00 50.17  ? 120 PHE 1 CB    1 
ATOM   911  C CG    . PHE A 1 120 ? -4.106  -1.377  5.305   1.00 52.51  ? 120 PHE 1 CG    1 
ATOM   912  C CD1   . PHE A 1 120 ? -3.537  -1.564  6.564   1.00 52.34  ? 120 PHE 1 CD1   1 
ATOM   913  C CD2   . PHE A 1 120 ? -4.072  -2.425  4.372   1.00 49.86  ? 120 PHE 1 CD2   1 
ATOM   914  C CE1   . PHE A 1 120 ? -2.944  -2.784  6.901   1.00 51.56  ? 120 PHE 1 CE1   1 
ATOM   915  C CE2   . PHE A 1 120 ? -3.488  -3.646  4.684   1.00 45.74  ? 120 PHE 1 CE2   1 
ATOM   916  C CZ    . PHE A 1 120 ? -2.919  -3.833  5.953   1.00 53.99  ? 120 PHE 1 CZ    1 
ATOM   917  N N     . PHE A 1 121 ? -4.716  2.303   2.800   1.00 49.34  ? 121 PHE 1 N     1 
ATOM   918  C CA    . PHE A 1 121 ? -5.546  3.331   2.183   1.00 47.20  ? 121 PHE 1 CA    1 
ATOM   919  C C     . PHE A 1 121 ? -6.587  2.626   1.316   1.00 46.68  ? 121 PHE 1 C     1 
ATOM   920  O O     . PHE A 1 121 ? -6.460  2.581   0.100   1.00 45.22  ? 121 PHE 1 O     1 
ATOM   921  C CB    . PHE A 1 121 ? -4.721  4.272   1.304   1.00 47.06  ? 121 PHE 1 CB    1 
ATOM   922  C CG    . PHE A 1 121 ? -3.890  5.255   2.073   1.00 47.30  ? 121 PHE 1 CG    1 
ATOM   923  C CD1   . PHE A 1 121 ? -2.684  4.867   2.659   1.00 47.21  ? 121 PHE 1 CD1   1 
ATOM   924  C CD2   . PHE A 1 121 ? -4.298  6.588   2.176   1.00 47.37  ? 121 PHE 1 CD2   1 
ATOM   925  C CE1   . PHE A 1 121 ? -1.887  5.793   3.333   1.00 49.82  ? 121 PHE 1 CE1   1 
ATOM   926  C CE2   . PHE A 1 121 ? -3.513  7.526   2.843   1.00 48.08  ? 121 PHE 1 CE2   1 
ATOM   927  C CZ    . PHE A 1 121 ? -2.298  7.131   3.424   1.00 53.13  ? 121 PHE 1 CZ    1 
ATOM   928  N N     . PRO A 1 122 ? -7.635  2.064   1.937   1.00 47.83  ? 122 PRO 1 N     1 
ATOM   929  C CA    . PRO A 1 122 ? -8.686  1.362   1.198   1.00 48.65  ? 122 PRO 1 CA    1 
ATOM   930  C C     . PRO A 1 122 ? -9.327  2.173   0.085   1.00 49.02  ? 122 PRO 1 C     1 
ATOM   931  O O     . PRO A 1 122 ? -9.407  3.400   0.148   1.00 52.72  ? 122 PRO 1 O     1 
ATOM   932  C CB    . PRO A 1 122 ? -9.693  0.995   2.287   1.00 48.86  ? 122 PRO 1 CB    1 
ATOM   933  C CG    . PRO A 1 122 ? -8.839  0.806   3.477   1.00 46.66  ? 122 PRO 1 CG    1 
ATOM   934  C CD    . PRO A 1 122 ? -7.870  1.967   3.389   1.00 50.54  ? 122 PRO 1 CD    1 
ATOM   935  N N     . ASN A 1 123 ? -9.812  1.459   -0.922  1.00 50.52  ? 123 ASN 1 N     1 
ATOM   936  C CA    . ASN A 1 123 ? -10.461 2.049   -2.078  1.00 51.13  ? 123 ASN 1 CA    1 
ATOM   937  C C     . ASN A 1 123 ? -11.252 0.931   -2.749  1.00 51.93  ? 123 ASN 1 C     1 
ATOM   938  O O     . ASN A 1 123 ? -10.706 -0.102  -3.114  1.00 55.07  ? 123 ASN 1 O     1 
ATOM   939  C CB    . ASN A 1 123 ? -9.405  2.625   -3.030  1.00 53.55  ? 123 ASN 1 CB    1 
ATOM   940  C CG    . ASN A 1 123 ? -10.002 3.151   -4.302  1.00 57.59  ? 123 ASN 1 CG    1 
ATOM   941  O OD1   . ASN A 1 123 ? -10.273 2.391   -5.226  1.00 68.44  ? 123 ASN 1 OD1   1 
ATOM   942  N ND2   . ASN A 1 123 ? -10.231 4.456   -4.361  1.00 61.54  ? 123 ASN 1 ND2   1 
ATOM   943  N N     . MET A 1 124 ? -12.553 1.130   -2.892  1.00 54.86  ? 124 MET 1 N     1 
ATOM   944  C CA    . MET A 1 124 ? -13.399 0.119   -3.492  1.00 51.77  ? 124 MET 1 CA    1 
ATOM   945  C C     . MET A 1 124 ? -14.749 0.720   -3.813  1.00 55.73  ? 124 MET 1 C     1 
ATOM   946  O O     . MET A 1 124 ? -15.033 1.879   -3.497  1.00 55.06  ? 124 MET 1 O     1 
ATOM   947  C CB    . MET A 1 124 ? -13.590 -1.052  -2.526  1.00 48.35  ? 124 MET 1 CB    1 
ATOM   948  C CG    . MET A 1 124 ? -14.318 -0.678  -1.222  1.00 42.01  ? 124 MET 1 CG    1 
ATOM   949  S SD    . MET A 1 124 ? -14.048 -1.918  0.060   1.00 46.55  ? 124 MET 1 SD    1 
ATOM   950  C CE    . MET A 1 124 ? -12.462 -1.395  0.704   1.00 45.33  ? 124 MET 1 CE    1 
ATOM   951  N N     . ASN A 1 125 ? -15.578 -0.093  -4.445  1.00 61.24  ? 125 ASN 1 N     1 
ATOM   952  C CA    . ASN A 1 125 ? -16.924 0.295   -4.828  1.00 65.69  ? 125 ASN 1 CA    1 
ATOM   953  C C     . ASN A 1 125 ? -17.731 0.530   -3.546  1.00 66.88  ? 125 ASN 1 C     1 
ATOM   954  O O     . ASN A 1 125 ? -17.547 -0.180  -2.546  1.00 64.51  ? 125 ASN 1 O     1 
ATOM   955  C CB    . ASN A 1 125 ? -17.538 -0.841  -5.641  1.00 66.94  ? 125 ASN 1 CB    1 
ATOM   956  C CG    . ASN A 1 125 ? -18.827 -0.462  -6.261  1.00 70.13  ? 125 ASN 1 CG    1 
ATOM   957  O OD1   . ASN A 1 125 ? -18.876 0.437   -7.098  1.00 76.66  ? 125 ASN 1 OD1   1 
ATOM   958  N ND2   . ASN A 1 125 ? -19.898 -1.140  -5.862  1.00 75.07  ? 125 ASN 1 ND2   1 
ATOM   959  N N     . ASP A 1 126 ? -18.610 1.525   -3.572  1.00 69.36  ? 126 ASP 1 N     1 
ATOM   960  C CA    . ASP A 1 126 ? -19.439 1.850   -2.408  1.00 72.49  ? 126 ASP 1 CA    1 
ATOM   961  C C     . ASP A 1 126 ? -20.258 0.665   -1.907  1.00 69.88  ? 126 ASP 1 C     1 
ATOM   962  O O     . ASP A 1 126 ? -20.454 0.504   -0.693  1.00 60.83  ? 126 ASP 1 O     1 
ATOM   963  C CB    . ASP A 1 126 ? -20.362 3.034   -2.720  1.00 79.37  ? 126 ASP 1 CB    1 
ATOM   964  C CG    . ASP A 1 126 ? -19.718 4.377   -2.387  1.00 85.54  ? 126 ASP 1 CG    1 
ATOM   965  O OD1   . ASP A 1 126 ? -19.665 4.732   -1.179  1.00 83.33  ? 126 ASP 1 OD1   1 
ATOM   966  O OD2   . ASP A 1 126 ? -19.256 5.065   -3.334  1.00 89.40  ? 126 ASP 1 OD2   1 
ATOM   967  N N     . LEU A 1 127 ? -20.743 -0.160  -2.834  1.00 66.81  ? 127 LEU 1 N     1 
ATOM   968  C CA    . LEU A 1 127 ? -21.499 -1.334  -2.427  1.00 69.55  ? 127 LEU 1 CA    1 
ATOM   969  C C     . LEU A 1 127 ? -20.578 -2.199  -1.563  1.00 70.13  ? 127 LEU 1 C     1 
ATOM   970  O O     . LEU A 1 127 ? -20.961 -2.669  -0.487  1.00 73.71  ? 127 LEU 1 O     1 
ATOM   971  C CB    . LEU A 1 127 ? -21.974 -2.124  -3.648  1.00 71.10  ? 127 LEU 1 CB    1 
ATOM   972  C CG    . LEU A 1 127 ? -23.186 -1.524  -4.377  1.00 73.31  ? 127 LEU 1 CG    1 
ATOM   973  C CD1   . LEU A 1 127 ? -23.451 -2.279  -5.669  1.00 70.78  ? 127 LEU 1 CD1   1 
ATOM   974  C CD2   . LEU A 1 127 ? -24.407 -1.578  -3.465  1.00 72.32  ? 127 LEU 1 CD2   1 
ATOM   975  N N     . MET A 1 128 ? -19.350 -2.386  -2.030  1.00 67.39  ? 128 MET 1 N     1 
ATOM   976  C CA    . MET A 1 128 ? -18.375 -3.189  -1.304  1.00 63.11  ? 128 MET 1 CA    1 
ATOM   977  C C     . MET A 1 128 ? -18.009 -2.548  0.024   1.00 60.56  ? 128 MET 1 C     1 
ATOM   978  O O     . MET A 1 128 ? -17.849 -3.231  1.036   1.00 56.23  ? 128 MET 1 O     1 
ATOM   979  C CB    . MET A 1 128 ? -17.106 -3.353  -2.141  1.00 63.63  ? 128 MET 1 CB    1 
ATOM   980  C CG    . MET A 1 128 ? -17.305 -4.116  -3.434  1.00 59.82  ? 128 MET 1 CG    1 
ATOM   981  S SD    . MET A 1 128 ? -15.898 -3.918  -4.522  1.00 59.56  ? 128 MET 1 SD    1 
ATOM   982  C CE    . MET A 1 128 ? -14.708 -5.050  -3.730  1.00 39.54  ? 128 MET 1 CE    1 
ATOM   983  N N     . TRP A 1 129 ? -17.863 -1.230  0.012   1.00 60.49  ? 129 TRP 1 N     1 
ATOM   984  C CA    . TRP A 1 129 ? -17.485 -0.510  1.216   1.00 63.12  ? 129 TRP 1 CA    1 
ATOM   985  C C     . TRP A 1 129 ? -18.523 -0.638  2.343   1.00 65.31  ? 129 TRP 1 C     1 
ATOM   986  O O     . TRP A 1 129 ? -18.176 -0.649  3.531   1.00 65.05  ? 129 TRP 1 O     1 
ATOM   987  C CB    . TRP A 1 129 ? -17.216 0.963   0.866   1.00 63.29  ? 129 TRP 1 CB    1 
ATOM   988  C CG    . TRP A 1 129 ? -16.859 1.799   2.058   1.00 69.06  ? 129 TRP 1 CG    1 
ATOM   989  C CD1   . TRP A 1 129 ? -17.696 2.636   2.751   1.00 71.48  ? 129 TRP 1 CD1   1 
ATOM   990  C CD2   . TRP A 1 129 ? -15.595 1.840   2.746   1.00 65.49  ? 129 TRP 1 CD2   1 
ATOM   991  N NE1   . TRP A 1 129 ? -17.036 3.193   3.825   1.00 71.29  ? 129 TRP 1 NE1   1 
ATOM   992  C CE2   . TRP A 1 129 ? -15.747 2.724   3.850   1.00 69.50  ? 129 TRP 1 CE2   1 
ATOM   993  C CE3   . TRP A 1 129 ? -14.355 1.218   2.542   1.00 60.21  ? 129 TRP 1 CE3   1 
ATOM   994  C CZ2   . TRP A 1 129 ? -14.697 3.001   4.751   1.00 65.64  ? 129 TRP 1 CZ2   1 
ATOM   995  C CZ3   . TRP A 1 129 ? -13.308 1.492   3.438   1.00 59.19  ? 129 TRP 1 CZ3   1 
ATOM   996  C CH2   . TRP A 1 129 ? -13.490 2.377   4.529   1.00 64.19  ? 129 TRP 1 CH2   1 
ATOM   997  N N     . ASN A 1 130 ? -19.790 -0.785  1.979   1.00 66.04  ? 130 ASN 1 N     1 
ATOM   998  C CA    . ASN A 1 130 ? -20.824 -0.884  2.995   1.00 68.88  ? 130 ASN 1 CA    1 
ATOM   999  C C     . ASN A 1 130 ? -21.090 -2.289  3.481   1.00 67.25  ? 130 ASN 1 C     1 
ATOM   1000 O O     . ASN A 1 130 ? -21.972 -2.502  4.311   1.00 69.93  ? 130 ASN 1 O     1 
ATOM   1001 C CB    . ASN A 1 130 ? -22.128 -0.238  2.504   1.00 72.18  ? 130 ASN 1 CB    1 
ATOM   1002 C CG    . ASN A 1 130 ? -21.969 1.259   2.239   1.00 75.93  ? 130 ASN 1 CG    1 
ATOM   1003 O OD1   . ASN A 1 130 ? -21.352 1.989   3.033   1.00 71.71  ? 130 ASN 1 OD1   1 
ATOM   1004 N ND2   . ASN A 1 130 ? -22.527 1.723   1.122   1.00 77.85  ? 130 ASN 1 ND2   1 
ATOM   1005 N N     . LYS A 1 131 ? -20.329 -3.250  2.977   1.00 65.07  ? 131 LYS 1 N     1 
ATOM   1006 C CA    . LYS A 1 131 ? -20.502 -4.636  3.406   1.00 60.58  ? 131 LYS 1 CA    1 
ATOM   1007 C C     . LYS A 1 131 ? -19.979 -4.850  4.838   1.00 55.31  ? 131 LYS 1 C     1 
ATOM   1008 O O     . LYS A 1 131 ? -18.902 -4.362  5.221   1.00 48.46  ? 131 LYS 1 O     1 
ATOM   1009 C CB    . LYS A 1 131 ? -19.808 -5.597  2.418   1.00 59.42  ? 131 LYS 1 CB    1 
ATOM   1010 C CG    . LYS A 1 131 ? -20.555 -5.766  1.107   1.00 55.54  ? 131 LYS 1 CG    1 
ATOM   1011 C CD    . LYS A 1 131 ? -21.871 -6.486  1.338   1.00 55.38  ? 131 LYS 1 CD    1 
ATOM   1012 C CE    . LYS A 1 131 ? -22.822 -6.376  0.149   1.00 55.63  ? 131 LYS 1 CE    1 
ATOM   1013 N NZ    . LYS A 1 131 ? -22.320 -7.047  -1.060  1.00 59.44  ? 131 LYS 1 NZ    1 
ATOM   1014 N N     . THR A 1 132 ? -20.766 -5.581  5.618   1.00 53.42  ? 132 THR 1 N     1 
ATOM   1015 C CA    . THR A 1 132 ? -20.438 -5.880  7.006   1.00 53.26  ? 132 THR 1 CA    1 
ATOM   1016 C C     . THR A 1 132 ? -18.998 -6.373  7.202   1.00 53.22  ? 132 THR 1 C     1 
ATOM   1017 O O     . THR A 1 132 ? -18.255 -5.822  8.036   1.00 53.38  ? 132 THR 1 O     1 
ATOM   1018 C CB    . THR A 1 132 ? -21.414 -6.945  7.569   1.00 58.10  ? 132 THR 1 CB    1 
ATOM   1019 O OG1   . THR A 1 132 ? -22.761 -6.569  7.260   1.00 61.37  ? 132 THR 1 OG1   1 
ATOM   1020 C CG2   . THR A 1 132 ? -21.265 -7.078  9.072   1.00 53.60  ? 132 THR 1 CG2   1 
ATOM   1021 N N     . VAL A 1 133 ? -18.612 -7.408  6.446   1.00 51.70  ? 133 VAL 1 N     1 
ATOM   1022 C CA    . VAL A 1 133 ? -17.265 -8.003  6.544   1.00 48.36  ? 133 VAL 1 CA    1 
ATOM   1023 C C     . VAL A 1 133 ? -16.137 -6.997  6.406   1.00 47.14  ? 133 VAL 1 C     1 
ATOM   1024 O O     . VAL A 1 133 ? -15.162 -7.038  7.163   1.00 46.22  ? 133 VAL 1 O     1 
ATOM   1025 C CB    . VAL A 1 133 ? -17.002 -9.086  5.468   1.00 49.00  ? 133 VAL 1 CB    1 
ATOM   1026 C CG1   . VAL A 1 133 ? -16.743 -10.414 6.140   1.00 40.62  ? 133 VAL 1 CG1   1 
ATOM   1027 C CG2   . VAL A 1 133 ? -18.169 -9.157  4.477   1.00 49.67  ? 133 VAL 1 CG2   1 
ATOM   1028 N N     . VAL A 1 134 ? -16.260 -6.095  5.438   1.00 45.43  ? 134 VAL 1 N     1 
ATOM   1029 C CA    . VAL A 1 134 ? -15.213 -5.100  5.229   1.00 47.83  ? 134 VAL 1 CA    1 
ATOM   1030 C C     . VAL A 1 134 ? -15.005 -4.293  6.513   1.00 49.10  ? 134 VAL 1 C     1 
ATOM   1031 O O     . VAL A 1 134 ? -13.878 -4.198  7.037   1.00 45.22  ? 134 VAL 1 O     1 
ATOM   1032 C CB    . VAL A 1 134 ? -15.572 -4.182  4.041   1.00 47.54  ? 134 VAL 1 CB    1 
ATOM   1033 C CG1   . VAL A 1 134 ? -14.475 -3.162  3.801   1.00 41.47  ? 134 VAL 1 CG1   1 
ATOM   1034 C CG2   . VAL A 1 134 ? -15.808 -5.034  2.811   1.00 43.55  ? 134 VAL 1 CG2   1 
ATOM   1035 N N     . SER A 1 135 ? -16.104 -3.741  7.033   1.00 50.99  ? 135 SER 1 N     1 
ATOM   1036 C CA    . SER A 1 135 ? -16.060 -2.967  8.278   1.00 52.01  ? 135 SER 1 CA    1 
ATOM   1037 C C     . SER A 1 135 ? -15.445 -3.817  9.400   1.00 48.86  ? 135 SER 1 C     1 
ATOM   1038 O O     . SER A 1 135 ? -14.576 -3.350  10.153  1.00 45.69  ? 135 SER 1 O     1 
ATOM   1039 C CB    . SER A 1 135 ? -17.472 -2.527  8.679   1.00 54.95  ? 135 SER 1 CB    1 
ATOM   1040 O OG    . SER A 1 135 ? -18.063 -1.738  7.658   1.00 64.15  ? 135 SER 1 OG    1 
ATOM   1041 N N     . ARG A 1 136 ? -15.884 -5.069  9.507   1.00 43.36  ? 136 ARG 1 N     1 
ATOM   1042 C CA    . ARG A 1 136 ? -15.340 -5.939  10.536  1.00 43.37  ? 136 ARG 1 CA    1 
ATOM   1043 C C     . ARG A 1 136 ? -13.852 -6.117  10.318  1.00 48.80  ? 136 ARG 1 C     1 
ATOM   1044 O O     . ARG A 1 136 ? -13.070 -6.096  11.283  1.00 49.71  ? 136 ARG 1 O     1 
ATOM   1045 C CB    . ARG A 1 136 ? -16.033 -7.305  10.521  1.00 41.53  ? 136 ARG 1 CB    1 
ATOM   1046 C CG    . ARG A 1 136 ? -15.346 -8.324  11.435  1.00 42.55  ? 136 ARG 1 CG    1 
ATOM   1047 C CD    . ARG A 1 136 ? -16.215 -9.568  11.719  1.00 42.66  ? 136 ARG 1 CD    1 
ATOM   1048 N NE    . ARG A 1 136 ? -16.463 -10.446 10.575  1.00 48.76  ? 136 ARG 1 NE    1 
ATOM   1049 C CZ    . ARG A 1 136 ? -17.620 -10.547 9.911   1.00 56.74  ? 136 ARG 1 CZ    1 
ATOM   1050 N NH1   . ARG A 1 136 ? -18.691 -9.824  10.255  1.00 53.43  ? 136 ARG 1 NH1   1 
ATOM   1051 N NH2   . ARG A 1 136 ? -17.706 -11.392 8.888   1.00 57.13  ? 136 ARG 1 NH2   1 
ATOM   1052 N N     . ASN A 1 137 ? -13.458 -6.279  9.048   1.00 49.02  ? 137 ASN 1 N     1 
ATOM   1053 C CA    . ASN A 1 137 ? -12.049 -6.481  8.721   1.00 47.70  ? 137 ASN 1 CA    1 
ATOM   1054 C C     . ASN A 1 137 ? -11.249 -5.245  9.081   1.00 46.10  ? 137 ASN 1 C     1 
ATOM   1055 O O     . ASN A 1 137 ? -10.188 -5.359  9.706   1.00 45.29  ? 137 ASN 1 O     1 
ATOM   1056 C CB    . ASN A 1 137 ? -11.866 -6.864  7.229   1.00 44.77  ? 137 ASN 1 CB    1 
ATOM   1057 C CG    . ASN A 1 137 ? -12.117 -8.374  6.958   1.00 44.72  ? 137 ASN 1 CG    1 
ATOM   1058 O OD1   . ASN A 1 137 ? -12.378 -8.782  5.825   1.00 48.49  ? 137 ASN 1 OD1   1 
ATOM   1059 N ND2   . ASN A 1 137 ? -12.025 -9.194  8.002   1.00 42.91  ? 137 ASN 1 ND2   1 
ATOM   1060 N N     . ILE A 1 138 ? -11.756 -4.068  8.702   1.00 47.52  ? 138 ILE 1 N     1 
ATOM   1061 C CA    . ILE A 1 138 ? -11.074 -2.796  9.006   1.00 52.80  ? 138 ILE 1 CA    1 
ATOM   1062 C C     . ILE A 1 138 ? -10.845 -2.674  10.526  1.00 55.46  ? 138 ILE 1 C     1 
ATOM   1063 O O     . ILE A 1 138 ? -9.736  -2.358  10.995  1.00 53.87  ? 138 ILE 1 O     1 
ATOM   1064 C CB    . ILE A 1 138 ? -11.921 -1.569  8.566   1.00 56.05  ? 138 ILE 1 CB    1 
ATOM   1065 C CG1   . ILE A 1 138 ? -12.169 -1.599  7.050   1.00 51.25  ? 138 ILE 1 CG1   1 
ATOM   1066 C CG2   . ILE A 1 138 ? -11.220 -0.269  9.013   1.00 50.38  ? 138 ILE 1 CG2   1 
ATOM   1067 C CD1   . ILE A 1 138 ? -11.076 -0.950  6.241   1.00 55.65  ? 138 ILE 1 CD1   1 
ATOM   1068 N N     . GLU A 1 139 ? -11.911 -2.930  11.280  1.00 53.11  ? 139 GLU 1 N     1 
ATOM   1069 C CA    . GLU A 1 139 ? -11.851 -2.857  12.723  1.00 57.42  ? 139 GLU 1 CA    1 
ATOM   1070 C C     . GLU A 1 139 ? -10.770 -3.790  13.249  1.00 55.57  ? 139 GLU 1 C     1 
ATOM   1071 O O     . GLU A 1 139 ? -9.865  -3.361  13.989  1.00 58.18  ? 139 GLU 1 O     1 
ATOM   1072 C CB    . GLU A 1 139 ? -13.223 -3.201  13.319  1.00 63.75  ? 139 GLU 1 CB    1 
ATOM   1073 C CG    . GLU A 1 139 ? -13.338 -3.039  14.846  1.00 73.22  ? 139 GLU 1 CG    1 
ATOM   1074 C CD    . GLU A 1 139 ? -12.694 -1.751  15.373  1.00 79.81  ? 139 GLU 1 CD    1 
ATOM   1075 O OE1   . GLU A 1 139 ? -12.838 -0.695  14.700  1.00 77.86  ? 139 GLU 1 OE1   1 
ATOM   1076 O OE2   . GLU A 1 139 ? -12.055 -1.803  16.463  1.00 75.09  ? 139 GLU 1 OE2   1 
ATOM   1077 N N     . GLN A 1 140 ? -10.830 -5.052  12.830  1.00 52.25  ? 140 GLN 1 N     1 
ATOM   1078 C CA    . GLN A 1 140 ? -9.869  -6.068  13.258  1.00 49.68  ? 140 GLN 1 CA    1 
ATOM   1079 C C     . GLN A 1 140 ? -8.423  -5.638  13.024  1.00 52.20  ? 140 GLN 1 C     1 
ATOM   1080 O O     . GLN A 1 140 ? -7.547  -5.913  13.846  1.00 52.58  ? 140 GLN 1 O     1 
ATOM   1081 C CB    . GLN A 1 140 ? -10.143 -7.392  12.539  1.00 50.55  ? 140 GLN 1 CB    1 
ATOM   1082 C CG    . GLN A 1 140 ? -9.299  -8.557  13.032  1.00 49.99  ? 140 GLN 1 CG    1 
ATOM   1083 C CD    . GLN A 1 140 ? -9.617  -8.941  14.465  1.00 55.50  ? 140 GLN 1 CD    1 
ATOM   1084 O OE1   . GLN A 1 140 ? -10.632 -9.578  14.738  1.00 54.88  ? 140 GLN 1 OE1   1 
ATOM   1085 N NE2   . GLN A 1 140 ? -8.747  -8.555  15.388  1.00 53.74  ? 140 GLN 1 NE2   1 
ATOM   1086 N N     . LEU A 1 141 ? -8.173  -5.010  11.878  1.00 52.40  ? 141 LEU 1 N     1 
ATOM   1087 C CA    . LEU A 1 141 ? -6.843  -4.517  11.541  1.00 55.15  ? 141 LEU 1 CA    1 
ATOM   1088 C C     . LEU A 1 141 ? -6.407  -3.448  12.547  1.00 56.87  ? 141 LEU 1 C     1 
ATOM   1089 O O     . LEU A 1 141 ? -5.250  -3.433  13.001  1.00 53.44  ? 141 LEU 1 O     1 
ATOM   1090 C CB    . LEU A 1 141 ? -6.845  -3.936  10.123  1.00 57.81  ? 141 LEU 1 CB    1 
ATOM   1091 C CG    . LEU A 1 141 ? -6.822  -4.949  8.971   1.00 57.43  ? 141 LEU 1 CG    1 
ATOM   1092 C CD1   . LEU A 1 141 ? -7.190  -4.255  7.667   1.00 52.38  ? 141 LEU 1 CD1   1 
ATOM   1093 C CD2   . LEU A 1 141 ? -5.430  -5.591  8.884   1.00 54.97  ? 141 LEU 1 CD2   1 
ATOM   1094 N N     . ARG A 1 142 ? -7.336  -2.549  12.878  1.00 55.89  ? 142 ARG 1 N     1 
ATOM   1095 C CA    . ARG A 1 142 ? -7.061  -1.494  13.851  1.00 55.47  ? 142 ARG 1 CA    1 
ATOM   1096 C C     . ARG A 1 142 ? -6.766  -2.141  15.204  1.00 55.27  ? 142 ARG 1 C     1 
ATOM   1097 O O     . ARG A 1 142 ? -5.730  -1.868  15.819  1.00 53.39  ? 142 ARG 1 O     1 
ATOM   1098 C CB    . ARG A 1 142 ? -8.256  -0.551  13.956  1.00 51.44  ? 142 ARG 1 CB    1 
ATOM   1099 C CG    . ARG A 1 142 ? -8.197  0.583   12.958  1.00 46.24  ? 142 ARG 1 CG    1 
ATOM   1100 C CD    . ARG A 1 142 ? -9.572  1.127   12.634  1.00 42.26  ? 142 ARG 1 CD    1 
ATOM   1101 N NE    . ARG A 1 142 ? -9.501  2.193   11.639  1.00 37.84  ? 142 ARG 1 NE    1 
ATOM   1102 C CZ    . ARG A 1 142 ? -10.564 2.658   10.987  1.00 45.23  ? 142 ARG 1 CZ    1 
ATOM   1103 N NH1   . ARG A 1 142 ? -11.775 2.145   11.241  1.00 37.15  ? 142 ARG 1 NH1   1 
ATOM   1104 N NH2   . ARG A 1 142 ? -10.413 3.608   10.062  1.00 37.16  ? 142 ARG 1 NH2   1 
ATOM   1105 N N     . LYS A 1 143 ? -7.664  -3.016  15.651  1.00 53.63  ? 143 LYS 1 N     1 
ATOM   1106 C CA    . LYS A 1 143 ? -7.455  -3.708  16.915  1.00 56.19  ? 143 LYS 1 CA    1 
ATOM   1107 C C     . LYS A 1 143 ? -6.063  -4.356  16.909  1.00 57.31  ? 143 LYS 1 C     1 
ATOM   1108 O O     . LYS A 1 143 ? -5.386  -4.394  17.938  1.00 55.91  ? 143 LYS 1 O     1 
ATOM   1109 C CB    . LYS A 1 143 ? -8.524  -4.786  17.137  1.00 56.07  ? 143 LYS 1 CB    1 
ATOM   1110 C CG    . LYS A 1 143 ? -8.424  -5.428  18.520  1.00 65.61  ? 143 LYS 1 CG    1 
ATOM   1111 C CD    . LYS A 1 143 ? -9.087  -6.808  18.620  1.00 72.32  ? 143 LYS 1 CD    1 
ATOM   1112 C CE    . LYS A 1 143 ? -8.145  -7.949  18.154  1.00 72.94  ? 143 LYS 1 CE    1 
ATOM   1113 N NZ    . LYS A 1 143 ? -8.780  -9.313  18.258  1.00 62.65  ? 143 LYS 1 NZ    1 
ATOM   1114 N N     . ASP A 1 144 ? -5.637  -4.855  15.743  1.00 57.94  ? 144 ASP 1 N     1 
ATOM   1115 C CA    . ASP A 1 144 ? -4.331  -5.497  15.612  1.00 54.08  ? 144 ASP 1 CA    1 
ATOM   1116 C C     . ASP A 1 144 ? -3.176  -4.504  15.604  1.00 52.23  ? 144 ASP 1 C     1 
ATOM   1117 O O     . ASP A 1 144 ? -2.024  -4.897  15.745  1.00 48.98  ? 144 ASP 1 O     1 
ATOM   1118 C CB    . ASP A 1 144 ? -4.266  -6.340  14.343  1.00 57.61  ? 144 ASP 1 CB    1 
ATOM   1119 C CG    . ASP A 1 144 ? -5.056  -7.627  14.452  1.00 60.54  ? 144 ASP 1 CG    1 
ATOM   1120 O OD1   . ASP A 1 144 ? -5.501  -7.971  15.571  1.00 63.41  ? 144 ASP 1 OD1   1 
ATOM   1121 O OD2   . ASP A 1 144 ? -5.216  -8.306  13.408  1.00 60.72  ? 144 ASP 1 OD2   1 
ATOM   1122 N N     . GLY A 1 145 ? -3.479  -3.220  15.422  1.00 52.65  ? 145 GLY 1 N     1 
ATOM   1123 C CA    . GLY A 1 145 ? -2.424  -2.220  15.430  1.00 50.96  ? 145 GLY 1 CA    1 
ATOM   1124 C C     . GLY A 1 145 ? -2.195  -1.497  14.117  1.00 56.45  ? 145 GLY 1 C     1 
ATOM   1125 O O     . GLY A 1 145 ? -1.454  -0.520  14.064  1.00 60.47  ? 145 GLY 1 O     1 
ATOM   1126 N N     . HIS A 1 146 ? -2.820  -1.955  13.045  1.00 54.40  ? 146 HIS 1 N     1 
ATOM   1127 C CA    . HIS A 1 146 ? -2.613  -1.302  11.761  1.00 56.11  ? 146 HIS 1 CA    1 
ATOM   1128 C C     . HIS A 1 146 ? -3.481  -0.059  11.655  1.00 54.68  ? 146 HIS 1 C     1 
ATOM   1129 O O     . HIS A 1 146 ? -4.504  0.043   12.330  1.00 59.08  ? 146 HIS 1 O     1 
ATOM   1130 C CB    . HIS A 1 146 ? -2.933  -2.277  10.607  1.00 52.14  ? 146 HIS 1 CB    1 
ATOM   1131 C CG    . HIS A 1 146 ? -2.044  -3.483  10.583  1.00 48.49  ? 146 HIS 1 CG    1 
ATOM   1132 N ND1   . HIS A 1 146 ? -2.520  -4.766  10.785  1.00 46.34  ? 146 HIS 1 ND1   1 
ATOM   1133 C CD2   . HIS A 1 146 ? -0.698  -3.595  10.455  1.00 40.27  ? 146 HIS 1 CD2   1 
ATOM   1134 C CE1   . HIS A 1 146 ? -1.504  -5.613  10.790  1.00 42.38  ? 146 HIS 1 CE1   1 
ATOM   1135 N NE2   . HIS A 1 146 ? -0.389  -4.927  10.593  1.00 43.39  ? 146 HIS 1 NE2   1 
ATOM   1136 N N     . ILE A 1 147 ? -3.062  0.872   10.804  1.00 50.67  ? 147 ILE 1 N     1 
ATOM   1137 C CA    . ILE A 1 147 ? -3.788  2.114   10.569  1.00 49.75  ? 147 ILE 1 CA    1 
ATOM   1138 C C     . ILE A 1 147 ? -4.557  1.981   9.258   1.00 52.66  ? 147 ILE 1 C     1 
ATOM   1139 O O     . ILE A 1 147 ? -4.032  1.427   8.277   1.00 51.32  ? 147 ILE 1 O     1 
ATOM   1140 C CB    . ILE A 1 147 ? -2.813  3.301   10.441  1.00 52.27  ? 147 ILE 1 CB    1 
ATOM   1141 C CG1   . ILE A 1 147 ? -2.070  3.483   11.759  1.00 50.65  ? 147 ILE 1 CG1   1 
ATOM   1142 C CG2   . ILE A 1 147 ? -3.565  4.581   10.009  1.00 46.52  ? 147 ILE 1 CG2   1 
ATOM   1143 C CD1   . ILE A 1 147 ? -0.950  4.476   11.654  1.00 61.42  ? 147 ILE 1 CD1   1 
ATOM   1144 N N     . VAL A 1 148 ? -5.784  2.505   9.235   1.00 51.31  ? 148 VAL 1 N     1 
ATOM   1145 C CA    . VAL A 1 148 ? -6.621  2.435   8.040   1.00 49.26  ? 148 VAL 1 CA    1 
ATOM   1146 C C     . VAL A 1 148 ? -7.226  3.789   7.639   1.00 50.65  ? 148 VAL 1 C     1 
ATOM   1147 O O     . VAL A 1 148 ? -8.289  4.184   8.116   1.00 53.32  ? 148 VAL 1 O     1 
ATOM   1148 C CB    . VAL A 1 148 ? -7.744  1.399   8.242   1.00 42.61  ? 148 VAL 1 CB    1 
ATOM   1149 C CG1   . VAL A 1 148 ? -8.604  1.311   7.012   1.00 42.75  ? 148 VAL 1 CG1   1 
ATOM   1150 C CG2   . VAL A 1 148 ? -7.142  0.061   8.560   1.00 46.27  ? 148 VAL 1 CG2   1 
ATOM   1151 N N     . ILE A 1 149 ? -6.533  4.505   6.763   1.00 51.84  ? 149 ILE 1 N     1 
ATOM   1152 C CA    . ILE A 1 149 ? -7.010  5.800   6.302   1.00 52.60  ? 149 ILE 1 CA    1 
ATOM   1153 C C     . ILE A 1 149 ? -8.278  5.577   5.490   1.00 57.60  ? 149 ILE 1 C     1 
ATOM   1154 O O     . ILE A 1 149 ? -8.264  4.923   4.449   1.00 60.41  ? 149 ILE 1 O     1 
ATOM   1155 C CB    . ILE A 1 149 ? -5.950  6.495   5.434   1.00 53.16  ? 149 ILE 1 CB    1 
ATOM   1156 C CG1   . ILE A 1 149 ? -4.638  6.635   6.225   1.00 57.58  ? 149 ILE 1 CG1   1 
ATOM   1157 C CG2   . ILE A 1 149 ? -6.469  7.820   4.931   1.00 49.68  ? 149 ILE 1 CG2   1 
ATOM   1158 C CD1   . ILE A 1 149 ? -4.801  7.070   7.677   1.00 56.94  ? 149 ILE 1 CD1   1 
ATOM   1159 N N     . GLU A 1 150 ? -9.387  6.110   5.980   1.00 61.17  ? 150 GLU 1 N     1 
ATOM   1160 C CA    . GLU A 1 150 ? -10.658 5.941   5.300   1.00 61.89  ? 150 GLU 1 CA    1 
ATOM   1161 C C     . GLU A 1 150 ? -10.690 6.711   3.990   1.00 62.62  ? 150 GLU 1 C     1 
ATOM   1162 O O     . GLU A 1 150 ? -9.974  7.688   3.804   1.00 62.61  ? 150 GLU 1 O     1 
ATOM   1163 C CB    . GLU A 1 150 ? -11.802 6.415   6.218   1.00 66.21  ? 150 GLU 1 CB    1 
ATOM   1164 C CG    . GLU A 1 150 ? -11.797 5.769   7.615   1.00 71.90  ? 150 GLU 1 CG    1 
ATOM   1165 C CD    . GLU A 1 150 ? -13.084 5.014   7.946   1.00 74.08  ? 150 GLU 1 CD    1 
ATOM   1166 O OE1   . GLU A 1 150 ? -13.034 4.100   8.822   1.00 72.60  ? 150 GLU 1 OE1   1 
ATOM   1167 O OE2   . GLU A 1 150 ? -14.136 5.345   7.337   1.00 72.08  ? 150 GLU 1 OE2   1 
ATOM   1168 N N     . PRO A 1 151 ? -11.490 6.244   3.035   1.00 67.56  ? 151 PRO 1 N     1 
ATOM   1169 C CA    . PRO A 1 151 ? -11.571 6.966   1.761   1.00 69.94  ? 151 PRO 1 CA    1 
ATOM   1170 C C     . PRO A 1 151 ? -12.601 8.103   1.918   1.00 71.34  ? 151 PRO 1 C     1 
ATOM   1171 O O     . PRO A 1 151 ? -13.427 8.093   2.841   1.00 72.21  ? 151 PRO 1 O     1 
ATOM   1172 C CB    . PRO A 1 151 ? -12.025 5.882   0.778   1.00 70.63  ? 151 PRO 1 CB    1 
ATOM   1173 C CG    . PRO A 1 151 ? -12.874 4.984   1.646   1.00 70.40  ? 151 PRO 1 CG    1 
ATOM   1174 C CD    . PRO A 1 151 ? -12.044 4.884   2.913   1.00 69.52  ? 151 PRO 1 CD    1 
ATOM   1175 N N     . VAL A 1 152 ? -12.554 9.080   1.022   1.00 70.51  ? 152 VAL 1 N     1 
ATOM   1176 C CA    . VAL A 1 152 ? -13.474 10.205  1.086   1.00 69.91  ? 152 VAL 1 CA    1 
ATOM   1177 C C     . VAL A 1 152 ? -14.444 10.218  -0.089  1.00 71.34  ? 152 VAL 1 C     1 
ATOM   1178 O O     . VAL A 1 152 ? -14.104 9.805   -1.190  1.00 71.71  ? 152 VAL 1 O     1 
ATOM   1179 C CB    . VAL A 1 152 ? -12.699 11.545  1.118   1.00 68.64  ? 152 VAL 1 CB    1 
ATOM   1180 C CG1   . VAL A 1 152 ? -11.976 11.682  2.435   1.00 69.26  ? 152 VAL 1 CG1   1 
ATOM   1181 C CG2   . VAL A 1 152 ? -11.690 11.601  -0.017  1.00 62.45  ? 152 VAL 1 CG2   1 
ATOM   1182 N N     . GLU A 1 153 ? -15.657 10.698  0.148   1.00 73.49  ? 153 GLU 1 N     1 
ATOM   1183 C CA    . GLU A 1 153 ? -16.657 10.772  -0.907  1.00 74.79  ? 153 GLU 1 CA    1 
ATOM   1184 C C     . GLU A 1 153 ? -16.289 11.924  -1.830  1.00 75.31  ? 153 GLU 1 C     1 
ATOM   1185 O O     . GLU A 1 153 ? -15.747 12.936  -1.393  1.00 73.58  ? 153 GLU 1 O     1 
ATOM   1186 C CB    . GLU A 1 153 ? -18.030 11.016  -0.302  1.00 76.81  ? 153 GLU 1 CB    1 
ATOM   1187 C CG    . GLU A 1 153 ? -18.216 10.296  1.010   1.00 83.84  ? 153 GLU 1 CG    1 
ATOM   1188 C CD    . GLU A 1 153 ? -19.645 10.309  1.480   1.00 88.86  ? 153 GLU 1 CD    1 
ATOM   1189 O OE1   . GLU A 1 153 ? -19.876 9.935   2.654   1.00 89.67  ? 153 GLU 1 OE1   1 
ATOM   1190 O OE2   . GLU A 1 153 ? -20.530 10.684  0.672   1.00 91.09  ? 153 GLU 1 OE2   1 
ATOM   1191 N N     . ILE A 1 154 ? -16.587 11.770  -3.110  1.00 79.53  ? 154 ILE 1 N     1 
ATOM   1192 C CA    . ILE A 1 154 ? -16.263 12.808  -4.069  1.00 82.87  ? 154 ILE 1 CA    1 
ATOM   1193 C C     . ILE A 1 154 ? -17.213 12.885  -5.264  1.00 84.69  ? 154 ILE 1 C     1 
ATOM   1194 O O     . ILE A 1 154 ? -18.099 12.035  -5.440  1.00 83.74  ? 154 ILE 1 O     1 
ATOM   1195 C CB    . ILE A 1 154 ? -14.809 12.641  -4.579  1.00 84.08  ? 154 ILE 1 CB    1 
ATOM   1196 C CG1   . ILE A 1 154 ? -14.392 11.164  -4.517  1.00 83.09  ? 154 ILE 1 CG1   1 
ATOM   1197 C CG2   . ILE A 1 154 ? -13.866 13.513  -3.749  1.00 85.24  ? 154 ILE 1 CG2   1 
ATOM   1198 C CD1   . ILE A 1 154 ? -15.241 10.237  -5.356  1.00 81.26  ? 154 ILE 1 CD1   1 
ATOM   1199 N N     . MET A 1 155 ? -17.019 13.927  -6.072  1.00 86.86  ? 155 MET 1 N     1 
ATOM   1200 C CA    . MET A 1 155 ? -17.826 14.154  -7.265  1.00 90.05  ? 155 MET 1 CA    1 
ATOM   1201 C C     . MET A 1 155 ? -17.114 13.635  -8.521  1.00 89.92  ? 155 MET 1 C     1 
ATOM   1202 O O     . MET A 1 155 ? -16.493 12.566  -8.511  1.00 87.20  ? 155 MET 1 O     1 
ATOM   1203 C CB    . MET A 1 155 ? -18.125 15.654  -7.417  1.00 91.24  ? 155 MET 1 CB    1 
ATOM   1204 C CG    . MET A 1 155 ? -19.097 16.234  -6.378  1.00 89.70  ? 155 MET 1 CG    1 
ATOM   1205 S SD    . MET A 1 155 ? -20.792 15.605  -6.549  1.00 91.99  ? 155 MET 1 SD    1 
ATOM   1206 C CE    . MET A 1 155 ? -21.344 16.495  -8.024  1.00 86.99  ? 155 MET 1 CE    1 
ATOM   1207 N N     . ARG A 1 168 ? -16.742 7.316   -3.626  1.00 70.95  ? 168 ARG 1 N     1 
ATOM   1208 C CA    . ARG A 1 168 ? -15.622 7.401   -2.696  1.00 73.78  ? 168 ARG 1 CA    1 
ATOM   1209 C C     . ARG A 1 168 ? -14.274 7.237   -3.391  1.00 73.18  ? 168 ARG 1 C     1 
ATOM   1210 O O     . ARG A 1 168 ? -14.188 6.608   -4.448  1.00 75.46  ? 168 ARG 1 O     1 
ATOM   1211 C CB    . ARG A 1 168 ? -15.758 6.356   -1.593  1.00 74.45  ? 168 ARG 1 CB    1 
ATOM   1212 C CG    . ARG A 1 168 ? -16.938 6.593   -0.661  1.00 75.35  ? 168 ARG 1 CG    1 
ATOM   1213 C CD    . ARG A 1 168 ? -16.984 5.514   0.396   1.00 77.98  ? 168 ARG 1 CD    1 
ATOM   1214 N NE    . ARG A 1 168 ? -16.677 6.032   1.721   1.00 82.35  ? 168 ARG 1 NE    1 
ATOM   1215 C CZ    . ARG A 1 168 ? -17.543 6.696   2.480   1.00 85.56  ? 168 ARG 1 CZ    1 
ATOM   1216 N NH1   . ARG A 1 168 ? -18.775 6.913   2.038   1.00 88.52  ? 168 ARG 1 NH1   1 
ATOM   1217 N NH2   . ARG A 1 168 ? -17.182 7.142   3.678   1.00 86.33  ? 168 ARG 1 NH2   1 
ATOM   1218 N N     . GLY A 1 169 ? -13.235 7.817   -2.779  1.00 70.79  ? 169 GLY 1 N     1 
ATOM   1219 C CA    . GLY A 1 169 ? -11.886 7.783   -3.315  1.00 63.24  ? 169 GLY 1 CA    1 
ATOM   1220 C C     . GLY A 1 169 ? -10.786 8.037   -2.288  1.00 61.44  ? 169 GLY 1 C     1 
ATOM   1221 O O     . GLY A 1 169 ? -11.031 8.172   -1.094  1.00 60.16  ? 169 GLY 1 O     1 
ATOM   1222 N N     . LEU A 1 170 ? -9.551  8.089   -2.764  1.00 60.88  ? 170 LEU 1 N     1 
ATOM   1223 C CA    . LEU A 1 170 ? -8.401  8.311   -1.901  1.00 59.45  ? 170 LEU 1 CA    1 
ATOM   1224 C C     . LEU A 1 170 ? -8.196  9.802   -1.656  1.00 57.24  ? 170 LEU 1 C     1 
ATOM   1225 O O     . LEU A 1 170 ? -8.507  10.618  -2.525  1.00 54.04  ? 170 LEU 1 O     1 
ATOM   1226 C CB    . LEU A 1 170 ? -7.139  7.734   -2.561  1.00 57.58  ? 170 LEU 1 CB    1 
ATOM   1227 C CG    . LEU A 1 170 ? -7.016  6.214   -2.716  1.00 58.11  ? 170 LEU 1 CG    1 
ATOM   1228 C CD1   . LEU A 1 170 ? -5.954  5.901   -3.772  1.00 53.10  ? 170 LEU 1 CD1   1 
ATOM   1229 C CD2   . LEU A 1 170 ? -6.665  5.579   -1.367  1.00 54.70  ? 170 LEU 1 CD2   1 
ATOM   1230 N N     . ILE A 1 171 ? -7.667  10.156  -0.486  1.00 51.91  ? 171 ILE 1 N     1 
ATOM   1231 C CA    . ILE A 1 171 ? -7.420  11.560  -0.201  1.00 54.45  ? 171 ILE 1 CA    1 
ATOM   1232 C C     . ILE A 1 171 ? -6.197  11.968  -1.005  1.00 54.60  ? 171 ILE 1 C     1 
ATOM   1233 O O     . ILE A 1 171 ? -5.273  11.190  -1.170  1.00 59.04  ? 171 ILE 1 O     1 
ATOM   1234 C CB    . ILE A 1 171 ? -7.181  11.858  1.330   1.00 54.11  ? 171 ILE 1 CB    1 
ATOM   1235 C CG1   . ILE A 1 171 ? -5.859  11.263  1.831   1.00 55.11  ? 171 ILE 1 CG1   1 
ATOM   1236 C CG2   . ILE A 1 171 ? -8.353  11.346  2.141   1.00 50.07  ? 171 ILE 1 CG2   1 
ATOM   1237 C CD1   . ILE A 1 171 ? -5.849  9.779   1.970   1.00 68.45  ? 171 ILE 1 CD1   1 
ATOM   1238 N N     . THR A 1 172 ? -6.211  13.187  -1.523  1.00 55.70  ? 172 THR 1 N     1 
ATOM   1239 C CA    . THR A 1 172 ? -5.106  13.710  -2.322  1.00 54.84  ? 172 THR 1 CA    1 
ATOM   1240 C C     . THR A 1 172 ? -3.721  13.376  -1.741  1.00 53.28  ? 172 THR 1 C     1 
ATOM   1241 O O     . THR A 1 172 ? -3.575  13.131  -0.535  1.00 51.48  ? 172 THR 1 O     1 
ATOM   1242 C CB    . THR A 1 172 ? -5.272  15.243  -2.483  1.00 55.93  ? 172 THR 1 CB    1 
ATOM   1243 O OG1   . THR A 1 172 ? -5.348  15.858  -1.187  1.00 58.06  ? 172 THR 1 OG1   1 
ATOM   1244 C CG2   . THR A 1 172 ? -6.571  15.550  -3.229  1.00 47.65  ? 172 THR 1 CG2   1 
ATOM   1245 N N     . PRO A 1 173 ? -2.688  13.356  -2.598  1.00 52.78  ? 173 PRO 1 N     1 
ATOM   1246 C CA    . PRO A 1 173 ? -1.322  13.046  -2.171  1.00 54.71  ? 173 PRO 1 CA    1 
ATOM   1247 C C     . PRO A 1 173 ? -0.890  13.766  -0.906  1.00 58.04  ? 173 PRO 1 C     1 
ATOM   1248 O O     . PRO A 1 173 ? -0.280  13.157  -0.020  1.00 59.93  ? 173 PRO 1 O     1 
ATOM   1249 C CB    . PRO A 1 173 ? -0.480  13.450  -3.375  1.00 54.42  ? 173 PRO 1 CB    1 
ATOM   1250 C CG    . PRO A 1 173 ? -1.380  13.116  -4.523  1.00 53.85  ? 173 PRO 1 CG    1 
ATOM   1251 C CD    . PRO A 1 173 ? -2.737  13.623  -4.046  1.00 53.77  ? 173 PRO 1 CD    1 
ATOM   1252 N N     . ASP A 1 174 ? -1.194  15.058  -0.822  1.00 60.13  ? 174 ASP 1 N     1 
ATOM   1253 C CA    . ASP A 1 174 ? -0.831  15.860  0.353   1.00 61.16  ? 174 ASP 1 CA    1 
ATOM   1254 C C     . ASP A 1 174 ? -1.488  15.357  1.644   1.00 57.94  ? 174 ASP 1 C     1 
ATOM   1255 O O     . ASP A 1 174 ? -0.826  15.222  2.670   1.00 54.98  ? 174 ASP 1 O     1 
ATOM   1256 C CB    . ASP A 1 174 ? -1.190  17.331  0.112   1.00 67.50  ? 174 ASP 1 CB    1 
ATOM   1257 C CG    . ASP A 1 174 ? -2.595  17.503  -0.429  1.00 71.92  ? 174 ASP 1 CG    1 
ATOM   1258 O OD1   . ASP A 1 174 ? -2.932  16.824  -1.429  1.00 77.71  ? 174 ASP 1 OD1   1 
ATOM   1259 O OD2   . ASP A 1 174 ? -3.356  18.316  0.138   1.00 73.21  ? 174 ASP 1 OD2   1 
ATOM   1260 N N     . LYS A 1 175 ? -2.787  15.078  1.602   1.00 58.23  ? 175 LYS 1 N     1 
ATOM   1261 C CA    . LYS A 1 175 ? -3.459  14.567  2.794   1.00 61.95  ? 175 LYS 1 CA    1 
ATOM   1262 C C     . LYS A 1 175 ? -2.772  13.254  3.160   1.00 60.67  ? 175 LYS 1 C     1 
ATOM   1263 O O     . LYS A 1 175 ? -2.353  13.043  4.309   1.00 57.97  ? 175 LYS 1 O     1 
ATOM   1264 C CB    . LYS A 1 175 ? -4.937  14.265  2.524   1.00 65.41  ? 175 LYS 1 CB    1 
ATOM   1265 C CG    . LYS A 1 175 ? -5.693  15.291  1.727   1.00 71.08  ? 175 LYS 1 CG    1 
ATOM   1266 C CD    . LYS A 1 175 ? -6.232  16.404  2.582   1.00 76.73  ? 175 LYS 1 CD    1 
ATOM   1267 C CE    . LYS A 1 175 ? -7.251  17.214  1.776   1.00 81.52  ? 175 LYS 1 CE    1 
ATOM   1268 N NZ    . LYS A 1 175 ? -6.697  17.653  0.446   1.00 80.81  ? 175 LYS 1 NZ    1 
ATOM   1269 N N     . ALA A 1 176 ? -2.669  12.374  2.160   1.00 59.81  ? 176 ALA 1 N     1 
ATOM   1270 C CA    . ALA A 1 176 ? -2.050  11.061  2.329   1.00 56.15  ? 176 ALA 1 CA    1 
ATOM   1271 C C     . ALA A 1 176 ? -0.670  11.164  2.981   1.00 54.20  ? 176 ALA 1 C     1 
ATOM   1272 O O     . ALA A 1 176 ? -0.342  10.393  3.892   1.00 48.85  ? 176 ALA 1 O     1 
ATOM   1273 C CB    . ALA A 1 176 ? -1.946  10.372  0.991   1.00 55.95  ? 176 ALA 1 CB    1 
ATOM   1274 N N     . LEU A 1 177 ? 0.141   12.109  2.513   1.00 53.24  ? 177 LEU 1 N     1 
ATOM   1275 C CA    . LEU A 1 177 ? 1.473   12.294  3.088   1.00 59.62  ? 177 LEU 1 CA    1 
ATOM   1276 C C     . LEU A 1 177 ? 1.346   12.570  4.591   1.00 61.26  ? 177 LEU 1 C     1 
ATOM   1277 O O     . LEU A 1 177 ? 2.050   11.966  5.411   1.00 59.15  ? 177 LEU 1 O     1 
ATOM   1278 C CB    . LEU A 1 177 ? 2.200   13.458  2.401   1.00 61.86  ? 177 LEU 1 CB    1 
ATOM   1279 C CG    . LEU A 1 177 ? 3.516   13.944  3.031   1.00 63.81  ? 177 LEU 1 CG    1 
ATOM   1280 C CD1   . LEU A 1 177 ? 4.485   12.779  3.243   1.00 61.52  ? 177 LEU 1 CD1   1 
ATOM   1281 C CD2   . LEU A 1 177 ? 4.136   15.005  2.113   1.00 64.51  ? 177 LEU 1 CD2   1 
ATOM   1282 N N     . LEU A 1 178 ? 0.431   13.476  4.944   1.00 60.79  ? 178 LEU 1 N     1 
ATOM   1283 C CA    . LEU A 1 178 ? 0.202   13.826  6.338   1.00 62.30  ? 178 LEU 1 CA    1 
ATOM   1284 C C     . LEU A 1 178 ? -0.194  12.588  7.141   1.00 62.07  ? 178 LEU 1 C     1 
ATOM   1285 O O     . LEU A 1 178 ? 0.320   12.356  8.248   1.00 62.08  ? 178 LEU 1 O     1 
ATOM   1286 C CB    . LEU A 1 178 ? -0.884  14.902  6.440   1.00 61.99  ? 178 LEU 1 CB    1 
ATOM   1287 C CG    . LEU A 1 178 ? -0.567  16.232  5.736   1.00 65.15  ? 178 LEU 1 CG    1 
ATOM   1288 C CD1   . LEU A 1 178 ? -1.760  17.173  5.878   1.00 61.76  ? 178 LEU 1 CD1   1 
ATOM   1289 C CD2   . LEU A 1 178 ? 0.688   16.874  6.331   1.00 57.64  ? 178 LEU 1 CD2   1 
ATOM   1290 N N     . ALA A 1 179 ? -1.103  11.790  6.581   1.00 60.42  ? 179 ALA 1 N     1 
ATOM   1291 C CA    . ALA A 1 179 ? -1.546  10.576  7.253   1.00 56.50  ? 179 ALA 1 CA    1 
ATOM   1292 C C     . ALA A 1 179 ? -0.345  9.652   7.481   1.00 58.84  ? 179 ALA 1 C     1 
ATOM   1293 O O     . ALA A 1 179 ? -0.245  9.004   8.526   1.00 61.39  ? 179 ALA 1 O     1 
ATOM   1294 C CB    . ALA A 1 179 ? -2.609  9.887   6.426   1.00 51.72  ? 179 ALA 1 CB    1 
ATOM   1295 N N     . ILE A 1 180 ? 0.577   9.603   6.521   1.00 58.69  ? 180 ILE 1 N     1 
ATOM   1296 C CA    . ILE A 1 180 ? 1.753   8.760   6.685   1.00 63.22  ? 180 ILE 1 CA    1 
ATOM   1297 C C     . ILE A 1 180 ? 2.581   9.282   7.865   1.00 65.54  ? 180 ILE 1 C     1 
ATOM   1298 O O     . ILE A 1 180 ? 2.994   8.508   8.738   1.00 62.43  ? 180 ILE 1 O     1 
ATOM   1299 C CB    . ILE A 1 180 ? 2.671   8.765   5.422   1.00 67.33  ? 180 ILE 1 CB    1 
ATOM   1300 C CG1   . ILE A 1 180 ? 1.881   8.382   4.171   1.00 62.70  ? 180 ILE 1 CG1   1 
ATOM   1301 C CG2   . ILE A 1 180 ? 3.839   7.789   5.622   1.00 60.93  ? 180 ILE 1 CG2   1 
ATOM   1302 C CD1   . ILE A 1 180 ? 1.292   7.023   4.235   1.00 70.09  ? 180 ILE 1 CD1   1 
ATOM   1303 N N     . GLU A 1 181 ? 2.818   10.597  7.885   1.00 69.34  ? 181 GLU 1 N     1 
ATOM   1304 C CA    . GLU A 1 181 ? 3.612   11.228  8.943   1.00 71.35  ? 181 GLU 1 CA    1 
ATOM   1305 C C     . GLU A 1 181 ? 3.007   11.018  10.326  1.00 67.54  ? 181 GLU 1 C     1 
ATOM   1306 O O     . GLU A 1 181 ? 3.712   10.680  11.283  1.00 66.55  ? 181 GLU 1 O     1 
ATOM   1307 C CB    . GLU A 1 181 ? 3.777   12.725  8.675   1.00 77.18  ? 181 GLU 1 CB    1 
ATOM   1308 C CG    . GLU A 1 181 ? 4.780   13.403  9.616   1.00 89.75  ? 181 GLU 1 CG    1 
ATOM   1309 C CD    . GLU A 1 181 ? 4.119   14.290  10.668  1.00 97.45  ? 181 GLU 1 CD    1 
ATOM   1310 O OE1   . GLU A 1 181 ? 4.818   14.714  11.628  1.00 100.16 ? 181 GLU 1 OE1   1 
ATOM   1311 O OE2   . GLU A 1 181 ? 2.903   14.565  10.522  1.00 99.72  ? 181 GLU 1 OE2   1 
ATOM   1312 N N     . LYS A 1 182 ? 1.700   11.211  10.430  1.00 63.43  ? 182 LYS 1 N     1 
ATOM   1313 C CA    . LYS A 1 182 ? 1.025   11.019  11.704  1.00 66.49  ? 182 LYS 1 CA    1 
ATOM   1314 C C     . LYS A 1 182 ? 1.183   9.576   12.198  1.00 67.49  ? 182 LYS 1 C     1 
ATOM   1315 O O     . LYS A 1 182 ? 1.501   9.340   13.365  1.00 67.13  ? 182 LYS 1 O     1 
ATOM   1316 C CB    . LYS A 1 182 ? -0.457  11.376  11.557  1.00 66.64  ? 182 LYS 1 CB    1 
ATOM   1317 C CG    . LYS A 1 182 ? -1.282  11.195  12.807  1.00 67.03  ? 182 LYS 1 CG    1 
ATOM   1318 C CD    . LYS A 1 182 ? -2.679  11.765  12.589  1.00 76.80  ? 182 LYS 1 CD    1 
ATOM   1319 C CE    . LYS A 1 182 ? -3.546  11.631  13.841  1.00 82.33  ? 182 LYS 1 CE    1 
ATOM   1320 N NZ    . LYS A 1 182 ? -3.584  10.225  14.361  1.00 86.96  ? 182 LYS 1 NZ    1 
ATOM   1321 N N     . GLY A 1 183 ? 0.972   8.617   11.297  1.00 69.22  ? 183 GLY 1 N     1 
ATOM   1322 C CA    . GLY A 1 183 ? 1.087   7.211   11.653  1.00 68.62  ? 183 GLY 1 CA    1 
ATOM   1323 C C     . GLY A 1 183 ? 2.469   6.804   12.134  1.00 69.54  ? 183 GLY 1 C     1 
ATOM   1324 O O     . GLY A 1 183 ? 2.611   5.935   13.009  1.00 68.83  ? 183 GLY 1 O     1 
ATOM   1325 N N     . PHE A 1 184 ? 3.493   7.426   11.558  1.00 69.15  ? 184 PHE 1 N     1 
ATOM   1326 C CA    . PHE A 1 184 ? 4.870   7.136   11.931  1.00 71.92  ? 184 PHE 1 CA    1 
ATOM   1327 C C     . PHE A 1 184 ? 5.170   7.630   13.363  1.00 73.54  ? 184 PHE 1 C     1 
ATOM   1328 O O     . PHE A 1 184 ? 6.103   8.389   13.578  1.00 74.98  ? 184 PHE 1 O     1 
ATOM   1329 C CB    . PHE A 1 184 ? 5.825   7.790   10.917  1.00 68.64  ? 184 PHE 1 CB    1 
ATOM   1330 C CG    . PHE A 1 184 ? 7.276   7.551   11.212  1.00 71.78  ? 184 PHE 1 CG    1 
ATOM   1331 C CD1   . PHE A 1 184 ? 7.781   6.253   11.278  1.00 73.82  ? 184 PHE 1 CD1   1 
ATOM   1332 C CD2   . PHE A 1 184 ? 8.131   8.620   11.476  1.00 71.48  ? 184 PHE 1 CD2   1 
ATOM   1333 C CE1   . PHE A 1 184 ? 9.123   6.018   11.612  1.00 74.65  ? 184 PHE 1 CE1   1 
ATOM   1334 C CE2   . PHE A 1 184 ? 9.474   8.403   11.812  1.00 71.78  ? 184 PHE 1 CE2   1 
ATOM   1335 C CZ    . PHE A 1 184 ? 9.972   7.098   11.881  1.00 73.28  ? 184 PHE 1 CZ    1 
ATOM   1336 N N     . LYS A 1 185 ? 4.370   7.207   14.340  1.00 75.27  ? 185 LYS 1 N     1 
ATOM   1337 C CA    . LYS A 1 185 ? 4.590   7.616   15.728  1.00 73.76  ? 185 LYS 1 CA    1 
ATOM   1338 C C     . LYS A 1 185 ? 4.171   6.497   16.673  1.00 69.26  ? 185 LYS 1 C     1 
ATOM   1339 O O     . LYS A 1 185 ? 3.012   6.422   17.064  1.00 63.64  ? 185 LYS 1 O     1 
ATOM   1340 C CB    . LYS A 1 185 ? 3.793   8.878   16.056  1.00 71.24  ? 185 LYS 1 CB    1 
ATOM   1341 C CG    . LYS A 1 185 ? 3.827   9.962   14.990  1.00 78.94  ? 185 LYS 1 CG    1 
ATOM   1342 C CD    . LYS A 1 185 ? 5.134   10.730  14.964  1.00 81.07  ? 185 LYS 1 CD    1 
ATOM   1343 C CE    . LYS A 1 185 ? 5.056   11.899  13.975  1.00 84.10  ? 185 LYS 1 CE    1 
ATOM   1344 N NZ    . LYS A 1 185 ? 6.391   12.545  13.698  1.00 84.77  ? 185 LYS 1 NZ    1 
HETATM 1345 P PA    . FAD B 2 .   ? -4.547  -10.260 -6.532  1.00 41.21  ? 259 FAD 1 PA    1 
HETATM 1346 O O1A   . FAD B 2 .   ? -4.254  -9.394  -7.753  1.00 36.06  ? 259 FAD 1 O1A   1 
HETATM 1347 O O2A   . FAD B 2 .   ? -3.392  -11.007 -5.893  1.00 41.76  ? 259 FAD 1 O2A   1 
HETATM 1348 O O5B   . FAD B 2 .   ? -5.701  -11.379 -6.859  1.00 38.98  ? 259 FAD 1 O5B   1 
HETATM 1349 C C5B   . FAD B 2 .   ? -6.605  -11.311 -8.001  1.00 53.32  ? 259 FAD 1 C5B   1 
HETATM 1350 C C4B   . FAD B 2 .   ? -6.118  -12.162 -9.167  1.00 60.86  ? 259 FAD 1 C4B   1 
HETATM 1351 O O4B   . FAD B 2 .   ? -4.724  -12.414 -9.034  1.00 68.54  ? 259 FAD 1 O4B   1 
HETATM 1352 C C3B   . FAD B 2 .   ? -6.768  -13.554 -9.266  1.00 65.50  ? 259 FAD 1 C3B   1 
HETATM 1353 O O3B   . FAD B 2 .   ? -7.452  -13.557 -10.514 1.00 61.68  ? 259 FAD 1 O3B   1 
HETATM 1354 C C2B   . FAD B 2 .   ? -5.612  -14.493 -9.154  1.00 68.02  ? 259 FAD 1 C2B   1 
HETATM 1355 O O2B   . FAD B 2 .   ? -5.646  -15.734 -9.800  1.00 70.50  ? 259 FAD 1 O2B   1 
HETATM 1356 C C1B   . FAD B 2 .   ? -4.420  -13.655 -9.612  1.00 74.63  ? 259 FAD 1 C1B   1 
HETATM 1357 N N9A   . FAD B 2 .   ? -3.041  -13.996 -9.131  1.00 81.13  ? 259 FAD 1 N9A   1 
HETATM 1358 C C8A   . FAD B 2 .   ? -2.418  -13.871 -7.814  1.00 79.84  ? 259 FAD 1 C8A   1 
HETATM 1359 N N7A   . FAD B 2 .   ? -1.170  -14.280 -7.762  1.00 82.92  ? 259 FAD 1 N7A   1 
HETATM 1360 C C5A   . FAD B 2 .   ? -0.879  -14.714 -9.096  1.00 85.00  ? 259 FAD 1 C5A   1 
HETATM 1361 C C6A   . FAD B 2 .   ? 0.289   -15.285 -9.739  1.00 86.25  ? 259 FAD 1 C6A   1 
HETATM 1362 N N6A   . FAD B 2 .   ? 1.443   -15.496 -9.085  1.00 87.98  ? 259 FAD 1 N6A   1 
HETATM 1363 N N1A   . FAD B 2 .   ? 0.199   -15.632 -11.122 1.00 85.05  ? 259 FAD 1 N1A   1 
HETATM 1364 C C2A   . FAD B 2 .   ? -0.954  -15.441 -11.835 1.00 80.08  ? 259 FAD 1 C2A   1 
HETATM 1365 N N3A   . FAD B 2 .   ? -2.145  -14.875 -11.293 1.00 80.33  ? 259 FAD 1 N3A   1 
HETATM 1366 C C4A   . FAD B 2 .   ? -1.963  -14.560 -9.870  1.00 81.20  ? 259 FAD 1 C4A   1 
HETATM 1367 N N1    . FAD B 2 .   ? -11.416 -4.570  -5.584  1.00 49.30  ? 259 FAD 1 N1    1 
HETATM 1368 C C2    . FAD B 2 .   ? -11.421 -3.658  -4.536  1.00 49.87  ? 259 FAD 1 C2    1 
HETATM 1369 O O2    . FAD B 2 .   ? -11.549 -4.054  -3.346  1.00 54.45  ? 259 FAD 1 O2    1 
HETATM 1370 N N3    . FAD B 2 .   ? -11.279 -2.290  -4.819  1.00 49.53  ? 259 FAD 1 N3    1 
HETATM 1371 C C4    . FAD B 2 .   ? -11.127 -1.720  -6.140  1.00 49.06  ? 259 FAD 1 C4    1 
HETATM 1372 O O4    . FAD B 2 .   ? -11.014 -0.443  -6.288  1.00 49.97  ? 259 FAD 1 O4    1 
HETATM 1373 C C4X   . FAD B 2 .   ? -11.109 -2.662  -7.167  1.00 47.69  ? 259 FAD 1 C4X   1 
HETATM 1374 N N5    . FAD B 2 .   ? -10.931 -2.147  -8.498  1.00 49.27  ? 259 FAD 1 N5    1 
HETATM 1375 C C5X   . FAD B 2 .   ? -10.878 -3.093  -9.570  1.00 51.76  ? 259 FAD 1 C5X   1 
HETATM 1376 C C6    . FAD B 2 .   ? -10.701 -2.639  -10.913 1.00 53.93  ? 259 FAD 1 C6    1 
HETATM 1377 C C7    . FAD B 2 .   ? -10.631 -3.537  -12.058 1.00 57.91  ? 259 FAD 1 C7    1 
HETATM 1378 C C7M   . FAD B 2 .   ? -10.422 -2.928  -13.474 1.00 58.71  ? 259 FAD 1 C7M   1 
HETATM 1379 C C8    . FAD B 2 .   ? -10.755 -4.989  -11.805 1.00 53.26  ? 259 FAD 1 C8    1 
HETATM 1380 C C8M   . FAD B 2 .   ? -10.693 -6.042  -12.893 1.00 57.01  ? 259 FAD 1 C8M   1 
HETATM 1381 C C9    . FAD B 2 .   ? -10.932 -5.486  -10.503 1.00 51.26  ? 259 FAD 1 C9    1 
HETATM 1382 C C9A   . FAD B 2 .   ? -11.004 -4.589  -9.359  1.00 50.76  ? 259 FAD 1 C9A   1 
HETATM 1383 N N10   . FAD B 2 .   ? -11.197 -4.993  -7.923  1.00 46.20  ? 259 FAD 1 N10   1 
HETATM 1384 C C10   . FAD B 2 .   ? -11.246 -4.066  -6.870  1.00 46.75  ? 259 FAD 1 C10   1 
HETATM 1385 C "C1'" . FAD B 2 .   ? -11.325 -6.396  -7.659  1.00 41.00  ? 259 FAD 1 "C1'" 1 
HETATM 1386 C "C2'" . FAD B 2 .   ? -10.128 -7.108  -7.142  1.00 41.11  ? 259 FAD 1 "C2'" 1 
HETATM 1387 O "O2'" . FAD B 2 .   ? -9.046  -6.981  -8.170  1.00 39.61  ? 259 FAD 1 "O2'" 1 
HETATM 1388 C "C3'" . FAD B 2 .   ? -10.405 -8.552  -6.944  1.00 39.82  ? 259 FAD 1 "C3'" 1 
HETATM 1389 O "O3'" . FAD B 2 .   ? -11.145 -8.803  -5.730  1.00 40.99  ? 259 FAD 1 "O3'" 1 
HETATM 1390 C "C4'" . FAD B 2 .   ? -9.134  -9.447  -6.889  1.00 36.69  ? 259 FAD 1 "C4'" 1 
HETATM 1391 O "O4'" . FAD B 2 .   ? -9.579  -10.840 -6.760  1.00 40.28  ? 259 FAD 1 "O4'" 1 
HETATM 1392 C "C5'" . FAD B 2 .   ? -8.195  -9.159  -5.744  1.00 34.56  ? 259 FAD 1 "C5'" 1 
HETATM 1393 O "O5'" . FAD B 2 .   ? -7.261  -8.127  -6.099  1.00 34.64  ? 259 FAD 1 "O5'" 1 
HETATM 1394 P P     . FAD B 2 .   ? -5.905  -7.921  -5.319  1.00 39.04  ? 259 FAD 1 P     1 
HETATM 1395 O O1P   . FAD B 2 .   ? -5.236  -6.788  -5.967  1.00 37.64  ? 259 FAD 1 O1P   1 
HETATM 1396 O O2P   . FAD B 2 .   ? -6.213  -7.776  -3.851  1.00 40.41  ? 259 FAD 1 O2P   1 
HETATM 1397 O O3P   . FAD B 2 .   ? -5.164  -9.355  -5.408  1.00 42.53  ? 259 FAD 1 O3P   1 
HETATM 1398 O O     . HOH C 3 .   ? 0.325   6.544   -12.271 1.00 40.81  ? 260 HOH 1 O     1 
HETATM 1399 O O     . HOH C 3 .   ? -1.373  -11.010 5.539   1.00 38.08  ? 261 HOH 1 O     1 
HETATM 1400 O O     . HOH C 3 .   ? 3.847   -5.529  -15.481 1.00 36.97  ? 262 HOH 1 O     1 
HETATM 1401 O O     . HOH C 3 .   ? -13.768 -11.436 8.956   1.00 44.34  ? 263 HOH 1 O     1 
HETATM 1402 O O     . HOH C 3 .   ? 6.057   -4.687  -16.558 1.00 36.86  ? 264 HOH 1 O     1 
HETATM 1403 O O     . HOH C 3 .   ? -0.061  -6.239  14.034  1.00 49.35  ? 265 HOH 1 O     1 
HETATM 1404 O O     . HOH C 3 .   ? -11.197 -6.940  -3.291  1.00 44.75  ? 266 HOH 1 O     1 
HETATM 1405 O O     . HOH C 3 .   ? -14.348 -1.878  -6.853  1.00 33.93  ? 267 HOH 1 O     1 
HETATM 1406 O O     . HOH C 3 .   ? -11.318 3.502   -8.482  1.00 58.82  ? 268 HOH 1 O     1 
HETATM 1407 O O     . HOH C 3 .   ? -12.288 6.332   -7.176  1.00 64.21  ? 269 HOH 1 O     1 
HETATM 1408 O O     . HOH C 3 .   ? -7.513  -9.809  -11.805 1.00 61.50  ? 270 HOH 1 O     1 
HETATM 1409 O O     . HOH C 3 .   ? -6.474  -8.544  -13.890 1.00 53.93  ? 271 HOH 1 O     1 
HETATM 1410 O O     . HOH C 3 .   ? 7.653   2.758   11.893  1.00 46.92  ? 272 HOH 1 O     1 
HETATM 1411 O O     . HOH C 3 .   ? 5.735   -0.297  -19.291 1.00 46.32  ? 273 HOH 1 O     1 
HETATM 1412 O O     . HOH C 3 .   ? 1.117   -6.179  -16.928 1.00 49.02  ? 274 HOH 1 O     1 
HETATM 1413 O O     . HOH C 3 .   ? -7.045  3.318   12.094  1.00 54.31  ? 275 HOH 1 O     1 
HETATM 1414 O O     . HOH C 3 .   ? 10.571  -3.178  -13.009 1.00 52.39  ? 276 HOH 1 O     1 
HETATM 1415 O O     . HOH C 3 .   ? -11.421 0.495   -9.621  1.00 43.39  ? 277 HOH 1 O     1 
HETATM 1416 O O     . HOH C 3 .   ? -4.181  13.376  6.211   1.00 52.48  ? 278 HOH 1 O     1 
HETATM 1417 O O     . HOH C 3 .   ? 14.678  13.012  -1.880  1.00 64.41  ? 279 HOH 1 O     1 
HETATM 1418 O O     . HOH C 3 .   ? -7.222  6.146   -12.690 1.00 53.12  ? 280 HOH 1 O     1 
HETATM 1419 O O     . HOH C 3 .   ? 5.797   -3.857  -19.478 1.00 64.00  ? 281 HOH 1 O     1 
HETATM 1420 O O     . HOH C 3 .   ? -16.545 11.728  3.137   1.00 59.42  ? 282 HOH 1 O     1 
HETATM 1421 O O     . HOH C 3 .   ? 3.459   2.270   11.683  1.00 49.06  ? 283 HOH 1 O     1 
HETATM 1422 O O     . HOH C 3 .   ? 17.032  7.787   -3.809  1.00 63.75  ? 284 HOH 1 O     1 
HETATM 1423 O O     . HOH C 3 .   ? 3.848   -15.500 -10.929 1.00 58.43  ? 285 HOH 1 O     1 
HETATM 1424 O O     . HOH C 3 .   ? 11.298  -19.305 -8.102  1.00 56.77  ? 286 HOH 1 O     1 
HETATM 1425 O O     . HOH C 3 .   ? 1.497   7.820   16.147  1.00 55.22  ? 287 HOH 1 O     1 
HETATM 1426 O O     . HOH C 3 .   ? 5.794   4.597   18.313  1.00 64.58  ? 288 HOH 1 O     1 
HETATM 1427 O O     . HOH C 3 .   ? -13.905 -6.444  14.346  1.00 53.69  ? 289 HOH 1 O     1 
HETATM 1428 O O     . HOH C 3 .   ? -1.087  9.758   16.072  1.00 67.64  ? 290 HOH 1 O     1 
HETATM 1429 O O     . HOH C 3 .   ? 14.566  14.303  1.105   1.00 82.27  ? 291 HOH 1 O     1 
HETATM 1430 O O     . HOH C 3 .   ? -20.333 4.947   1.490   1.00 80.76  ? 292 HOH 1 O     1 
HETATM 1431 O O     . HOH C 3 .   ? 8.819   18.069  11.513  1.00 65.31  ? 293 HOH 1 O     1 
HETATM 1432 O O     . HOH C 3 .   ? -6.267  8.619   -10.973 1.00 60.77  ? 294 HOH 1 O     1 
HETATM 1433 O O     . HOH C 3 .   ? -5.756  7.727   -8.176  1.00 61.28  ? 295 HOH 1 O     1 
HETATM 1434 O O     . HOH C 3 .   ? -0.840  16.877  -3.684  1.00 58.82  ? 296 HOH 1 O     1 
HETATM 1435 O O     . HOH C 3 .   ? 12.406  -1.663  9.192   1.00 59.66  ? 297 HOH 1 O     1 
HETATM 1436 O O     . HOH C 3 .   ? 19.475  -14.284 -2.624  1.00 56.40  ? 298 HOH 1 O     1 
HETATM 1437 O O     . HOH C 3 .   ? -9.988  7.033   -12.501 1.00 54.87  ? 299 HOH 1 O     1 
HETATM 1438 O O     . HOH C 3 .   ? 16.888  5.160   6.935   1.00 70.42  ? 300 HOH 1 O     1 
HETATM 1439 O O     . HOH C 3 .   ? 8.089   7.208   15.698  1.00 63.00  ? 301 HOH 1 O     1 
HETATM 1440 O O     . HOH C 3 .   ? 13.967  -6.477  11.718  1.00 71.50  ? 302 HOH 1 O     1 
HETATM 1441 O O     . HOH C 3 .   ? -13.226 3.279   -6.008  1.00 73.03  ? 303 HOH 1 O     1 
HETATM 1442 O O     . HOH C 3 .   ? -6.260  11.266  7.235   1.00 62.46  ? 304 HOH 1 O     1 
HETATM 1443 O O     . HOH C 3 .   ? -13.789 -0.214  12.118  1.00 66.46  ? 305 HOH 1 O     1 
HETATM 1444 O O     . HOH C 3 .   ? -18.658 6.861   -5.207  1.00 79.99  ? 306 HOH 1 O     1 
HETATM 1445 O O     . HOH C 3 .   ? -4.050  10.539  -8.826  1.00 61.41  ? 307 HOH 1 O     1 
HETATM 1446 O O     . HOH C 3 .   ? -14.932 1.910   8.315   1.00 63.40  ? 308 HOH 1 O     1 
HETATM 1447 O O     . HOH C 3 .   ? -25.676 -6.975  7.312   1.00 69.13  ? 309 HOH 1 O     1 
HETATM 1448 O O     . HOH C 3 .   ? -1.832  -10.129 8.399   1.00 43.20  ? 310 HOH 1 O     1 
HETATM 1449 O O     . HOH C 3 .   ? -3.445  -8.222  11.405  1.00 52.00  ? 311 HOH 1 O     1 
HETATM 1450 O O     . HOH C 3 .   ? -12.392 -7.241  3.389   1.00 48.09  ? 312 HOH 1 O     1 
HETATM 1451 O O     . HOH C 3 .   ? 1.640   -8.956  -4.650  1.00 33.25  ? 313 HOH 1 O     1 
HETATM 1452 O O     . HOH C 3 .   ? 6.514   -8.124  -14.082 1.00 49.28  ? 314 HOH 1 O     1 
HETATM 1453 O O     . HOH C 3 .   ? -8.146  7.773   1.241   1.00 44.77  ? 315 HOH 1 O     1 
HETATM 1454 O O     . HOH C 3 .   ? -8.040  5.212   1.703   1.00 44.15  ? 316 HOH 1 O     1 
HETATM 1455 O O     . HOH C 3 .   ? 8.571   -13.868 -0.859  1.00 61.52  ? 317 HOH 1 O     1 
HETATM 1456 O O     . HOH C 3 .   ? 2.899   -4.754  9.075   1.00 51.37  ? 318 HOH 1 O     1 
HETATM 1457 O O     . HOH C 3 .   ? 14.256  -9.630  -3.214  1.00 58.21  ? 319 HOH 1 O     1 
HETATM 1458 O O     . HOH C 3 .   ? -8.645  14.953  -0.193  1.00 55.73  ? 320 HOH 1 O     1 
HETATM 1459 O O     . HOH C 3 .   ? 7.811   -6.479  -16.012 1.00 56.77  ? 321 HOH 1 O     1 
HETATM 1460 O O     . HOH C 3 .   ? 2.697   -8.405  -8.988  1.00 52.26  ? 322 HOH 1 O     1 
HETATM 1461 O O     . HOH C 3 .   ? -0.782  -10.656 -6.789  1.00 49.84  ? 323 HOH 1 O     1 
# 
loop_
_pdbx_poly_seq_scheme.asym_id 
_pdbx_poly_seq_scheme.entity_id 
_pdbx_poly_seq_scheme.seq_id 
_pdbx_poly_seq_scheme.mon_id 
_pdbx_poly_seq_scheme.ndb_seq_num 
_pdbx_poly_seq_scheme.pdb_seq_num 
_pdbx_poly_seq_scheme.auth_seq_num 
_pdbx_poly_seq_scheme.pdb_mon_id 
_pdbx_poly_seq_scheme.auth_mon_id 
_pdbx_poly_seq_scheme.pdb_strand_id 
_pdbx_poly_seq_scheme.pdb_ins_code 
_pdbx_poly_seq_scheme.hetero 
A 1 1   MET 1   1   ?   ?   ?   1 . n 
A 1 2   SER 2   2   ?   ?   ?   1 . n 
A 1 3   ILE 3   3   3   ILE ILE 1 . n 
A 1 4   SER 4   4   4   SER SER 1 . n 
A 1 5   ILE 5   5   5   ILE ILE 1 . n 
A 1 6   LEU 6   6   6   LEU LEU 1 . n 
A 1 7   LYS 7   7   7   LYS LYS 1 . n 
A 1 8   ASP 8   8   8   ASP ASP 1 . n 
A 1 9   LYS 9   9   9   LYS LYS 1 . n 
A 1 10  LYS 10  10  10  LYS LYS 1 . n 
A 1 11  LEU 11  11  11  LEU LEU 1 . n 
A 1 12  LEU 12  12  12  LEU LEU 1 . n 
A 1 13  ILE 13  13  13  ILE ILE 1 . n 
A 1 14  GLY 14  14  14  GLY GLY 1 . n 
A 1 15  ILE 15  15  15  ILE ILE 1 . n 
A 1 16  CYS 16  16  16  CYS CYS 1 . n 
A 1 17  GLY 17  17  17  GLY GLY 1 . n 
A 1 18  SER 18  18  18  SER SER 1 . n 
A 1 19  ILE 19  19  19  ILE ILE 1 . n 
A 1 20  SER 20  20  20  SER SER 1 . n 
A 1 21  SER 21  21  21  SER SER 1 . n 
A 1 22  VAL 22  22  22  VAL VAL 1 . n 
A 1 23  GLY 23  23  23  GLY GLY 1 . n 
A 1 24  ILE 24  24  24  ILE ILE 1 . n 
A 1 25  SER 25  25  25  SER SER 1 . n 
A 1 26  SER 26  26  26  SER SER 1 . n 
A 1 27  TYR 27  27  27  TYR TYR 1 . n 
A 1 28  LEU 28  28  28  LEU LEU 1 . n 
A 1 29  LEU 29  29  29  LEU LEU 1 . n 
A 1 30  TYR 30  30  30  TYR TYR 1 . n 
A 1 31  PHE 31  31  31  PHE PHE 1 . n 
A 1 32  LYS 32  32  32  LYS LYS 1 . n 
A 1 33  SER 33  33  33  SER SER 1 . n 
A 1 34  PHE 34  34  34  PHE PHE 1 . n 
A 1 35  PHE 35  35  35  PHE PHE 1 . n 
A 1 36  LYS 36  36  36  LYS LYS 1 . n 
A 1 37  GLU 37  37  37  GLU GLU 1 . n 
A 1 38  ILE 38  38  38  ILE ILE 1 . n 
A 1 39  ARG 39  39  39  ARG ARG 1 . n 
A 1 40  VAL 40  40  40  VAL VAL 1 . n 
A 1 41  VAL 41  41  41  VAL VAL 1 . n 
A 1 42  MET 42  42  42  MET MET 1 . n 
A 1 43  THR 43  43  43  THR THR 1 . n 
A 1 44  LYS 44  44  44  LYS LYS 1 . n 
A 1 45  THR 45  45  45  THR THR 1 . n 
A 1 46  ALA 46  46  46  ALA ALA 1 . n 
A 1 47  GLU 47  47  47  GLU GLU 1 . n 
A 1 48  ASP 48  48  48  ASP ASP 1 . n 
A 1 49  LEU 49  49  49  LEU LEU 1 . n 
A 1 50  ILE 50  50  50  ILE ILE 1 . n 
A 1 51  PRO 51  51  51  PRO PRO 1 . n 
A 1 52  ALA 52  52  52  ALA ALA 1 . n 
A 1 53  HIS 53  53  53  HIS HIS 1 . n 
A 1 54  THR 54  54  54  THR THR 1 . n 
A 1 55  VAL 55  55  55  VAL VAL 1 . n 
A 1 56  SER 56  56  56  SER SER 1 . n 
A 1 57  TYR 57  57  57  TYR TYR 1 . n 
A 1 58  PHE 58  58  58  PHE PHE 1 . n 
A 1 59  CYS 59  59  59  CYS CYS 1 . n 
A 1 60  ASP 60  60  60  ASP ASP 1 . n 
A 1 61  HIS 61  61  61  HIS HIS 1 . n 
A 1 62  VAL 62  62  62  VAL VAL 1 . n 
A 1 63  TYR 63  63  63  TYR TYR 1 . n 
A 1 64  SER 64  64  64  SER SER 1 . n 
A 1 65  GLU 65  65  65  GLU GLU 1 . n 
A 1 66  HIS 66  66  66  HIS HIS 1 . n 
A 1 67  GLY 67  67  67  GLY GLY 1 . n 
A 1 68  GLU 68  68  68  GLU GLU 1 . n 
A 1 69  ASN 69  69  69  ASN ASN 1 . n 
A 1 70  GLY 70  70  70  GLY GLY 1 . n 
A 1 71  LYS 71  71  71  LYS LYS 1 . n 
A 1 72  ARG 72  72  72  ARG ARG 1 . n 
A 1 73  HIS 73  73  73  HIS HIS 1 . n 
A 1 74  SER 74  74  74  SER SER 1 . n 
A 1 75  HIS 75  75  75  HIS HIS 1 . n 
A 1 76  VAL 76  76  76  VAL VAL 1 . n 
A 1 77  GLU 77  77  77  GLU GLU 1 . n 
A 1 78  ILE 78  78  78  ILE ILE 1 . n 
A 1 79  GLY 79  79  79  GLY GLY 1 . n 
A 1 80  ARG 80  80  80  ARG ARG 1 . n 
A 1 81  TRP 81  81  81  TRP TRP 1 . n 
A 1 82  ALA 82  82  82  ALA ALA 1 . n 
A 1 83  ASP 83  83  83  ASP ASP 1 . n 
A 1 84  ILE 84  84  84  ILE ILE 1 . n 
A 1 85  TYR 85  85  85  TYR TYR 1 . n 
A 1 86  CYS 86  86  86  CYS CYS 1 . n 
A 1 87  ILE 87  87  87  ILE ILE 1 . n 
A 1 88  ILE 88  88  88  ILE ILE 1 . n 
A 1 89  PRO 89  89  89  PRO PRO 1 . n 
A 1 90  ALA 90  90  90  ALA ALA 1 . n 
A 1 91  THR 91  91  91  THR THR 1 . n 
A 1 92  ALA 92  92  92  ALA ALA 1 . n 
A 1 93  ASN 93  93  93  ASN ASN 1 . n 
A 1 94  ILE 94  94  94  ILE ILE 1 . n 
A 1 95  LEU 95  95  95  LEU LEU 1 . n 
A 1 96  GLY 96  96  96  GLY GLY 1 . n 
A 1 97  GLN 97  97  97  GLN GLN 1 . n 
A 1 98  THR 98  98  98  THR THR 1 . n 
A 1 99  ALA 99  99  99  ALA ALA 1 . n 
A 1 100 ASN 100 100 100 ASN ASN 1 . n 
A 1 101 GLY 101 101 101 GLY GLY 1 . n 
A 1 102 VAL 102 102 102 VAL VAL 1 . n 
A 1 103 ALA 103 103 103 ALA ALA 1 . n 
A 1 104 MET 104 104 104 MET MET 1 . n 
A 1 105 ASN 105 105 105 ASN ASN 1 . n 
A 1 106 LEU 106 106 106 LEU LEU 1 . n 
A 1 107 VAL 107 107 107 VAL VAL 1 . n 
A 1 108 ALA 108 108 108 ALA ALA 1 . n 
A 1 109 THR 109 109 109 THR THR 1 . n 
A 1 110 THR 110 110 110 THR THR 1 . n 
A 1 111 VAL 111 111 111 VAL VAL 1 . n 
A 1 112 LEU 112 112 112 LEU LEU 1 . n 
A 1 113 ALA 113 113 113 ALA ALA 1 . n 
A 1 114 HIS 114 114 114 HIS HIS 1 . n 
A 1 115 PRO 115 115 115 PRO PRO 1 . n 
A 1 116 HIS 116 116 116 HIS HIS 1 . n 
A 1 117 ASN 117 117 117 ASN ASN 1 . n 
A 1 118 THR 118 118 118 THR THR 1 . n 
A 1 119 ILE 119 119 119 ILE ILE 1 . n 
A 1 120 PHE 120 120 120 PHE PHE 1 . n 
A 1 121 PHE 121 121 121 PHE PHE 1 . n 
A 1 122 PRO 122 122 122 PRO PRO 1 . n 
A 1 123 ASN 123 123 123 ASN ASN 1 . n 
A 1 124 MET 124 124 124 MET MET 1 . n 
A 1 125 ASN 125 125 125 ASN ASN 1 . n 
A 1 126 ASP 126 126 126 ASP ASP 1 . n 
A 1 127 LEU 127 127 127 LEU LEU 1 . n 
A 1 128 MET 128 128 128 MET MET 1 . n 
A 1 129 TRP 129 129 129 TRP TRP 1 . n 
A 1 130 ASN 130 130 130 ASN ASN 1 . n 
A 1 131 LYS 131 131 131 LYS LYS 1 . n 
A 1 132 THR 132 132 132 THR THR 1 . n 
A 1 133 VAL 133 133 133 VAL VAL 1 . n 
A 1 134 VAL 134 134 134 VAL VAL 1 . n 
A 1 135 SER 135 135 135 SER SER 1 . n 
A 1 136 ARG 136 136 136 ARG ARG 1 . n 
A 1 137 ASN 137 137 137 ASN ASN 1 . n 
A 1 138 ILE 138 138 138 ILE ILE 1 . n 
A 1 139 GLU 139 139 139 GLU GLU 1 . n 
A 1 140 GLN 140 140 140 GLN GLN 1 . n 
A 1 141 LEU 141 141 141 LEU LEU 1 . n 
A 1 142 ARG 142 142 142 ARG ARG 1 . n 
A 1 143 LYS 143 143 143 LYS LYS 1 . n 
A 1 144 ASP 144 144 144 ASP ASP 1 . n 
A 1 145 GLY 145 145 145 GLY GLY 1 . n 
A 1 146 HIS 146 146 146 HIS HIS 1 . n 
A 1 147 ILE 147 147 147 ILE ILE 1 . n 
A 1 148 VAL 148 148 148 VAL VAL 1 . n 
A 1 149 ILE 149 149 149 ILE ILE 1 . n 
A 1 150 GLU 150 150 150 GLU GLU 1 . n 
A 1 151 PRO 151 151 151 PRO PRO 1 . n 
A 1 152 VAL 152 152 152 VAL VAL 1 . n 
A 1 153 GLU 153 153 153 GLU GLU 1 . n 
A 1 154 ILE 154 154 154 ILE ILE 1 . n 
A 1 155 MET 155 155 155 MET MET 1 . n 
A 1 156 ALA 156 156 ?   ?   ?   1 . n 
A 1 157 PHE 157 157 ?   ?   ?   1 . n 
A 1 158 GLU 158 158 ?   ?   ?   1 . n 
A 1 159 ILE 159 159 ?   ?   ?   1 . n 
A 1 160 ALA 160 160 ?   ?   ?   1 . n 
A 1 161 THR 161 161 ?   ?   ?   1 . n 
A 1 162 GLY 162 162 ?   ?   ?   1 . n 
A 1 163 THR 163 163 ?   ?   ?   1 . n 
A 1 164 ARG 164 164 ?   ?   ?   1 . n 
A 1 165 LYS 165 165 ?   ?   ?   1 . n 
A 1 166 PRO 166 166 ?   ?   ?   1 . n 
A 1 167 ASN 167 167 ?   ?   ?   1 . n 
A 1 168 ARG 168 168 168 ARG ARG 1 . n 
A 1 169 GLY 169 169 169 GLY GLY 1 . n 
A 1 170 LEU 170 170 170 LEU LEU 1 . n 
A 1 171 ILE 171 171 171 ILE ILE 1 . n 
A 1 172 THR 172 172 172 THR THR 1 . n 
A 1 173 PRO 173 173 173 PRO PRO 1 . n 
A 1 174 ASP 174 174 174 ASP ASP 1 . n 
A 1 175 LYS 175 175 175 LYS LYS 1 . n 
A 1 176 ALA 176 176 176 ALA ALA 1 . n 
A 1 177 LEU 177 177 177 LEU LEU 1 . n 
A 1 178 LEU 178 178 178 LEU LEU 1 . n 
A 1 179 ALA 179 179 179 ALA ALA 1 . n 
A 1 180 ILE 180 180 180 ILE ILE 1 . n 
A 1 181 GLU 181 181 181 GLU GLU 1 . n 
A 1 182 LYS 182 182 182 LYS LYS 1 . n 
A 1 183 GLY 183 183 183 GLY GLY 1 . n 
A 1 184 PHE 184 184 184 PHE PHE 1 . n 
A 1 185 LYS 185 185 185 LYS LYS 1 . n 
A 1 186 GLU 186 186 ?   ?   ?   1 . n 
A 1 187 ARG 187 187 ?   ?   ?   1 . n 
A 1 188 THR 188 188 ?   ?   ?   1 . n 
A 1 189 LYS 189 189 ?   ?   ?   1 . n 
A 1 190 HIS 190 190 ?   ?   ?   1 . n 
A 1 191 PRO 191 191 ?   ?   ?   1 . n 
A 1 192 SER 192 192 ?   ?   ?   1 . n 
A 1 193 LEU 193 193 ?   ?   ?   1 . n 
A 1 194 THR 194 194 ?   ?   ?   1 . n 
# 
loop_
_pdbx_nonpoly_scheme.asym_id 
_pdbx_nonpoly_scheme.entity_id 
_pdbx_nonpoly_scheme.mon_id 
_pdbx_nonpoly_scheme.ndb_seq_num 
_pdbx_nonpoly_scheme.pdb_seq_num 
_pdbx_nonpoly_scheme.auth_seq_num 
_pdbx_nonpoly_scheme.pdb_mon_id 
_pdbx_nonpoly_scheme.auth_mon_id 
_pdbx_nonpoly_scheme.pdb_strand_id 
_pdbx_nonpoly_scheme.pdb_ins_code 
B 2 FAD 1  259 259 FAD FAD 1 . 
C 3 HOH 1  260 1   HOH HOH 1 . 
C 3 HOH 2  261 2   HOH HOH 1 . 
C 3 HOH 3  262 3   HOH HOH 1 . 
C 3 HOH 4  263 4   HOH HOH 1 . 
C 3 HOH 5  264 5   HOH HOH 1 . 
C 3 HOH 6  265 6   HOH HOH 1 . 
C 3 HOH 7  266 7   HOH HOH 1 . 
C 3 HOH 8  267 8   HOH HOH 1 . 
C 3 HOH 9  268 9   HOH HOH 1 . 
C 3 HOH 10 269 10  HOH HOH 1 . 
C 3 HOH 11 270 11  HOH HOH 1 . 
C 3 HOH 12 271 12  HOH HOH 1 . 
C 3 HOH 13 272 13  HOH HOH 1 . 
C 3 HOH 14 273 14  HOH HOH 1 . 
C 3 HOH 15 274 15  HOH HOH 1 . 
C 3 HOH 16 275 17  HOH HOH 1 . 
C 3 HOH 17 276 18  HOH HOH 1 . 
C 3 HOH 18 277 19  HOH HOH 1 . 
C 3 HOH 19 278 20  HOH HOH 1 . 
C 3 HOH 20 279 21  HOH HOH 1 . 
C 3 HOH 21 280 22  HOH HOH 1 . 
C 3 HOH 22 281 23  HOH HOH 1 . 
C 3 HOH 23 282 24  HOH HOH 1 . 
C 3 HOH 24 283 25  HOH HOH 1 . 
C 3 HOH 25 284 26  HOH HOH 1 . 
C 3 HOH 26 285 27  HOH HOH 1 . 
C 3 HOH 27 286 28  HOH HOH 1 . 
C 3 HOH 28 287 29  HOH HOH 1 . 
C 3 HOH 29 288 30  HOH HOH 1 . 
C 3 HOH 30 289 32  HOH HOH 1 . 
C 3 HOH 31 290 33  HOH HOH 1 . 
C 3 HOH 32 291 34  HOH HOH 1 . 
C 3 HOH 33 292 35  HOH HOH 1 . 
C 3 HOH 34 293 36  HOH HOH 1 . 
C 3 HOH 35 294 37  HOH HOH 1 . 
C 3 HOH 36 295 38  HOH HOH 1 . 
C 3 HOH 37 296 39  HOH HOH 1 . 
C 3 HOH 38 297 40  HOH HOH 1 . 
C 3 HOH 39 298 41  HOH HOH 1 . 
C 3 HOH 40 299 42  HOH HOH 1 . 
C 3 HOH 41 300 43  HOH HOH 1 . 
C 3 HOH 42 301 44  HOH HOH 1 . 
C 3 HOH 43 302 45  HOH HOH 1 . 
C 3 HOH 44 303 46  HOH HOH 1 . 
C 3 HOH 45 304 47  HOH HOH 1 . 
C 3 HOH 46 305 48  HOH HOH 1 . 
C 3 HOH 47 306 49  HOH HOH 1 . 
C 3 HOH 48 307 50  HOH HOH 1 . 
C 3 HOH 49 308 51  HOH HOH 1 . 
C 3 HOH 50 309 52  HOH HOH 1 . 
C 3 HOH 51 310 53  HOH HOH 1 . 
C 3 HOH 52 311 54  HOH HOH 1 . 
C 3 HOH 53 312 55  HOH HOH 1 . 
C 3 HOH 54 313 57  HOH HOH 1 . 
C 3 HOH 55 314 58  HOH HOH 1 . 
C 3 HOH 56 315 59  HOH HOH 1 . 
C 3 HOH 57 316 60  HOH HOH 1 . 
C 3 HOH 58 317 61  HOH HOH 1 . 
C 3 HOH 59 318 63  HOH HOH 1 . 
C 3 HOH 60 319 64  HOH HOH 1 . 
C 3 HOH 61 320 65  HOH HOH 1 . 
C 3 HOH 62 321 66  HOH HOH 1 . 
C 3 HOH 63 322 68  HOH HOH 1 . 
C 3 HOH 64 323 69  HOH HOH 1 . 
# 
loop_
_pdbx_struct_assembly.id 
_pdbx_struct_assembly.details 
_pdbx_struct_assembly.method_details 
_pdbx_struct_assembly.oligomeric_details 
_pdbx_struct_assembly.oligomeric_count 
1 author_and_software_defined_assembly PISA,PQS dodecameric 12 
2 software_defined_assembly            PISA     24-meric    24 
# 
loop_
_pdbx_struct_assembly_gen.assembly_id 
_pdbx_struct_assembly_gen.oper_expression 
_pdbx_struct_assembly_gen.asym_id_list 
1 1,2,3,4,5,6,7,8,9,10,11,12                                           A,B,C 
2 1,13,14,15,16,17,18,19,20,21,6,22,23,24,25,26,27,28,29,8,30,31,32,33 A,B,C 
# 
loop_
_pdbx_struct_assembly_prop.biol_id 
_pdbx_struct_assembly_prop.type 
_pdbx_struct_assembly_prop.value 
_pdbx_struct_assembly_prop.details 
1 'ABSA (A^2)' 45080  ? 
1 MORE         -268   ? 
1 'SSA (A^2)'  70500  ? 
2 'ABSA (A^2)' 81330  ? 
2 MORE         -556   ? 
2 'SSA (A^2)'  149850 ? 
# 
loop_
_pdbx_struct_oper_list.id 
_pdbx_struct_oper_list.type 
_pdbx_struct_oper_list.name 
_pdbx_struct_oper_list.symmetry_operation 
_pdbx_struct_oper_list.matrix[1][1] 
_pdbx_struct_oper_list.matrix[1][2] 
_pdbx_struct_oper_list.matrix[1][3] 
_pdbx_struct_oper_list.vector[1] 
_pdbx_struct_oper_list.matrix[2][1] 
_pdbx_struct_oper_list.matrix[2][2] 
_pdbx_struct_oper_list.matrix[2][3] 
_pdbx_struct_oper_list.vector[2] 
_pdbx_struct_oper_list.matrix[3][1] 
_pdbx_struct_oper_list.matrix[3][2] 
_pdbx_struct_oper_list.matrix[3][3] 
_pdbx_struct_oper_list.vector[3] 
1  'identity operation'         1_555  x,y,z            1.0000000000  0.0000000000  0.0000000000  0.0000000000   0.0000000000  1.0000000000  0.0000000000  0.0000000000   0.0000000000  0.0000000000  1.0000000000  0.0000000000   
2  'crystal symmetry operation' 5_555  z,x,y            0.6664330454  -0.6981590619 -0.2616121560 -20.4538394254 -0.5189860032 -0.1824845379 -0.8350765964 -45.4583866696 0.5352761198  0.6922956866  -0.4839485075 -27.8201867610 
3  'crystal symmetry operation' 9_555  y,z,x            0.6664330454  -0.5189860032 0.5352761198  4.9303297099   -0.6981590619 -0.1824845379 0.6922956866  -3.3156907377  -0.2616121560 -0.8350765964 -0.4839485075 -56.7757457119 
4  'crystal symmetry operation' 28_555 x,-y+1/2,-z+1/2  -0.8935508179 -0.4140259815 -0.1736358906 -4.2053510601  -0.4140259815 0.6103225028  0.6753435639  11.8996269100  -0.1736358906 0.6753435639  -0.7167716849 -30.9521889391 
5  'crystal symmetry operation' 30_555 z,-x+1/2,-y+1/2  -0.4735612492 0.5791865627  0.6635379935  37.7227299478  -0.2311741497 0.6452190072  -0.7281833185 -26.1644125471 -0.8498813186 -0.4982322334 -0.1716577579 -38.1599750387 
6  'crystal symmetry operation' 35_555 y,-z+1/2,-x+1/2  -0.2610105423 0.6842929761  -0.6808939857 2.6202380756   -0.8787008675 -0.4604643353 -0.1259260945 -30.5084328075 -0.3996977385 0.5654340977  0.7214748776  6.6477453853   
7  'crystal symmetry operation' 51_555 -x+1/2,y,-z+1/2  0.5440927099  0.6295883670  -0.5546004067 0.8529816421   0.6295883670  -0.7432916370 -0.2261327718 -46.8023128826 -0.5546004067 -0.2261327718 -0.8008010729 -50.7556587855 
8  'crystal symmetry operation' 56_555 -z+1/2,x,-y+1/2  -0.2610105423 -0.8787008675 -0.3996977385 -23.4667878178 0.6842929761  -0.4604643353 0.5654340977  -19.5999176580 -0.6808939857 -0.1259260945 0.7214748776  -6.8538847357  
9  'crystal symmetry operation' 58_555 -y+1/2,z,-x+1/2  0.0681387461  0.0658671768  0.9954991845  32.9358694402  0.9976733668  -0.0022701339 -0.0681373586 -28.3948527074 -0.0022280990 0.9978258172  -0.0658686122 -7.2741572281  
10 'crystal symmetry operation' 74_555 -x+1/2,-y+1/2,z  -0.6505418920 -0.2155623856 0.7282362973  23.2228440356  -0.2155623856 -0.8670308658 -0.4492107921 -51.2955418774 0.7282362973  -0.4492107921 0.5175727578  -26.3277188815 
11 'crystal symmetry operation' 79_555 -z+1/2,-x+1/2,y  0.0681387461  0.9976733668  -0.0022280990 26.0683719128  0.0658671768  -0.0022701339 0.9978258172  5.0244890247   0.9954991845  -0.0681373586 -0.0658686122 -35.2015200708 
12 'crystal symmetry operation' 84_555 -y+1/2,-z+1/2,x  -0.4735612492 -0.2311741497 -0.8498813186 -20.6159626083 0.5791865627  0.6452190072  -0.4982322334 -23.9792515973 0.6635379935  -0.7281833185 -0.1716577579 -50.6334090514 
13 'crystal symmetry operation' 2_555  -x,-y,z          -0.6505418920 -0.2155623856 0.7282362973  -83.1481829744 -0.2155623856 -0.8670308658 -0.4492107921 0.3902558442   0.7282362973  -0.4492107921 0.5175727578  40.0157631437  
14 'crystal symmetry operation' 3_556  -x,y,-z+1        0.5440927099  0.6295883670  -0.5546004067 18.8122915331  0.6295883670  -0.7432916370 -0.2261327718 14.5121587513  -0.5546004067 -0.2261327718 -0.8008010729 68.8506681249  
15 'crystal symmetry operation' 4_556  x,-y,-z+1        -0.8935508179 -0.4140259815 -0.1736358906 -48.3750866429 -0.4140259815 0.6103225028  0.6753435639  -47.1759193273 -0.1736358906 0.6753435639  -0.7167716849 82.8317685233  
16 'crystal symmetry operation' 13_556 y,x,-z+1         0.2306934491  -0.5979952855 -0.7675820288 10.2838489125  -0.5979952855 -0.7094334403 0.3729689427  -48.5168791602 -0.7675820288 0.3729689427  -0.5212600088 54.2862247030  
17 'crystal symmetry operation' 14_556 -y,-x,-z+1       -0.5801515571 0.8135576711  0.0393457316  -39.8466440224 0.8135576711  0.5764643061  0.0762418494  15.8531185842  0.0393457316  0.0762418494  -0.9963127490 97.3962119453  
18 'crystal symmetry operation' 15_555 y,-x,z           0.1747290540  0.7633022584  0.6219641630  -46.9030167098 -0.9788646439 0.0664845671  0.1934006493  -44.3827906224 0.1062721343  -0.6426114414 0.7587863789  9.3697324329   
19 'crystal symmetry operation' 16_555 -y,x,z           0.1747290540  -0.9788646439 0.1062721343  -36.2451662646 0.7633022584  0.0664845671  -0.6426114414 44.7730464665  0.6219641630  0.1934006493  0.7587863789  30.6460307108  
20 'crystal symmetry operation' 33_545 y,z-1/2,x+1/2    0.6664330454  -0.5189860032 0.5352761198  -39.2394058728 -0.6981590619 -0.1824845379 0.6922956866  -62.3912369751 -0.2616121560 -0.8350765964 -0.4839485075 57.0082117505  
21 'crystal symmetry operation' 34_545 -y,z-1/2,-x+1/2  0.0681387461  0.0658671768  0.9954991845  -73.4351575698 0.9976733668  -0.0022701339 -0.0681373586 23.2909450142  -0.0022280990 0.9978258172  -0.0658686122 59.0693247970  
22 'crystal symmetry operation' 36_555 -y,-z+1/2,x+1/2  -0.4735612492 -0.2311741497 -0.8498813186 -2.6566527173  0.5791865627  0.6452190072  -0.4982322334 37.3352200365  0.6635379935  -0.7281833185 -0.1716577579 68.9729178590  
23 'crystal symmetry operation' 41_545 x,z-1/2,-y+1/2   0.0532245910  -0.5833295564 0.8104898344  -70.2268784406 0.1693035749  0.8051612514  0.5683763355  -24.0406195199 -0.9841257249 0.1069672284  0.1416141576  14.2703637649  
24 'crystal symmetry operation' 42_545 -x,z-1/2,y+1/2   0.6813472005  0.1302107300  0.7202854699  -42.4476850020 0.1302107300  -0.9899159233 0.0557819924  -15.0596724410 0.7202854699  0.0557819924  -0.6914312772 101.8071727827 
25 'crystal symmetry operation' 43_555 -x,-z+1/2,-y+1/2 -0.7877963826 0.2838152515  -0.5466495794 -21.8882064394 0.2838152515  -0.6204065795 -0.7311255563 29.9620870364  -0.5466495794 -0.7311255563 0.4082029621  7.0592584859   
26 'crystal symmetry operation' 44_555 x,-z+1/2,y+1/2   0.0532245910  0.1693035749  -0.9841257249 21.8517917977  -0.5833295564 0.8051612514  0.1069672284  -23.1352998074 0.8104898344  0.5683763355  0.1416141576  68.5614047584  
27 'crystal symmetry operation' 53_455 z-1/2,x,y+1/2    0.6664330454  -0.6981590619 -0.2616121560 -2.4945295343  -0.5189860032 -0.1824845379 -0.8350765964 15.8560849643  0.5352761198  0.6922956866  -0.4839485075 91.7861401495  
28 'crystal symmetry operation' 54_455 z-1/2,-x,-y+1/2  -0.4735612492 0.5791865627  0.6635379935  -68.6482970622 -0.2311741497 0.6452190072  -0.7281833185 25.5213851745  -0.8498813186 -0.4982322334 -0.1716577579 28.1835069865  
29 'crystal symmetry operation' 55_555 -z+1/2,-x,y+1/2  0.0681387461  0.9976733668  -0.0022280990 -18.1013636700 0.0658671768  -0.0022701339 0.9978258172  -54.0510572126 0.9954991845  -0.0681373586 -0.0658686122 78.5824373916  
30 'crystal symmetry operation' 69_455 z-1/2,y,-x+1/2   0.7720463550  0.6303880103  0.0809653148  -5.2172382367  -0.0007996433 0.1283541815  -0.9917280699 40.4728229143  -0.6355657215 0.7655952981  0.0995994635  31.4195928257  
31 'crystal symmetry operation' 70_455 z-1/2,-y,x+1/2   -0.5791745588 -0.7493605096 0.3209605227  -65.9255883599 -0.7493605096 0.3343802877  -0.5715318450 0.9046472245   0.3209605227  -0.5715318450 -0.7552057290 88.5500543103  
32 'crystal symmetry operation' 71_555 -z+1/2,y,x+1/2   0.7720463550  -0.0007996433 -0.6355657215 24.0295297698  0.6303880103  0.1283541815  0.7655952981  -25.9606641630 0.0809653148  -0.9917280699 0.0995994635  37.4310752993  
33 'crystal symmetry operation' 72_555 -z+1/2,-y,-x+1/2 -0.9649181512 0.1197721426  0.2336398840  -65.5976812575 0.1197721426  -0.5910886507 0.7976646168  -47.6903107076 0.2336398840  0.7976646168  0.5560068019  34.2974773567  
# 
loop_
_pdbx_audit_revision_history.ordinal 
_pdbx_audit_revision_history.data_content_type 
_pdbx_audit_revision_history.major_revision 
_pdbx_audit_revision_history.minor_revision 
_pdbx_audit_revision_history.revision_date 
1 'Structure model' 1 0 2003-08-05 
2 'Structure model' 1 1 2008-04-29 
3 'Structure model' 1 2 2011-07-13 
4 'Structure model' 1 3 2023-10-25 
# 
_pdbx_audit_revision_details.ordinal             1 
_pdbx_audit_revision_details.revision_ordinal    1 
_pdbx_audit_revision_details.data_content_type   'Structure model' 
_pdbx_audit_revision_details.provider            repository 
_pdbx_audit_revision_details.type                'Initial release' 
_pdbx_audit_revision_details.description         ? 
_pdbx_audit_revision_details.details             ? 
# 
loop_
_pdbx_audit_revision_group.ordinal 
_pdbx_audit_revision_group.revision_ordinal 
_pdbx_audit_revision_group.data_content_type 
_pdbx_audit_revision_group.group 
1 2 'Structure model' 'Version format compliance' 
2 3 'Structure model' 'Derived calculations'      
3 3 'Structure model' 'Source and taxonomy'       
4 3 'Structure model' 'Version format compliance' 
5 4 'Structure model' 'Data collection'           
6 4 'Structure model' 'Database references'       
7 4 'Structure model' 'Derived calculations'      
8 4 'Structure model' 'Refinement description'    
# 
loop_
_pdbx_audit_revision_category.ordinal 
_pdbx_audit_revision_category.revision_ordinal 
_pdbx_audit_revision_category.data_content_type 
_pdbx_audit_revision_category.category 
1 4 'Structure model' chem_comp_atom                
2 4 'Structure model' chem_comp_bond                
3 4 'Structure model' database_2                    
4 4 'Structure model' pdbx_initial_refinement_model 
5 4 'Structure model' struct_site                   
# 
loop_
_pdbx_audit_revision_item.ordinal 
_pdbx_audit_revision_item.revision_ordinal 
_pdbx_audit_revision_item.data_content_type 
_pdbx_audit_revision_item.item 
1 4 'Structure model' '_database_2.pdbx_DOI'                
2 4 'Structure model' '_database_2.pdbx_database_accession' 
3 4 'Structure model' '_struct_site.pdbx_auth_asym_id'      
4 4 'Structure model' '_struct_site.pdbx_auth_comp_id'      
5 4 'Structure model' '_struct_site.pdbx_auth_seq_id'       
# 
loop_
_software.name 
_software.classification 
_software.version 
_software.citation_id 
_software.pdbx_ordinal 
DENZO     'data reduction' .   ? 1 
SCALEPACK 'data scaling'   .   ? 2 
MAIN      'model building' .   ? 3 
CNS       refinement       1.1 ? 4 
MAIN      phasing          .   ? 5 
# 
loop_
_pdbx_validate_torsion.id 
_pdbx_validate_torsion.PDB_model_num 
_pdbx_validate_torsion.auth_comp_id 
_pdbx_validate_torsion.auth_asym_id 
_pdbx_validate_torsion.auth_seq_id 
_pdbx_validate_torsion.PDB_ins_code 
_pdbx_validate_torsion.label_alt_id 
_pdbx_validate_torsion.phi 
_pdbx_validate_torsion.psi 
1 1 LYS 1 7   ? ? -45.73  -19.72 
2 1 GLU 1 68  ? ? -108.25 -77.14 
3 1 ASN 1 69  ? ? -109.51 42.37  
4 1 THR 1 172 ? ? -42.68  155.79 
5 1 PHE 1 184 ? ? -68.61  54.43  
# 
loop_
_pdbx_unobs_or_zero_occ_atoms.id 
_pdbx_unobs_or_zero_occ_atoms.PDB_model_num 
_pdbx_unobs_or_zero_occ_atoms.polymer_flag 
_pdbx_unobs_or_zero_occ_atoms.occupancy_flag 
_pdbx_unobs_or_zero_occ_atoms.auth_asym_id 
_pdbx_unobs_or_zero_occ_atoms.auth_comp_id 
_pdbx_unobs_or_zero_occ_atoms.auth_seq_id 
_pdbx_unobs_or_zero_occ_atoms.PDB_ins_code 
_pdbx_unobs_or_zero_occ_atoms.auth_atom_id 
_pdbx_unobs_or_zero_occ_atoms.label_alt_id 
_pdbx_unobs_or_zero_occ_atoms.label_asym_id 
_pdbx_unobs_or_zero_occ_atoms.label_comp_id 
_pdbx_unobs_or_zero_occ_atoms.label_seq_id 
_pdbx_unobs_or_zero_occ_atoms.label_atom_id 
1 1 Y 0 1 LYS 7  ? CB ? A LYS 7  CB 
2 1 Y 0 1 LYS 7  ? CG ? A LYS 7  CG 
3 1 Y 0 1 LYS 7  ? CD ? A LYS 7  CD 
4 1 Y 0 1 LYS 7  ? CE ? A LYS 7  CE 
5 1 Y 0 1 LYS 7  ? NZ ? A LYS 7  NZ 
6 1 Y 0 1 LYS 32 ? CE ? A LYS 32 CE 
7 1 Y 0 1 LYS 32 ? NZ ? A LYS 32 NZ 
8 1 Y 0 1 LYS 36 ? CE ? A LYS 36 CE 
9 1 Y 0 1 LYS 36 ? NZ ? A LYS 36 NZ 
# 
loop_
_pdbx_unobs_or_zero_occ_residues.id 
_pdbx_unobs_or_zero_occ_residues.PDB_model_num 
_pdbx_unobs_or_zero_occ_residues.polymer_flag 
_pdbx_unobs_or_zero_occ_residues.occupancy_flag 
_pdbx_unobs_or_zero_occ_residues.auth_asym_id 
_pdbx_unobs_or_zero_occ_residues.auth_comp_id 
_pdbx_unobs_or_zero_occ_residues.auth_seq_id 
_pdbx_unobs_or_zero_occ_residues.PDB_ins_code 
_pdbx_unobs_or_zero_occ_residues.label_asym_id 
_pdbx_unobs_or_zero_occ_residues.label_comp_id 
_pdbx_unobs_or_zero_occ_residues.label_seq_id 
1  1 Y 1 1 MET 1   ? A MET 1   
2  1 Y 1 1 SER 2   ? A SER 2   
3  1 Y 1 1 ALA 156 ? A ALA 156 
4  1 Y 1 1 PHE 157 ? A PHE 157 
5  1 Y 1 1 GLU 158 ? A GLU 158 
6  1 Y 1 1 ILE 159 ? A ILE 159 
7  1 Y 1 1 ALA 160 ? A ALA 160 
8  1 Y 1 1 THR 161 ? A THR 161 
9  1 Y 1 1 GLY 162 ? A GLY 162 
10 1 Y 1 1 THR 163 ? A THR 163 
11 1 Y 1 1 ARG 164 ? A ARG 164 
12 1 Y 1 1 LYS 165 ? A LYS 165 
13 1 Y 1 1 PRO 166 ? A PRO 166 
14 1 Y 1 1 ASN 167 ? A ASN 167 
15 1 Y 1 1 GLU 186 ? A GLU 186 
16 1 Y 1 1 ARG 187 ? A ARG 187 
17 1 Y 1 1 THR 188 ? A THR 188 
18 1 Y 1 1 LYS 189 ? A LYS 189 
19 1 Y 1 1 HIS 190 ? A HIS 190 
20 1 Y 1 1 PRO 191 ? A PRO 191 
21 1 Y 1 1 SER 192 ? A SER 192 
22 1 Y 1 1 LEU 193 ? A LEU 193 
23 1 Y 1 1 THR 194 ? A THR 194 
# 
loop_
_chem_comp_atom.comp_id 
_chem_comp_atom.atom_id 
_chem_comp_atom.type_symbol 
_chem_comp_atom.pdbx_aromatic_flag 
_chem_comp_atom.pdbx_stereo_config 
_chem_comp_atom.pdbx_ordinal 
ALA N      N N N 1   
ALA CA     C N S 2   
ALA C      C N N 3   
ALA O      O N N 4   
ALA CB     C N N 5   
ALA OXT    O N N 6   
ALA H      H N N 7   
ALA H2     H N N 8   
ALA HA     H N N 9   
ALA HB1    H N N 10  
ALA HB2    H N N 11  
ALA HB3    H N N 12  
ALA HXT    H N N 13  
ARG N      N N N 14  
ARG CA     C N S 15  
ARG C      C N N 16  
ARG O      O N N 17  
ARG CB     C N N 18  
ARG CG     C N N 19  
ARG CD     C N N 20  
ARG NE     N N N 21  
ARG CZ     C N N 22  
ARG NH1    N N N 23  
ARG NH2    N N N 24  
ARG OXT    O N N 25  
ARG H      H N N 26  
ARG H2     H N N 27  
ARG HA     H N N 28  
ARG HB2    H N N 29  
ARG HB3    H N N 30  
ARG HG2    H N N 31  
ARG HG3    H N N 32  
ARG HD2    H N N 33  
ARG HD3    H N N 34  
ARG HE     H N N 35  
ARG HH11   H N N 36  
ARG HH12   H N N 37  
ARG HH21   H N N 38  
ARG HH22   H N N 39  
ARG HXT    H N N 40  
ASN N      N N N 41  
ASN CA     C N S 42  
ASN C      C N N 43  
ASN O      O N N 44  
ASN CB     C N N 45  
ASN CG     C N N 46  
ASN OD1    O N N 47  
ASN ND2    N N N 48  
ASN OXT    O N N 49  
ASN H      H N N 50  
ASN H2     H N N 51  
ASN HA     H N N 52  
ASN HB2    H N N 53  
ASN HB3    H N N 54  
ASN HD21   H N N 55  
ASN HD22   H N N 56  
ASN HXT    H N N 57  
ASP N      N N N 58  
ASP CA     C N S 59  
ASP C      C N N 60  
ASP O      O N N 61  
ASP CB     C N N 62  
ASP CG     C N N 63  
ASP OD1    O N N 64  
ASP OD2    O N N 65  
ASP OXT    O N N 66  
ASP H      H N N 67  
ASP H2     H N N 68  
ASP HA     H N N 69  
ASP HB2    H N N 70  
ASP HB3    H N N 71  
ASP HD2    H N N 72  
ASP HXT    H N N 73  
CYS N      N N N 74  
CYS CA     C N R 75  
CYS C      C N N 76  
CYS O      O N N 77  
CYS CB     C N N 78  
CYS SG     S N N 79  
CYS OXT    O N N 80  
CYS H      H N N 81  
CYS H2     H N N 82  
CYS HA     H N N 83  
CYS HB2    H N N 84  
CYS HB3    H N N 85  
CYS HG     H N N 86  
CYS HXT    H N N 87  
FAD PA     P N R 88  
FAD O1A    O N N 89  
FAD O2A    O N N 90  
FAD O5B    O N N 91  
FAD C5B    C N N 92  
FAD C4B    C N R 93  
FAD O4B    O N N 94  
FAD C3B    C N S 95  
FAD O3B    O N N 96  
FAD C2B    C N R 97  
FAD O2B    O N N 98  
FAD C1B    C N R 99  
FAD N9A    N Y N 100 
FAD C8A    C Y N 101 
FAD N7A    N Y N 102 
FAD C5A    C Y N 103 
FAD C6A    C Y N 104 
FAD N6A    N N N 105 
FAD N1A    N Y N 106 
FAD C2A    C Y N 107 
FAD N3A    N Y N 108 
FAD C4A    C Y N 109 
FAD N1     N N N 110 
FAD C2     C N N 111 
FAD O2     O N N 112 
FAD N3     N N N 113 
FAD C4     C N N 114 
FAD O4     O N N 115 
FAD C4X    C N N 116 
FAD N5     N N N 117 
FAD C5X    C Y N 118 
FAD C6     C Y N 119 
FAD C7     C Y N 120 
FAD C7M    C N N 121 
FAD C8     C Y N 122 
FAD C8M    C N N 123 
FAD C9     C Y N 124 
FAD C9A    C Y N 125 
FAD N10    N N N 126 
FAD C10    C N N 127 
FAD "C1'"  C N N 128 
FAD "C2'"  C N S 129 
FAD "O2'"  O N N 130 
FAD "C3'"  C N S 131 
FAD "O3'"  O N N 132 
FAD "C4'"  C N R 133 
FAD "O4'"  O N N 134 
FAD "C5'"  C N N 135 
FAD "O5'"  O N N 136 
FAD P      P N R 137 
FAD O1P    O N N 138 
FAD O2P    O N N 139 
FAD O3P    O N N 140 
FAD HOA2   H N N 141 
FAD H51A   H N N 142 
FAD H52A   H N N 143 
FAD H4B    H N N 144 
FAD H3B    H N N 145 
FAD HO3A   H N N 146 
FAD H2B    H N N 147 
FAD HO2A   H N N 148 
FAD H1B    H N N 149 
FAD H8A    H N N 150 
FAD H61A   H N N 151 
FAD H62A   H N N 152 
FAD H2A    H N N 153 
FAD HN3    H N N 154 
FAD H6     H N N 155 
FAD HM71   H N N 156 
FAD HM72   H N N 157 
FAD HM73   H N N 158 
FAD HM81   H N N 159 
FAD HM82   H N N 160 
FAD HM83   H N N 161 
FAD H9     H N N 162 
FAD "H1'1" H N N 163 
FAD "H1'2" H N N 164 
FAD "H2'"  H N N 165 
FAD "HO2'" H N N 166 
FAD "H3'"  H N N 167 
FAD "HO3'" H N N 168 
FAD "H4'"  H N N 169 
FAD "HO4'" H N N 170 
FAD "H5'1" H N N 171 
FAD "H5'2" H N N 172 
FAD HOP2   H N N 173 
GLN N      N N N 174 
GLN CA     C N S 175 
GLN C      C N N 176 
GLN O      O N N 177 
GLN CB     C N N 178 
GLN CG     C N N 179 
GLN CD     C N N 180 
GLN OE1    O N N 181 
GLN NE2    N N N 182 
GLN OXT    O N N 183 
GLN H      H N N 184 
GLN H2     H N N 185 
GLN HA     H N N 186 
GLN HB2    H N N 187 
GLN HB3    H N N 188 
GLN HG2    H N N 189 
GLN HG3    H N N 190 
GLN HE21   H N N 191 
GLN HE22   H N N 192 
GLN HXT    H N N 193 
GLU N      N N N 194 
GLU CA     C N S 195 
GLU C      C N N 196 
GLU O      O N N 197 
GLU CB     C N N 198 
GLU CG     C N N 199 
GLU CD     C N N 200 
GLU OE1    O N N 201 
GLU OE2    O N N 202 
GLU OXT    O N N 203 
GLU H      H N N 204 
GLU H2     H N N 205 
GLU HA     H N N 206 
GLU HB2    H N N 207 
GLU HB3    H N N 208 
GLU HG2    H N N 209 
GLU HG3    H N N 210 
GLU HE2    H N N 211 
GLU HXT    H N N 212 
GLY N      N N N 213 
GLY CA     C N N 214 
GLY C      C N N 215 
GLY O      O N N 216 
GLY OXT    O N N 217 
GLY H      H N N 218 
GLY H2     H N N 219 
GLY HA2    H N N 220 
GLY HA3    H N N 221 
GLY HXT    H N N 222 
HIS N      N N N 223 
HIS CA     C N S 224 
HIS C      C N N 225 
HIS O      O N N 226 
HIS CB     C N N 227 
HIS CG     C Y N 228 
HIS ND1    N Y N 229 
HIS CD2    C Y N 230 
HIS CE1    C Y N 231 
HIS NE2    N Y N 232 
HIS OXT    O N N 233 
HIS H      H N N 234 
HIS H2     H N N 235 
HIS HA     H N N 236 
HIS HB2    H N N 237 
HIS HB3    H N N 238 
HIS HD1    H N N 239 
HIS HD2    H N N 240 
HIS HE1    H N N 241 
HIS HE2    H N N 242 
HIS HXT    H N N 243 
HOH O      O N N 244 
HOH H1     H N N 245 
HOH H2     H N N 246 
ILE N      N N N 247 
ILE CA     C N S 248 
ILE C      C N N 249 
ILE O      O N N 250 
ILE CB     C N S 251 
ILE CG1    C N N 252 
ILE CG2    C N N 253 
ILE CD1    C N N 254 
ILE OXT    O N N 255 
ILE H      H N N 256 
ILE H2     H N N 257 
ILE HA     H N N 258 
ILE HB     H N N 259 
ILE HG12   H N N 260 
ILE HG13   H N N 261 
ILE HG21   H N N 262 
ILE HG22   H N N 263 
ILE HG23   H N N 264 
ILE HD11   H N N 265 
ILE HD12   H N N 266 
ILE HD13   H N N 267 
ILE HXT    H N N 268 
LEU N      N N N 269 
LEU CA     C N S 270 
LEU C      C N N 271 
LEU O      O N N 272 
LEU CB     C N N 273 
LEU CG     C N N 274 
LEU CD1    C N N 275 
LEU CD2    C N N 276 
LEU OXT    O N N 277 
LEU H      H N N 278 
LEU H2     H N N 279 
LEU HA     H N N 280 
LEU HB2    H N N 281 
LEU HB3    H N N 282 
LEU HG     H N N 283 
LEU HD11   H N N 284 
LEU HD12   H N N 285 
LEU HD13   H N N 286 
LEU HD21   H N N 287 
LEU HD22   H N N 288 
LEU HD23   H N N 289 
LEU HXT    H N N 290 
LYS N      N N N 291 
LYS CA     C N S 292 
LYS C      C N N 293 
LYS O      O N N 294 
LYS CB     C N N 295 
LYS CG     C N N 296 
LYS CD     C N N 297 
LYS CE     C N N 298 
LYS NZ     N N N 299 
LYS OXT    O N N 300 
LYS H      H N N 301 
LYS H2     H N N 302 
LYS HA     H N N 303 
LYS HB2    H N N 304 
LYS HB3    H N N 305 
LYS HG2    H N N 306 
LYS HG3    H N N 307 
LYS HD2    H N N 308 
LYS HD3    H N N 309 
LYS HE2    H N N 310 
LYS HE3    H N N 311 
LYS HZ1    H N N 312 
LYS HZ2    H N N 313 
LYS HZ3    H N N 314 
LYS HXT    H N N 315 
MET N      N N N 316 
MET CA     C N S 317 
MET C      C N N 318 
MET O      O N N 319 
MET CB     C N N 320 
MET CG     C N N 321 
MET SD     S N N 322 
MET CE     C N N 323 
MET OXT    O N N 324 
MET H      H N N 325 
MET H2     H N N 326 
MET HA     H N N 327 
MET HB2    H N N 328 
MET HB3    H N N 329 
MET HG2    H N N 330 
MET HG3    H N N 331 
MET HE1    H N N 332 
MET HE2    H N N 333 
MET HE3    H N N 334 
MET HXT    H N N 335 
PHE N      N N N 336 
PHE CA     C N S 337 
PHE C      C N N 338 
PHE O      O N N 339 
PHE CB     C N N 340 
PHE CG     C Y N 341 
PHE CD1    C Y N 342 
PHE CD2    C Y N 343 
PHE CE1    C Y N 344 
PHE CE2    C Y N 345 
PHE CZ     C Y N 346 
PHE OXT    O N N 347 
PHE H      H N N 348 
PHE H2     H N N 349 
PHE HA     H N N 350 
PHE HB2    H N N 351 
PHE HB3    H N N 352 
PHE HD1    H N N 353 
PHE HD2    H N N 354 
PHE HE1    H N N 355 
PHE HE2    H N N 356 
PHE HZ     H N N 357 
PHE HXT    H N N 358 
PRO N      N N N 359 
PRO CA     C N S 360 
PRO C      C N N 361 
PRO O      O N N 362 
PRO CB     C N N 363 
PRO CG     C N N 364 
PRO CD     C N N 365 
PRO OXT    O N N 366 
PRO H      H N N 367 
PRO HA     H N N 368 
PRO HB2    H N N 369 
PRO HB3    H N N 370 
PRO HG2    H N N 371 
PRO HG3    H N N 372 
PRO HD2    H N N 373 
PRO HD3    H N N 374 
PRO HXT    H N N 375 
SER N      N N N 376 
SER CA     C N S 377 
SER C      C N N 378 
SER O      O N N 379 
SER CB     C N N 380 
SER OG     O N N 381 
SER OXT    O N N 382 
SER H      H N N 383 
SER H2     H N N 384 
SER HA     H N N 385 
SER HB2    H N N 386 
SER HB3    H N N 387 
SER HG     H N N 388 
SER HXT    H N N 389 
THR N      N N N 390 
THR CA     C N S 391 
THR C      C N N 392 
THR O      O N N 393 
THR CB     C N R 394 
THR OG1    O N N 395 
THR CG2    C N N 396 
THR OXT    O N N 397 
THR H      H N N 398 
THR H2     H N N 399 
THR HA     H N N 400 
THR HB     H N N 401 
THR HG1    H N N 402 
THR HG21   H N N 403 
THR HG22   H N N 404 
THR HG23   H N N 405 
THR HXT    H N N 406 
TRP N      N N N 407 
TRP CA     C N S 408 
TRP C      C N N 409 
TRP O      O N N 410 
TRP CB     C N N 411 
TRP CG     C Y N 412 
TRP CD1    C Y N 413 
TRP CD2    C Y N 414 
TRP NE1    N Y N 415 
TRP CE2    C Y N 416 
TRP CE3    C Y N 417 
TRP CZ2    C Y N 418 
TRP CZ3    C Y N 419 
TRP CH2    C Y N 420 
TRP OXT    O N N 421 
TRP H      H N N 422 
TRP H2     H N N 423 
TRP HA     H N N 424 
TRP HB2    H N N 425 
TRP HB3    H N N 426 
TRP HD1    H N N 427 
TRP HE1    H N N 428 
TRP HE3    H N N 429 
TRP HZ2    H N N 430 
TRP HZ3    H N N 431 
TRP HH2    H N N 432 
TRP HXT    H N N 433 
TYR N      N N N 434 
TYR CA     C N S 435 
TYR C      C N N 436 
TYR O      O N N 437 
TYR CB     C N N 438 
TYR CG     C Y N 439 
TYR CD1    C Y N 440 
TYR CD2    C Y N 441 
TYR CE1    C Y N 442 
TYR CE2    C Y N 443 
TYR CZ     C Y N 444 
TYR OH     O N N 445 
TYR OXT    O N N 446 
TYR H      H N N 447 
TYR H2     H N N 448 
TYR HA     H N N 449 
TYR HB2    H N N 450 
TYR HB3    H N N 451 
TYR HD1    H N N 452 
TYR HD2    H N N 453 
TYR HE1    H N N 454 
TYR HE2    H N N 455 
TYR HH     H N N 456 
TYR HXT    H N N 457 
VAL N      N N N 458 
VAL CA     C N S 459 
VAL C      C N N 460 
VAL O      O N N 461 
VAL CB     C N N 462 
VAL CG1    C N N 463 
VAL CG2    C N N 464 
VAL OXT    O N N 465 
VAL H      H N N 466 
VAL H2     H N N 467 
VAL HA     H N N 468 
VAL HB     H N N 469 
VAL HG11   H N N 470 
VAL HG12   H N N 471 
VAL HG13   H N N 472 
VAL HG21   H N N 473 
VAL HG22   H N N 474 
VAL HG23   H N N 475 
VAL HXT    H N N 476 
# 
loop_
_chem_comp_bond.comp_id 
_chem_comp_bond.atom_id_1 
_chem_comp_bond.atom_id_2 
_chem_comp_bond.value_order 
_chem_comp_bond.pdbx_aromatic_flag 
_chem_comp_bond.pdbx_stereo_config 
_chem_comp_bond.pdbx_ordinal 
ALA N     CA     sing N N 1   
ALA N     H      sing N N 2   
ALA N     H2     sing N N 3   
ALA CA    C      sing N N 4   
ALA CA    CB     sing N N 5   
ALA CA    HA     sing N N 6   
ALA C     O      doub N N 7   
ALA C     OXT    sing N N 8   
ALA CB    HB1    sing N N 9   
ALA CB    HB2    sing N N 10  
ALA CB    HB3    sing N N 11  
ALA OXT   HXT    sing N N 12  
ARG N     CA     sing N N 13  
ARG N     H      sing N N 14  
ARG N     H2     sing N N 15  
ARG CA    C      sing N N 16  
ARG CA    CB     sing N N 17  
ARG CA    HA     sing N N 18  
ARG C     O      doub N N 19  
ARG C     OXT    sing N N 20  
ARG CB    CG     sing N N 21  
ARG CB    HB2    sing N N 22  
ARG CB    HB3    sing N N 23  
ARG CG    CD     sing N N 24  
ARG CG    HG2    sing N N 25  
ARG CG    HG3    sing N N 26  
ARG CD    NE     sing N N 27  
ARG CD    HD2    sing N N 28  
ARG CD    HD3    sing N N 29  
ARG NE    CZ     sing N N 30  
ARG NE    HE     sing N N 31  
ARG CZ    NH1    sing N N 32  
ARG CZ    NH2    doub N N 33  
ARG NH1   HH11   sing N N 34  
ARG NH1   HH12   sing N N 35  
ARG NH2   HH21   sing N N 36  
ARG NH2   HH22   sing N N 37  
ARG OXT   HXT    sing N N 38  
ASN N     CA     sing N N 39  
ASN N     H      sing N N 40  
ASN N     H2     sing N N 41  
ASN CA    C      sing N N 42  
ASN CA    CB     sing N N 43  
ASN CA    HA     sing N N 44  
ASN C     O      doub N N 45  
ASN C     OXT    sing N N 46  
ASN CB    CG     sing N N 47  
ASN CB    HB2    sing N N 48  
ASN CB    HB3    sing N N 49  
ASN CG    OD1    doub N N 50  
ASN CG    ND2    sing N N 51  
ASN ND2   HD21   sing N N 52  
ASN ND2   HD22   sing N N 53  
ASN OXT   HXT    sing N N 54  
ASP N     CA     sing N N 55  
ASP N     H      sing N N 56  
ASP N     H2     sing N N 57  
ASP CA    C      sing N N 58  
ASP CA    CB     sing N N 59  
ASP CA    HA     sing N N 60  
ASP C     O      doub N N 61  
ASP C     OXT    sing N N 62  
ASP CB    CG     sing N N 63  
ASP CB    HB2    sing N N 64  
ASP CB    HB3    sing N N 65  
ASP CG    OD1    doub N N 66  
ASP CG    OD2    sing N N 67  
ASP OD2   HD2    sing N N 68  
ASP OXT   HXT    sing N N 69  
CYS N     CA     sing N N 70  
CYS N     H      sing N N 71  
CYS N     H2     sing N N 72  
CYS CA    C      sing N N 73  
CYS CA    CB     sing N N 74  
CYS CA    HA     sing N N 75  
CYS C     O      doub N N 76  
CYS C     OXT    sing N N 77  
CYS CB    SG     sing N N 78  
CYS CB    HB2    sing N N 79  
CYS CB    HB3    sing N N 80  
CYS SG    HG     sing N N 81  
CYS OXT   HXT    sing N N 82  
FAD PA    O1A    doub N N 83  
FAD PA    O2A    sing N N 84  
FAD PA    O5B    sing N N 85  
FAD PA    O3P    sing N N 86  
FAD O2A   HOA2   sing N N 87  
FAD O5B   C5B    sing N N 88  
FAD C5B   C4B    sing N N 89  
FAD C5B   H51A   sing N N 90  
FAD C5B   H52A   sing N N 91  
FAD C4B   O4B    sing N N 92  
FAD C4B   C3B    sing N N 93  
FAD C4B   H4B    sing N N 94  
FAD O4B   C1B    sing N N 95  
FAD C3B   O3B    sing N N 96  
FAD C3B   C2B    sing N N 97  
FAD C3B   H3B    sing N N 98  
FAD O3B   HO3A   sing N N 99  
FAD C2B   O2B    sing N N 100 
FAD C2B   C1B    sing N N 101 
FAD C2B   H2B    sing N N 102 
FAD O2B   HO2A   sing N N 103 
FAD C1B   N9A    sing N N 104 
FAD C1B   H1B    sing N N 105 
FAD N9A   C8A    sing Y N 106 
FAD N9A   C4A    sing Y N 107 
FAD C8A   N7A    doub Y N 108 
FAD C8A   H8A    sing N N 109 
FAD N7A   C5A    sing Y N 110 
FAD C5A   C6A    sing Y N 111 
FAD C5A   C4A    doub Y N 112 
FAD C6A   N6A    sing N N 113 
FAD C6A   N1A    doub Y N 114 
FAD N6A   H61A   sing N N 115 
FAD N6A   H62A   sing N N 116 
FAD N1A   C2A    sing Y N 117 
FAD C2A   N3A    doub Y N 118 
FAD C2A   H2A    sing N N 119 
FAD N3A   C4A    sing Y N 120 
FAD N1    C2     sing N N 121 
FAD N1    C10    doub N N 122 
FAD C2    O2     doub N N 123 
FAD C2    N3     sing N N 124 
FAD N3    C4     sing N N 125 
FAD N3    HN3    sing N N 126 
FAD C4    O4     doub N N 127 
FAD C4    C4X    sing N N 128 
FAD C4X   N5     doub N N 129 
FAD C4X   C10    sing N N 130 
FAD N5    C5X    sing N N 131 
FAD C5X   C6     doub Y N 132 
FAD C5X   C9A    sing Y N 133 
FAD C6    C7     sing Y N 134 
FAD C6    H6     sing N N 135 
FAD C7    C7M    sing N N 136 
FAD C7    C8     doub Y N 137 
FAD C7M   HM71   sing N N 138 
FAD C7M   HM72   sing N N 139 
FAD C7M   HM73   sing N N 140 
FAD C8    C8M    sing N N 141 
FAD C8    C9     sing Y N 142 
FAD C8M   HM81   sing N N 143 
FAD C8M   HM82   sing N N 144 
FAD C8M   HM83   sing N N 145 
FAD C9    C9A    doub Y N 146 
FAD C9    H9     sing N N 147 
FAD C9A   N10    sing N N 148 
FAD N10   C10    sing N N 149 
FAD N10   "C1'"  sing N N 150 
FAD "C1'" "C2'"  sing N N 151 
FAD "C1'" "H1'1" sing N N 152 
FAD "C1'" "H1'2" sing N N 153 
FAD "C2'" "O2'"  sing N N 154 
FAD "C2'" "C3'"  sing N N 155 
FAD "C2'" "H2'"  sing N N 156 
FAD "O2'" "HO2'" sing N N 157 
FAD "C3'" "O3'"  sing N N 158 
FAD "C3'" "C4'"  sing N N 159 
FAD "C3'" "H3'"  sing N N 160 
FAD "O3'" "HO3'" sing N N 161 
FAD "C4'" "O4'"  sing N N 162 
FAD "C4'" "C5'"  sing N N 163 
FAD "C4'" "H4'"  sing N N 164 
FAD "O4'" "HO4'" sing N N 165 
FAD "C5'" "O5'"  sing N N 166 
FAD "C5'" "H5'1" sing N N 167 
FAD "C5'" "H5'2" sing N N 168 
FAD "O5'" P      sing N N 169 
FAD P     O1P    doub N N 170 
FAD P     O2P    sing N N 171 
FAD P     O3P    sing N N 172 
FAD O2P   HOP2   sing N N 173 
GLN N     CA     sing N N 174 
GLN N     H      sing N N 175 
GLN N     H2     sing N N 176 
GLN CA    C      sing N N 177 
GLN CA    CB     sing N N 178 
GLN CA    HA     sing N N 179 
GLN C     O      doub N N 180 
GLN C     OXT    sing N N 181 
GLN CB    CG     sing N N 182 
GLN CB    HB2    sing N N 183 
GLN CB    HB3    sing N N 184 
GLN CG    CD     sing N N 185 
GLN CG    HG2    sing N N 186 
GLN CG    HG3    sing N N 187 
GLN CD    OE1    doub N N 188 
GLN CD    NE2    sing N N 189 
GLN NE2   HE21   sing N N 190 
GLN NE2   HE22   sing N N 191 
GLN OXT   HXT    sing N N 192 
GLU N     CA     sing N N 193 
GLU N     H      sing N N 194 
GLU N     H2     sing N N 195 
GLU CA    C      sing N N 196 
GLU CA    CB     sing N N 197 
GLU CA    HA     sing N N 198 
GLU C     O      doub N N 199 
GLU C     OXT    sing N N 200 
GLU CB    CG     sing N N 201 
GLU CB    HB2    sing N N 202 
GLU CB    HB3    sing N N 203 
GLU CG    CD     sing N N 204 
GLU CG    HG2    sing N N 205 
GLU CG    HG3    sing N N 206 
GLU CD    OE1    doub N N 207 
GLU CD    OE2    sing N N 208 
GLU OE2   HE2    sing N N 209 
GLU OXT   HXT    sing N N 210 
GLY N     CA     sing N N 211 
GLY N     H      sing N N 212 
GLY N     H2     sing N N 213 
GLY CA    C      sing N N 214 
GLY CA    HA2    sing N N 215 
GLY CA    HA3    sing N N 216 
GLY C     O      doub N N 217 
GLY C     OXT    sing N N 218 
GLY OXT   HXT    sing N N 219 
HIS N     CA     sing N N 220 
HIS N     H      sing N N 221 
HIS N     H2     sing N N 222 
HIS CA    C      sing N N 223 
HIS CA    CB     sing N N 224 
HIS CA    HA     sing N N 225 
HIS C     O      doub N N 226 
HIS C     OXT    sing N N 227 
HIS CB    CG     sing N N 228 
HIS CB    HB2    sing N N 229 
HIS CB    HB3    sing N N 230 
HIS CG    ND1    sing Y N 231 
HIS CG    CD2    doub Y N 232 
HIS ND1   CE1    doub Y N 233 
HIS ND1   HD1    sing N N 234 
HIS CD2   NE2    sing Y N 235 
HIS CD2   HD2    sing N N 236 
HIS CE1   NE2    sing Y N 237 
HIS CE1   HE1    sing N N 238 
HIS NE2   HE2    sing N N 239 
HIS OXT   HXT    sing N N 240 
HOH O     H1     sing N N 241 
HOH O     H2     sing N N 242 
ILE N     CA     sing N N 243 
ILE N     H      sing N N 244 
ILE N     H2     sing N N 245 
ILE CA    C      sing N N 246 
ILE CA    CB     sing N N 247 
ILE CA    HA     sing N N 248 
ILE C     O      doub N N 249 
ILE C     OXT    sing N N 250 
ILE CB    CG1    sing N N 251 
ILE CB    CG2    sing N N 252 
ILE CB    HB     sing N N 253 
ILE CG1   CD1    sing N N 254 
ILE CG1   HG12   sing N N 255 
ILE CG1   HG13   sing N N 256 
ILE CG2   HG21   sing N N 257 
ILE CG2   HG22   sing N N 258 
ILE CG2   HG23   sing N N 259 
ILE CD1   HD11   sing N N 260 
ILE CD1   HD12   sing N N 261 
ILE CD1   HD13   sing N N 262 
ILE OXT   HXT    sing N N 263 
LEU N     CA     sing N N 264 
LEU N     H      sing N N 265 
LEU N     H2     sing N N 266 
LEU CA    C      sing N N 267 
LEU CA    CB     sing N N 268 
LEU CA    HA     sing N N 269 
LEU C     O      doub N N 270 
LEU C     OXT    sing N N 271 
LEU CB    CG     sing N N 272 
LEU CB    HB2    sing N N 273 
LEU CB    HB3    sing N N 274 
LEU CG    CD1    sing N N 275 
LEU CG    CD2    sing N N 276 
LEU CG    HG     sing N N 277 
LEU CD1   HD11   sing N N 278 
LEU CD1   HD12   sing N N 279 
LEU CD1   HD13   sing N N 280 
LEU CD2   HD21   sing N N 281 
LEU CD2   HD22   sing N N 282 
LEU CD2   HD23   sing N N 283 
LEU OXT   HXT    sing N N 284 
LYS N     CA     sing N N 285 
LYS N     H      sing N N 286 
LYS N     H2     sing N N 287 
LYS CA    C      sing N N 288 
LYS CA    CB     sing N N 289 
LYS CA    HA     sing N N 290 
LYS C     O      doub N N 291 
LYS C     OXT    sing N N 292 
LYS CB    CG     sing N N 293 
LYS CB    HB2    sing N N 294 
LYS CB    HB3    sing N N 295 
LYS CG    CD     sing N N 296 
LYS CG    HG2    sing N N 297 
LYS CG    HG3    sing N N 298 
LYS CD    CE     sing N N 299 
LYS CD    HD2    sing N N 300 
LYS CD    HD3    sing N N 301 
LYS CE    NZ     sing N N 302 
LYS CE    HE2    sing N N 303 
LYS CE    HE3    sing N N 304 
LYS NZ    HZ1    sing N N 305 
LYS NZ    HZ2    sing N N 306 
LYS NZ    HZ3    sing N N 307 
LYS OXT   HXT    sing N N 308 
MET N     CA     sing N N 309 
MET N     H      sing N N 310 
MET N     H2     sing N N 311 
MET CA    C      sing N N 312 
MET CA    CB     sing N N 313 
MET CA    HA     sing N N 314 
MET C     O      doub N N 315 
MET C     OXT    sing N N 316 
MET CB    CG     sing N N 317 
MET CB    HB2    sing N N 318 
MET CB    HB3    sing N N 319 
MET CG    SD     sing N N 320 
MET CG    HG2    sing N N 321 
MET CG    HG3    sing N N 322 
MET SD    CE     sing N N 323 
MET CE    HE1    sing N N 324 
MET CE    HE2    sing N N 325 
MET CE    HE3    sing N N 326 
MET OXT   HXT    sing N N 327 
PHE N     CA     sing N N 328 
PHE N     H      sing N N 329 
PHE N     H2     sing N N 330 
PHE CA    C      sing N N 331 
PHE CA    CB     sing N N 332 
PHE CA    HA     sing N N 333 
PHE C     O      doub N N 334 
PHE C     OXT    sing N N 335 
PHE CB    CG     sing N N 336 
PHE CB    HB2    sing N N 337 
PHE CB    HB3    sing N N 338 
PHE CG    CD1    doub Y N 339 
PHE CG    CD2    sing Y N 340 
PHE CD1   CE1    sing Y N 341 
PHE CD1   HD1    sing N N 342 
PHE CD2   CE2    doub Y N 343 
PHE CD2   HD2    sing N N 344 
PHE CE1   CZ     doub Y N 345 
PHE CE1   HE1    sing N N 346 
PHE CE2   CZ     sing Y N 347 
PHE CE2   HE2    sing N N 348 
PHE CZ    HZ     sing N N 349 
PHE OXT   HXT    sing N N 350 
PRO N     CA     sing N N 351 
PRO N     CD     sing N N 352 
PRO N     H      sing N N 353 
PRO CA    C      sing N N 354 
PRO CA    CB     sing N N 355 
PRO CA    HA     sing N N 356 
PRO C     O      doub N N 357 
PRO C     OXT    sing N N 358 
PRO CB    CG     sing N N 359 
PRO CB    HB2    sing N N 360 
PRO CB    HB3    sing N N 361 
PRO CG    CD     sing N N 362 
PRO CG    HG2    sing N N 363 
PRO CG    HG3    sing N N 364 
PRO CD    HD2    sing N N 365 
PRO CD    HD3    sing N N 366 
PRO OXT   HXT    sing N N 367 
SER N     CA     sing N N 368 
SER N     H      sing N N 369 
SER N     H2     sing N N 370 
SER CA    C      sing N N 371 
SER CA    CB     sing N N 372 
SER CA    HA     sing N N 373 
SER C     O      doub N N 374 
SER C     OXT    sing N N 375 
SER CB    OG     sing N N 376 
SER CB    HB2    sing N N 377 
SER CB    HB3    sing N N 378 
SER OG    HG     sing N N 379 
SER OXT   HXT    sing N N 380 
THR N     CA     sing N N 381 
THR N     H      sing N N 382 
THR N     H2     sing N N 383 
THR CA    C      sing N N 384 
THR CA    CB     sing N N 385 
THR CA    HA     sing N N 386 
THR C     O      doub N N 387 
THR C     OXT    sing N N 388 
THR CB    OG1    sing N N 389 
THR CB    CG2    sing N N 390 
THR CB    HB     sing N N 391 
THR OG1   HG1    sing N N 392 
THR CG2   HG21   sing N N 393 
THR CG2   HG22   sing N N 394 
THR CG2   HG23   sing N N 395 
THR OXT   HXT    sing N N 396 
TRP N     CA     sing N N 397 
TRP N     H      sing N N 398 
TRP N     H2     sing N N 399 
TRP CA    C      sing N N 400 
TRP CA    CB     sing N N 401 
TRP CA    HA     sing N N 402 
TRP C     O      doub N N 403 
TRP C     OXT    sing N N 404 
TRP CB    CG     sing N N 405 
TRP CB    HB2    sing N N 406 
TRP CB    HB3    sing N N 407 
TRP CG    CD1    doub Y N 408 
TRP CG    CD2    sing Y N 409 
TRP CD1   NE1    sing Y N 410 
TRP CD1   HD1    sing N N 411 
TRP CD2   CE2    doub Y N 412 
TRP CD2   CE3    sing Y N 413 
TRP NE1   CE2    sing Y N 414 
TRP NE1   HE1    sing N N 415 
TRP CE2   CZ2    sing Y N 416 
TRP CE3   CZ3    doub Y N 417 
TRP CE3   HE3    sing N N 418 
TRP CZ2   CH2    doub Y N 419 
TRP CZ2   HZ2    sing N N 420 
TRP CZ3   CH2    sing Y N 421 
TRP CZ3   HZ3    sing N N 422 
TRP CH2   HH2    sing N N 423 
TRP OXT   HXT    sing N N 424 
TYR N     CA     sing N N 425 
TYR N     H      sing N N 426 
TYR N     H2     sing N N 427 
TYR CA    C      sing N N 428 
TYR CA    CB     sing N N 429 
TYR CA    HA     sing N N 430 
TYR C     O      doub N N 431 
TYR C     OXT    sing N N 432 
TYR CB    CG     sing N N 433 
TYR CB    HB2    sing N N 434 
TYR CB    HB3    sing N N 435 
TYR CG    CD1    doub Y N 436 
TYR CG    CD2    sing Y N 437 
TYR CD1   CE1    sing Y N 438 
TYR CD1   HD1    sing N N 439 
TYR CD2   CE2    doub Y N 440 
TYR CD2   HD2    sing N N 441 
TYR CE1   CZ     doub Y N 442 
TYR CE1   HE1    sing N N 443 
TYR CE2   CZ     sing Y N 444 
TYR CE2   HE2    sing N N 445 
TYR CZ    OH     sing N N 446 
TYR OH    HH     sing N N 447 
TYR OXT   HXT    sing N N 448 
VAL N     CA     sing N N 449 
VAL N     H      sing N N 450 
VAL N     H2     sing N N 451 
VAL CA    C      sing N N 452 
VAL CA    CB     sing N N 453 
VAL CA    HA     sing N N 454 
VAL C     O      doub N N 455 
VAL C     OXT    sing N N 456 
VAL CB    CG1    sing N N 457 
VAL CB    CG2    sing N N 458 
VAL CB    HB     sing N N 459 
VAL CG1   HG11   sing N N 460 
VAL CG1   HG12   sing N N 461 
VAL CG1   HG13   sing N N 462 
VAL CG2   HG21   sing N N 463 
VAL CG2   HG22   sing N N 464 
VAL CG2   HG23   sing N N 465 
VAL OXT   HXT    sing N N 466 
# 
loop_
_pdbx_entity_nonpoly.entity_id 
_pdbx_entity_nonpoly.name 
_pdbx_entity_nonpoly.comp_id 
2 'FLAVIN-ADENINE DINUCLEOTIDE' FAD 
3 water                         HOH 
# 
_pdbx_initial_refinement_model.id               1 
_pdbx_initial_refinement_model.entity_id_list   ? 
_pdbx_initial_refinement_model.type             'experimental model' 
_pdbx_initial_refinement_model.source_name      PDB 
_pdbx_initial_refinement_model.accession_code   1G5Q 
_pdbx_initial_refinement_model.details          'PDB entry 1G5Q' 
# 
